data_2O5B
# 
_entry.id   2O5B 
# 
_audit_conform.dict_name       mmcif_pdbx.dic 
_audit_conform.dict_version    5.383 
_audit_conform.dict_location   http://mmcif.pdb.org/dictionaries/ascii/mmcif_pdbx.dic 
# 
loop_
_database_2.database_id 
_database_2.database_code 
_database_2.pdbx_database_accession 
_database_2.pdbx_DOI 
PDB   2O5B         pdb_00002o5b 10.2210/pdb2o5b/pdb 
RCSB  RCSB040705   ?            ?                   
WWPDB D_1000040705 ?            ?                   
# 
loop_
_pdbx_audit_revision_history.ordinal 
_pdbx_audit_revision_history.data_content_type 
_pdbx_audit_revision_history.major_revision 
_pdbx_audit_revision_history.minor_revision 
_pdbx_audit_revision_history.revision_date 
1 'Structure model' 1 0 2007-10-16 
2 'Structure model' 1 1 2011-07-13 
3 'Structure model' 1 2 2023-12-27 
# 
_pdbx_audit_revision_details.ordinal             1 
_pdbx_audit_revision_details.revision_ordinal    1 
_pdbx_audit_revision_details.data_content_type   'Structure model' 
_pdbx_audit_revision_details.provider            repository 
_pdbx_audit_revision_details.type                'Initial release' 
_pdbx_audit_revision_details.description         ? 
_pdbx_audit_revision_details.details             ? 
# 
loop_
_pdbx_audit_revision_group.ordinal 
_pdbx_audit_revision_group.revision_ordinal 
_pdbx_audit_revision_group.data_content_type 
_pdbx_audit_revision_group.group 
1 2 'Structure model' 'Version format compliance' 
2 3 'Structure model' 'Data collection'           
3 3 'Structure model' 'Database references'       
4 3 'Structure model' 'Derived calculations'      
# 
loop_
_pdbx_audit_revision_category.ordinal 
_pdbx_audit_revision_category.revision_ordinal 
_pdbx_audit_revision_category.data_content_type 
_pdbx_audit_revision_category.category 
1 3 'Structure model' chem_comp_atom 
2 3 'Structure model' chem_comp_bond 
3 3 'Structure model' database_2     
4 3 'Structure model' struct_site    
# 
loop_
_pdbx_audit_revision_item.ordinal 
_pdbx_audit_revision_item.revision_ordinal 
_pdbx_audit_revision_item.data_content_type 
_pdbx_audit_revision_item.item 
1 3 'Structure model' '_database_2.pdbx_DOI'                
2 3 'Structure model' '_database_2.pdbx_database_accession' 
3 3 'Structure model' '_struct_site.pdbx_auth_asym_id'      
4 3 'Structure model' '_struct_site.pdbx_auth_comp_id'      
5 3 'Structure model' '_struct_site.pdbx_auth_seq_id'       
# 
_pdbx_database_status.entry_id                        2O5B 
_pdbx_database_status.deposit_site                    RCSB 
_pdbx_database_status.process_site                    RCSB 
_pdbx_database_status.recvd_initial_deposition_date   2006-12-05 
_pdbx_database_status.status_code                     REL 
_pdbx_database_status.status_code_sf                  REL 
_pdbx_database_status.status_code_mr                  ? 
_pdbx_database_status.SG_entry                        ? 
_pdbx_database_status.status_code_cs                  ? 
_pdbx_database_status.pdb_format_compatible           Y 
_pdbx_database_status.status_code_nmr_data            ? 
_pdbx_database_status.methods_development_category    ? 
# 
loop_
_pdbx_database_related.db_name 
_pdbx_database_related.db_id 
_pdbx_database_related.details 
_pdbx_database_related.content_type 
PDB 1MMB 'Complex of BB94 with the catalytic domain of matrix metalloproteinase-8' unspecified 
PDB 2O58 'Horse heart met manganese myoglobin'                                     unspecified 
PDB 2O5L 'Manganese horse heart myoglobin, methanol modified'                      unspecified 
PDB 2O5M 'Manganese horse heart myoglobin, azide modified'                         unspecified 
PDB 2O5O 'Manganese horse heart myoglobin, nitrite modified'                       unspecified 
PDB 2O5Q 'Manganese horse heart myoglobin, nitric oxide modified'                  unspecified 
PDB 2O5S 'Cobalt horse heart myoglobin, nitrite modified'                          unspecified 
PDB 2O5T 'Cobalt horse heart myoglobin, oxidized'                                  unspecified 
# 
loop_
_audit_author.name 
_audit_author.pdbx_ordinal 
'Richter-Addo, G.B.' 1 
'Zahran, Z.N.'       2 
'Chooback, L.'       3 
'Copeland, D.M.'     4 
'West, A.H.'         5 
# 
_citation.id                        primary 
_citation.title                     
;Crystal structures of manganese- and cobalt-substituted myoglobin in complex with NO and nitrite reveal unusual ligand conformations.
;
_citation.journal_abbrev            J.Inorg.Biochem. 
_citation.journal_volume            102 
_citation.page_first                216 
_citation.page_last                 233 
_citation.year                      2008 
_citation.journal_id_ASTM           JIBIDJ 
_citation.country                   US 
_citation.journal_id_ISSN           0162-0134 
_citation.journal_id_CSD            0525 
_citation.book_publisher            ? 
_citation.pdbx_database_id_PubMed   17905436 
_citation.pdbx_database_id_DOI      10.1016/j.jinorgbio.2007.08.002 
# 
loop_
_citation_author.citation_id 
_citation_author.name 
_citation_author.ordinal 
_citation_author.identifier_ORCID 
primary 'Zahran, Z.N.'       1 ? 
primary 'Chooback, L.'       2 ? 
primary 'Copeland, D.M.'     3 ? 
primary 'West, A.H.'         4 ? 
primary 'Richter-Addo, G.B.' 5 ? 
# 
loop_
_entity.id 
_entity.type 
_entity.src_method 
_entity.pdbx_description 
_entity.formula_weight 
_entity.pdbx_number_of_molecules 
_entity.pdbx_ec 
_entity.pdbx_mutation 
_entity.pdbx_fragment 
_entity.details 
1 polymer     nat Myoglobin                     16983.514 1  ? ? ? ? 
2 non-polymer syn 'SULFATE ION'                 96.063    3  ? ? ? ? 
3 non-polymer syn 'MANGANESE PROTOPORPHYRIN IX' 615.580   1  ? ? ? ? 
4 water       nat water                         18.015    81 ? ? ? ? 
# 
_entity_poly.entity_id                      1 
_entity_poly.type                           'polypeptide(L)' 
_entity_poly.nstd_linkage                   no 
_entity_poly.nstd_monomer                   no 
_entity_poly.pdbx_seq_one_letter_code       
;GLSDGEWQQVLNVWGKVEADIAGHGQEVLIRLFTGHPETLEKFDKFKHLKTEAEMKASEDLKKHGTVVLTALGGILKKKG
HHEAELKPLAQSHATKHKIPIKYLEFISDAIIHVLHSKHPGDFGADAQGAMTKALELFRNDIAAKYKELGFQG
;
_entity_poly.pdbx_seq_one_letter_code_can   
;GLSDGEWQQVLNVWGKVEADIAGHGQEVLIRLFTGHPETLEKFDKFKHLKTEAEMKASEDLKKHGTVVLTALGGILKKKG
HHEAELKPLAQSHATKHKIPIKYLEFISDAIIHVLHSKHPGDFGADAQGAMTKALELFRNDIAAKYKELGFQG
;
_entity_poly.pdbx_strand_id                 X 
_entity_poly.pdbx_target_identifier         ? 
# 
loop_
_pdbx_entity_nonpoly.entity_id 
_pdbx_entity_nonpoly.name 
_pdbx_entity_nonpoly.comp_id 
2 'SULFATE ION'                 SO4 
3 'MANGANESE PROTOPORPHYRIN IX' MNH 
4 water                         HOH 
# 
loop_
_entity_poly_seq.entity_id 
_entity_poly_seq.num 
_entity_poly_seq.mon_id 
_entity_poly_seq.hetero 
1 1   GLY n 
1 2   LEU n 
1 3   SER n 
1 4   ASP n 
1 5   GLY n 
1 6   GLU n 
1 7   TRP n 
1 8   GLN n 
1 9   GLN n 
1 10  VAL n 
1 11  LEU n 
1 12  ASN n 
1 13  VAL n 
1 14  TRP n 
1 15  GLY n 
1 16  LYS n 
1 17  VAL n 
1 18  GLU n 
1 19  ALA n 
1 20  ASP n 
1 21  ILE n 
1 22  ALA n 
1 23  GLY n 
1 24  HIS n 
1 25  GLY n 
1 26  GLN n 
1 27  GLU n 
1 28  VAL n 
1 29  LEU n 
1 30  ILE n 
1 31  ARG n 
1 32  LEU n 
1 33  PHE n 
1 34  THR n 
1 35  GLY n 
1 36  HIS n 
1 37  PRO n 
1 38  GLU n 
1 39  THR n 
1 40  LEU n 
1 41  GLU n 
1 42  LYS n 
1 43  PHE n 
1 44  ASP n 
1 45  LYS n 
1 46  PHE n 
1 47  LYS n 
1 48  HIS n 
1 49  LEU n 
1 50  LYS n 
1 51  THR n 
1 52  GLU n 
1 53  ALA n 
1 54  GLU n 
1 55  MET n 
1 56  LYS n 
1 57  ALA n 
1 58  SER n 
1 59  GLU n 
1 60  ASP n 
1 61  LEU n 
1 62  LYS n 
1 63  LYS n 
1 64  HIS n 
1 65  GLY n 
1 66  THR n 
1 67  VAL n 
1 68  VAL n 
1 69  LEU n 
1 70  THR n 
1 71  ALA n 
1 72  LEU n 
1 73  GLY n 
1 74  GLY n 
1 75  ILE n 
1 76  LEU n 
1 77  LYS n 
1 78  LYS n 
1 79  LYS n 
1 80  GLY n 
1 81  HIS n 
1 82  HIS n 
1 83  GLU n 
1 84  ALA n 
1 85  GLU n 
1 86  LEU n 
1 87  LYS n 
1 88  PRO n 
1 89  LEU n 
1 90  ALA n 
1 91  GLN n 
1 92  SER n 
1 93  HIS n 
1 94  ALA n 
1 95  THR n 
1 96  LYS n 
1 97  HIS n 
1 98  LYS n 
1 99  ILE n 
1 100 PRO n 
1 101 ILE n 
1 102 LYS n 
1 103 TYR n 
1 104 LEU n 
1 105 GLU n 
1 106 PHE n 
1 107 ILE n 
1 108 SER n 
1 109 ASP n 
1 110 ALA n 
1 111 ILE n 
1 112 ILE n 
1 113 HIS n 
1 114 VAL n 
1 115 LEU n 
1 116 HIS n 
1 117 SER n 
1 118 LYS n 
1 119 HIS n 
1 120 PRO n 
1 121 GLY n 
1 122 ASP n 
1 123 PHE n 
1 124 GLY n 
1 125 ALA n 
1 126 ASP n 
1 127 ALA n 
1 128 GLN n 
1 129 GLY n 
1 130 ALA n 
1 131 MET n 
1 132 THR n 
1 133 LYS n 
1 134 ALA n 
1 135 LEU n 
1 136 GLU n 
1 137 LEU n 
1 138 PHE n 
1 139 ARG n 
1 140 ASN n 
1 141 ASP n 
1 142 ILE n 
1 143 ALA n 
1 144 ALA n 
1 145 LYS n 
1 146 TYR n 
1 147 LYS n 
1 148 GLU n 
1 149 LEU n 
1 150 GLY n 
1 151 PHE n 
1 152 GLN n 
1 153 GLY n 
# 
_entity_src_nat.entity_id                  1 
_entity_src_nat.pdbx_src_id                1 
_entity_src_nat.pdbx_alt_source_flag       sample 
_entity_src_nat.pdbx_beg_seq_num           ? 
_entity_src_nat.pdbx_end_seq_num           ? 
_entity_src_nat.common_name                horse 
_entity_src_nat.pdbx_organism_scientific   'Equus caballus' 
_entity_src_nat.pdbx_ncbi_taxonomy_id      9796 
_entity_src_nat.genus                      Equus 
_entity_src_nat.species                    ? 
_entity_src_nat.strain                     ? 
_entity_src_nat.tissue                     ? 
_entity_src_nat.tissue_fraction            ? 
_entity_src_nat.pdbx_secretion             ? 
_entity_src_nat.pdbx_fragment              ? 
_entity_src_nat.pdbx_variant               ? 
_entity_src_nat.pdbx_cell_line             ? 
_entity_src_nat.pdbx_atcc                  ? 
_entity_src_nat.pdbx_cellular_location     ? 
_entity_src_nat.pdbx_organ                 Heart 
_entity_src_nat.pdbx_organelle             ? 
_entity_src_nat.pdbx_cell                  ? 
_entity_src_nat.pdbx_plasmid_name          ? 
_entity_src_nat.pdbx_plasmid_details       ? 
_entity_src_nat.details                    ? 
# 
loop_
_chem_comp.id 
_chem_comp.type 
_chem_comp.mon_nstd_flag 
_chem_comp.name 
_chem_comp.pdbx_synonyms 
_chem_comp.formula 
_chem_comp.formula_weight 
ALA 'L-peptide linking' y ALANINE                       ? 'C3 H7 N O2'         89.093  
ARG 'L-peptide linking' y ARGININE                      ? 'C6 H15 N4 O2 1'     175.209 
ASN 'L-peptide linking' y ASPARAGINE                    ? 'C4 H8 N2 O3'        132.118 
ASP 'L-peptide linking' y 'ASPARTIC ACID'               ? 'C4 H7 N O4'         133.103 
GLN 'L-peptide linking' y GLUTAMINE                     ? 'C5 H10 N2 O3'       146.144 
GLU 'L-peptide linking' y 'GLUTAMIC ACID'               ? 'C5 H9 N O4'         147.129 
GLY 'peptide linking'   y GLYCINE                       ? 'C2 H5 N O2'         75.067  
HIS 'L-peptide linking' y HISTIDINE                     ? 'C6 H10 N3 O2 1'     156.162 
HOH non-polymer         . WATER                         ? 'H2 O'               18.015  
ILE 'L-peptide linking' y ISOLEUCINE                    ? 'C6 H13 N O2'        131.173 
LEU 'L-peptide linking' y LEUCINE                       ? 'C6 H13 N O2'        131.173 
LYS 'L-peptide linking' y LYSINE                        ? 'C6 H15 N2 O2 1'     147.195 
MET 'L-peptide linking' y METHIONINE                    ? 'C5 H11 N O2 S'      149.211 
MNH non-polymer         . 'MANGANESE PROTOPORPHYRIN IX' ? 'C34 H32 Mn N4 O4 4' 615.580 
PHE 'L-peptide linking' y PHENYLALANINE                 ? 'C9 H11 N O2'        165.189 
PRO 'L-peptide linking' y PROLINE                       ? 'C5 H9 N O2'         115.130 
SER 'L-peptide linking' y SERINE                        ? 'C3 H7 N O3'         105.093 
SO4 non-polymer         . 'SULFATE ION'                 ? 'O4 S -2'            96.063  
THR 'L-peptide linking' y THREONINE                     ? 'C4 H9 N O3'         119.119 
TRP 'L-peptide linking' y TRYPTOPHAN                    ? 'C11 H12 N2 O2'      204.225 
TYR 'L-peptide linking' y TYROSINE                      ? 'C9 H11 N O3'        181.189 
VAL 'L-peptide linking' y VALINE                        ? 'C5 H11 N O2'        117.146 
# 
loop_
_pdbx_poly_seq_scheme.asym_id 
_pdbx_poly_seq_scheme.entity_id 
_pdbx_poly_seq_scheme.seq_id 
_pdbx_poly_seq_scheme.mon_id 
_pdbx_poly_seq_scheme.ndb_seq_num 
_pdbx_poly_seq_scheme.pdb_seq_num 
_pdbx_poly_seq_scheme.auth_seq_num 
_pdbx_poly_seq_scheme.pdb_mon_id 
_pdbx_poly_seq_scheme.auth_mon_id 
_pdbx_poly_seq_scheme.pdb_strand_id 
_pdbx_poly_seq_scheme.pdb_ins_code 
_pdbx_poly_seq_scheme.hetero 
A 1 1   GLY 1   1   1   GLY GLY X . n 
A 1 2   LEU 2   2   2   LEU LEU X . n 
A 1 3   SER 3   3   3   SER SER X . n 
A 1 4   ASP 4   4   4   ASP ASP X . n 
A 1 5   GLY 5   5   5   GLY GLY X . n 
A 1 6   GLU 6   6   6   GLU GLU X . n 
A 1 7   TRP 7   7   7   TRP TRP X . n 
A 1 8   GLN 8   8   8   GLN GLN X . n 
A 1 9   GLN 9   9   9   GLN GLN X . n 
A 1 10  VAL 10  10  10  VAL VAL X . n 
A 1 11  LEU 11  11  11  LEU LEU X . n 
A 1 12  ASN 12  12  12  ASN ASN X . n 
A 1 13  VAL 13  13  13  VAL VAL X . n 
A 1 14  TRP 14  14  14  TRP TRP X . n 
A 1 15  GLY 15  15  15  GLY GLY X . n 
A 1 16  LYS 16  16  16  LYS LYS X . n 
A 1 17  VAL 17  17  17  VAL VAL X . n 
A 1 18  GLU 18  18  18  GLU GLU X . n 
A 1 19  ALA 19  19  19  ALA ALA X . n 
A 1 20  ASP 20  20  20  ASP ASP X . n 
A 1 21  ILE 21  21  21  ILE ILE X . n 
A 1 22  ALA 22  22  22  ALA ALA X . n 
A 1 23  GLY 23  23  23  GLY GLY X . n 
A 1 24  HIS 24  24  24  HIS HIS X . n 
A 1 25  GLY 25  25  25  GLY GLY X . n 
A 1 26  GLN 26  26  26  GLN GLN X . n 
A 1 27  GLU 27  27  27  GLU GLU X . n 
A 1 28  VAL 28  28  28  VAL VAL X . n 
A 1 29  LEU 29  29  29  LEU LEU X . n 
A 1 30  ILE 30  30  30  ILE ILE X . n 
A 1 31  ARG 31  31  31  ARG ARG X . n 
A 1 32  LEU 32  32  32  LEU LEU X . n 
A 1 33  PHE 33  33  33  PHE PHE X . n 
A 1 34  THR 34  34  34  THR THR X . n 
A 1 35  GLY 35  35  35  GLY GLY X . n 
A 1 36  HIS 36  36  36  HIS HIS X . n 
A 1 37  PRO 37  37  37  PRO PRO X . n 
A 1 38  GLU 38  38  38  GLU GLU X . n 
A 1 39  THR 39  39  39  THR THR X . n 
A 1 40  LEU 40  40  40  LEU LEU X . n 
A 1 41  GLU 41  41  41  GLU GLU X . n 
A 1 42  LYS 42  42  42  LYS LYS X . n 
A 1 43  PHE 43  43  43  PHE PHE X . n 
A 1 44  ASP 44  44  44  ASP ASP X . n 
A 1 45  LYS 45  45  45  LYS LYS X . n 
A 1 46  PHE 46  46  46  PHE PHE X . n 
A 1 47  LYS 47  47  47  LYS LYS X . n 
A 1 48  HIS 48  48  48  HIS HIS X . n 
A 1 49  LEU 49  49  49  LEU LEU X . n 
A 1 50  LYS 50  50  50  LYS LYS X . n 
A 1 51  THR 51  51  51  THR THR X . n 
A 1 52  GLU 52  52  52  GLU GLU X . n 
A 1 53  ALA 53  53  53  ALA ALA X . n 
A 1 54  GLU 54  54  54  GLU GLU X . n 
A 1 55  MET 55  55  55  MET MET X . n 
A 1 56  LYS 56  56  56  LYS LYS X . n 
A 1 57  ALA 57  57  57  ALA ALA X . n 
A 1 58  SER 58  58  58  SER SER X . n 
A 1 59  GLU 59  59  59  GLU GLU X . n 
A 1 60  ASP 60  60  60  ASP ASP X . n 
A 1 61  LEU 61  61  61  LEU LEU X . n 
A 1 62  LYS 62  62  62  LYS LYS X . n 
A 1 63  LYS 63  63  63  LYS LYS X . n 
A 1 64  HIS 64  64  64  HIS HIS X . n 
A 1 65  GLY 65  65  65  GLY GLY X . n 
A 1 66  THR 66  66  66  THR THR X . n 
A 1 67  VAL 67  67  67  VAL VAL X . n 
A 1 68  VAL 68  68  68  VAL VAL X . n 
A 1 69  LEU 69  69  69  LEU LEU X . n 
A 1 70  THR 70  70  70  THR THR X . n 
A 1 71  ALA 71  71  71  ALA ALA X . n 
A 1 72  LEU 72  72  72  LEU LEU X . n 
A 1 73  GLY 73  73  73  GLY GLY X . n 
A 1 74  GLY 74  74  74  GLY GLY X . n 
A 1 75  ILE 75  75  75  ILE ILE X . n 
A 1 76  LEU 76  76  76  LEU LEU X . n 
A 1 77  LYS 77  77  77  LYS LYS X . n 
A 1 78  LYS 78  78  78  LYS LYS X . n 
A 1 79  LYS 79  79  79  LYS LYS X . n 
A 1 80  GLY 80  80  80  GLY GLY X . n 
A 1 81  HIS 81  81  81  HIS HIS X . n 
A 1 82  HIS 82  82  82  HIS HIS X . n 
A 1 83  GLU 83  83  83  GLU GLU X . n 
A 1 84  ALA 84  84  84  ALA ALA X . n 
A 1 85  GLU 85  85  85  GLU GLU X . n 
A 1 86  LEU 86  86  86  LEU LEU X . n 
A 1 87  LYS 87  87  87  LYS LYS X . n 
A 1 88  PRO 88  88  88  PRO PRO X . n 
A 1 89  LEU 89  89  89  LEU LEU X . n 
A 1 90  ALA 90  90  90  ALA ALA X . n 
A 1 91  GLN 91  91  91  GLN GLN X . n 
A 1 92  SER 92  92  92  SER SER X . n 
A 1 93  HIS 93  93  93  HIS HIS X . n 
A 1 94  ALA 94  94  94  ALA ALA X . n 
A 1 95  THR 95  95  95  THR THR X . n 
A 1 96  LYS 96  96  96  LYS LYS X . n 
A 1 97  HIS 97  97  97  HIS HIS X . n 
A 1 98  LYS 98  98  98  LYS LYS X . n 
A 1 99  ILE 99  99  99  ILE ILE X . n 
A 1 100 PRO 100 100 100 PRO PRO X . n 
A 1 101 ILE 101 101 101 ILE ILE X . n 
A 1 102 LYS 102 102 102 LYS LYS X . n 
A 1 103 TYR 103 103 103 TYR TYR X . n 
A 1 104 LEU 104 104 104 LEU LEU X . n 
A 1 105 GLU 105 105 105 GLU GLU X . n 
A 1 106 PHE 106 106 106 PHE PHE X . n 
A 1 107 ILE 107 107 107 ILE ILE X . n 
A 1 108 SER 108 108 108 SER SER X . n 
A 1 109 ASP 109 109 109 ASP ASP X . n 
A 1 110 ALA 110 110 110 ALA ALA X . n 
A 1 111 ILE 111 111 111 ILE ILE X . n 
A 1 112 ILE 112 112 112 ILE ILE X . n 
A 1 113 HIS 113 113 113 HIS HIS X . n 
A 1 114 VAL 114 114 114 VAL VAL X . n 
A 1 115 LEU 115 115 115 LEU LEU X . n 
A 1 116 HIS 116 116 116 HIS HIS X . n 
A 1 117 SER 117 117 117 SER SER X . n 
A 1 118 LYS 118 118 118 LYS LYS X . n 
A 1 119 HIS 119 119 119 HIS HIS X . n 
A 1 120 PRO 120 120 120 PRO PRO X . n 
A 1 121 GLY 121 121 121 GLY GLY X . n 
A 1 122 ASP 122 122 122 ASP ASP X . n 
A 1 123 PHE 123 123 123 PHE PHE X . n 
A 1 124 GLY 124 124 124 GLY GLY X . n 
A 1 125 ALA 125 125 125 ALA ALA X . n 
A 1 126 ASP 126 126 126 ASP ASP X . n 
A 1 127 ALA 127 127 127 ALA ALA X . n 
A 1 128 GLN 128 128 128 GLN GLN X . n 
A 1 129 GLY 129 129 129 GLY GLY X . n 
A 1 130 ALA 130 130 130 ALA ALA X . n 
A 1 131 MET 131 131 131 MET MET X . n 
A 1 132 THR 132 132 132 THR THR X . n 
A 1 133 LYS 133 133 133 LYS LYS X . n 
A 1 134 ALA 134 134 134 ALA ALA X . n 
A 1 135 LEU 135 135 135 LEU LEU X . n 
A 1 136 GLU 136 136 136 GLU GLU X . n 
A 1 137 LEU 137 137 137 LEU LEU X . n 
A 1 138 PHE 138 138 138 PHE PHE X . n 
A 1 139 ARG 139 139 139 ARG ARG X . n 
A 1 140 ASN 140 140 140 ASN ASN X . n 
A 1 141 ASP 141 141 141 ASP ASP X . n 
A 1 142 ILE 142 142 142 ILE ILE X . n 
A 1 143 ALA 143 143 143 ALA ALA X . n 
A 1 144 ALA 144 144 144 ALA ALA X . n 
A 1 145 LYS 145 145 145 LYS LYS X . n 
A 1 146 TYR 146 146 146 TYR TYR X . n 
A 1 147 LYS 147 147 147 LYS LYS X . n 
A 1 148 GLU 148 148 148 GLU GLU X . n 
A 1 149 LEU 149 149 149 LEU LEU X . n 
A 1 150 GLY 150 150 150 GLY GLY X . n 
A 1 151 PHE 151 151 151 PHE PHE X . n 
A 1 152 GLN 152 152 152 GLN GLN X . n 
A 1 153 GLY 153 153 ?   ?   ?   X . n 
# 
loop_
_pdbx_nonpoly_scheme.asym_id 
_pdbx_nonpoly_scheme.entity_id 
_pdbx_nonpoly_scheme.mon_id 
_pdbx_nonpoly_scheme.ndb_seq_num 
_pdbx_nonpoly_scheme.pdb_seq_num 
_pdbx_nonpoly_scheme.auth_seq_num 
_pdbx_nonpoly_scheme.pdb_mon_id 
_pdbx_nonpoly_scheme.auth_mon_id 
_pdbx_nonpoly_scheme.pdb_strand_id 
_pdbx_nonpoly_scheme.pdb_ins_code 
B 2 SO4 1  157 157 SO4 SO4 X . 
C 2 SO4 1  158 158 SO4 SO4 X . 
D 2 SO4 1  159 159 SO4 SO4 X . 
E 3 MNH 1  154 154 MNH MNH X . 
F 4 HOH 1  160 160 HOH HOH X . 
F 4 HOH 2  161 161 HOH HOH X . 
F 4 HOH 3  162 162 HOH HOH X . 
F 4 HOH 4  163 163 HOH HOH X . 
F 4 HOH 5  164 164 HOH HOH X . 
F 4 HOH 6  165 165 HOH HOH X . 
F 4 HOH 7  166 166 HOH HOH X . 
F 4 HOH 8  167 167 HOH HOH X . 
F 4 HOH 9  168 168 HOH HOH X . 
F 4 HOH 10 169 169 HOH HOH X . 
F 4 HOH 11 170 170 HOH HOH X . 
F 4 HOH 12 171 171 HOH HOH X . 
F 4 HOH 13 172 172 HOH HOH X . 
F 4 HOH 14 173 173 HOH HOH X . 
F 4 HOH 15 174 174 HOH HOH X . 
F 4 HOH 16 175 175 HOH HOH X . 
F 4 HOH 17 176 176 HOH HOH X . 
F 4 HOH 18 177 177 HOH HOH X . 
F 4 HOH 19 178 178 HOH HOH X . 
F 4 HOH 20 179 179 HOH HOH X . 
F 4 HOH 21 180 180 HOH HOH X . 
F 4 HOH 22 181 181 HOH HOH X . 
F 4 HOH 23 182 182 HOH HOH X . 
F 4 HOH 24 183 183 HOH HOH X . 
F 4 HOH 25 184 184 HOH HOH X . 
F 4 HOH 26 185 185 HOH HOH X . 
F 4 HOH 27 186 186 HOH HOH X . 
F 4 HOH 28 187 187 HOH HOH X . 
F 4 HOH 29 188 188 HOH HOH X . 
F 4 HOH 30 189 189 HOH HOH X . 
F 4 HOH 31 190 190 HOH HOH X . 
F 4 HOH 32 191 191 HOH HOH X . 
F 4 HOH 33 192 192 HOH HOH X . 
F 4 HOH 34 194 194 HOH HOH X . 
F 4 HOH 35 195 195 HOH HOH X . 
F 4 HOH 36 196 196 HOH HOH X . 
F 4 HOH 37 197 197 HOH HOH X . 
F 4 HOH 38 198 198 HOH HOH X . 
F 4 HOH 39 199 199 HOH HOH X . 
F 4 HOH 40 200 200 HOH HOH X . 
F 4 HOH 41 201 201 HOH HOH X . 
F 4 HOH 42 202 202 HOH HOH X . 
F 4 HOH 43 203 203 HOH HOH X . 
F 4 HOH 44 204 204 HOH HOH X . 
F 4 HOH 45 205 205 HOH HOH X . 
F 4 HOH 46 206 206 HOH HOH X . 
F 4 HOH 47 207 207 HOH HOH X . 
F 4 HOH 48 208 208 HOH HOH X . 
F 4 HOH 49 209 209 HOH HOH X . 
F 4 HOH 50 210 210 HOH HOH X . 
F 4 HOH 51 211 211 HOH HOH X . 
F 4 HOH 52 212 212 HOH HOH X . 
F 4 HOH 53 213 213 HOH HOH X . 
F 4 HOH 54 214 214 HOH HOH X . 
F 4 HOH 55 215 215 HOH HOH X . 
F 4 HOH 56 216 216 HOH HOH X . 
F 4 HOH 57 217 217 HOH HOH X . 
F 4 HOH 58 218 218 HOH HOH X . 
F 4 HOH 59 219 219 HOH HOH X . 
F 4 HOH 60 220 220 HOH HOH X . 
F 4 HOH 61 222 222 HOH HOH X . 
F 4 HOH 62 224 224 HOH HOH X . 
F 4 HOH 63 225 225 HOH HOH X . 
F 4 HOH 64 227 227 HOH HOH X . 
F 4 HOH 65 228 228 HOH HOH X . 
F 4 HOH 66 229 229 HOH HOH X . 
F 4 HOH 67 230 230 HOH HOH X . 
F 4 HOH 68 231 231 HOH HOH X . 
F 4 HOH 69 232 232 HOH HOH X . 
F 4 HOH 70 234 234 HOH HOH X . 
F 4 HOH 71 235 235 HOH HOH X . 
F 4 HOH 72 236 236 HOH HOH X . 
F 4 HOH 73 237 237 HOH HOH X . 
F 4 HOH 74 238 238 HOH HOH X . 
F 4 HOH 75 239 239 HOH HOH X . 
F 4 HOH 76 240 240 HOH HOH X . 
F 4 HOH 77 241 241 HOH HOH X . 
F 4 HOH 78 242 242 HOH HOH X . 
F 4 HOH 79 243 243 HOH HOH X . 
F 4 HOH 80 244 244 HOH HOH X . 
F 4 HOH 81 245 245 HOH HOH X . 
# 
loop_
_software.name 
_software.version 
_software.date 
_software.type 
_software.contact_author 
_software.contact_author_email 
_software.classification 
_software.location 
_software.language 
_software.citation_id 
_software.pdbx_ordinal 
d*TREK       9.2D  'May 21 2004'    package 'Pflugrath, J.W.' jwp@RigakuMSC.com        'data scaling'    
http://www.msc.com/protein/dtrek.html       ?          ? 1 
MOLREP       .     ?                other   'A. Vagin'        alexei@ysbl.york.ac.uk   phasing           
http://www.ccp4.ac.uk/dist/html/molrep.html Fortran_77 ? 2 
REFMAC       .     ?                program 'Murshudov, G.N.' ccp4@dl.ac.uk            refinement        
http://www.ccp4.ac.uk/main.html             Fortran_77 ? 3 
PDB_EXTRACT  2.000 'April. 3, 2006' package PDB               sw-help@rcsb.rutgers.edu 'data extraction' 
http://pdb.rutgers.edu/software/            C++        ? 4 
CrystalClear .     ?                ?       ?                 ?                        'data collection' ? ?          ? 5 
d*TREK       .     ?                ?       ?                 ?                        'data reduction'  ? ?          ? 6 
# 
_cell.entry_id           2O5B 
_cell.length_a           35.207 
_cell.length_b           28.741 
_cell.length_c           64.201 
_cell.angle_alpha        90.00 
_cell.angle_beta         105.45 
_cell.angle_gamma        90.00 
_cell.Z_PDB              2 
_cell.pdbx_unique_axis   ? 
_cell.length_a_esd       ? 
_cell.length_b_esd       ? 
_cell.length_c_esd       ? 
_cell.angle_alpha_esd    ? 
_cell.angle_beta_esd     ? 
_cell.angle_gamma_esd    ? 
# 
_symmetry.entry_id                         2O5B 
_symmetry.space_group_name_H-M             'P 1 21 1' 
_symmetry.pdbx_full_space_group_name_H-M   ? 
_symmetry.cell_setting                     ? 
_symmetry.Int_Tables_number                4 
_symmetry.space_group_name_Hall            ? 
# 
_exptl.entry_id          2O5B 
_exptl.method            'X-RAY DIFFRACTION' 
_exptl.crystals_number   1 
# 
_exptl_crystal.id                    1 
_exptl_crystal.density_meas          ? 
_exptl_crystal.density_Matthews      1.84 
_exptl_crystal.density_percent_sol   33.26 
_exptl_crystal.description           ? 
_exptl_crystal.F_000                 ? 
_exptl_crystal.preparation           ? 
# 
_exptl_crystal_grow.crystal_id      1 
_exptl_crystal_grow.method          'VAPOR DIFFUSION, HANGING DROP' 
_exptl_crystal_grow.temp            296 
_exptl_crystal_grow.temp_details    'Room temperature' 
_exptl_crystal_grow.pH              7.4 
_exptl_crystal_grow.pdbx_details    'Ammonium sulfate, pH 7.4, VAPOR DIFFUSION, HANGING DROP, temperature 296K' 
_exptl_crystal_grow.pdbx_pH_range   . 
# 
_diffrn.id                     1 
_diffrn.ambient_temp           100 
_diffrn.ambient_temp_details   ? 
_diffrn.crystal_id             1 
# 
_diffrn_detector.diffrn_id              1 
_diffrn_detector.detector               'IMAGE PLATE' 
_diffrn_detector.type                   'RIGAKU RAXIS IV' 
_diffrn_detector.pdbx_collection_date   2005-02-01 
_diffrn_detector.details                ? 
# 
_diffrn_radiation.diffrn_id                        1 
_diffrn_radiation.wavelength_id                    1 
_diffrn_radiation.pdbx_monochromatic_or_laue_m_l   M 
_diffrn_radiation.monochromator                    'Osmic mirror' 
_diffrn_radiation.pdbx_diffrn_protocol             'SINGLE WAVELENGTH' 
_diffrn_radiation.pdbx_scattering_type             x-ray 
# 
_diffrn_radiation_wavelength.id           1 
_diffrn_radiation_wavelength.wavelength   1.54178 
_diffrn_radiation_wavelength.wt           1.0 
# 
_diffrn_source.diffrn_id                   1 
_diffrn_source.source                      'ROTATING ANODE' 
_diffrn_source.type                        'RIGAKU RU300' 
_diffrn_source.pdbx_synchrotron_site       ? 
_diffrn_source.pdbx_synchrotron_beamline   ? 
_diffrn_source.pdbx_wavelength             ? 
_diffrn_source.pdbx_wavelength_list        1.54178 
# 
_reflns.entry_id                     2O5B 
_reflns.observed_criterion_sigma_I   ? 
_reflns.observed_criterion_sigma_F   ? 
_reflns.d_resolution_low             26.890 
_reflns.d_resolution_high            2.000 
_reflns.number_obs                   8510 
_reflns.number_all                   ? 
_reflns.percent_possible_obs         98.700 
_reflns.pdbx_Rmerge_I_obs            0.076 
_reflns.pdbx_Rsym_value              ? 
_reflns.pdbx_netI_over_sigmaI        9.000 
_reflns.B_iso_Wilson_estimate        ? 
_reflns.pdbx_redundancy              2.970 
_reflns.R_free_details               ? 
_reflns.limit_h_max                  ? 
_reflns.limit_h_min                  ? 
_reflns.limit_k_max                  ? 
_reflns.limit_k_min                  ? 
_reflns.limit_l_max                  ? 
_reflns.limit_l_min                  ? 
_reflns.observed_criterion_F_max     ? 
_reflns.observed_criterion_F_min     ? 
_reflns.pdbx_chi_squared             ? 
_reflns.pdbx_scaling_rejects         ? 
_reflns.pdbx_diffrn_id               1 
_reflns.pdbx_ordinal                 1 
# 
loop_
_reflns_shell.d_res_high 
_reflns_shell.d_res_low 
_reflns_shell.percent_possible_all 
_reflns_shell.Rmerge_I_obs 
_reflns_shell.pdbx_Rsym_value 
_reflns_shell.meanI_over_sigI_obs 
_reflns_shell.pdbx_redundancy 
_reflns_shell.percent_possible_obs 
_reflns_shell.number_unique_all 
_reflns_shell.number_measured_all 
_reflns_shell.number_measured_obs 
_reflns_shell.number_unique_obs 
_reflns_shell.pdbx_chi_squared 
_reflns_shell.pdbx_diffrn_id 
_reflns_shell.pdbx_ordinal 
2.00 2.07  96.00 0.318 ? 2.7  2.96 ? ? ? ? ? ? ? 1  
2.07 2.15  99.90 0.305 ? 2.8  2.96 ? ? ? ? ? ? ? 2  
2.15 2.25  97.50 0.274 ? 3.1  2.98 ? ? ? ? ? ? ? 3  
2.25 2.37  99.50 0.22  ? 3.8  2.96 ? ? ? ? ? ? ? 4  
2.37 2.52  99.00 0.188 ? 4.6  2.97 ? ? ? ? ? ? ? 5  
2.52 2.71  99.50 0.144 ? 6.1  2.97 ? ? ? ? ? ? ? 6  
2.71 2.99  99.40 0.108 ? 8.6  2.98 ? ? ? ? ? ? ? 7  
2.99 3.42  99.90 0.075 ? 12.5 2.99 ? ? ? ? ? ? ? 8  
3.42 4.30  99.20 0.056 ? 18.9 2.99 ? ? ? ? ? ? ? 9  
4.30 26.89 97.00 0.04  ? 25.4 2.95 ? ? ? ? ? ? ? 10 
# 
_refine.entry_id                                 2O5B 
_refine.ls_number_reflns_obs                     8500 
_refine.ls_number_reflns_all                     ? 
_refine.pdbx_ls_sigma_I                          ? 
_refine.pdbx_ls_sigma_F                          ? 
_refine.pdbx_data_cutoff_high_absF               ? 
_refine.pdbx_data_cutoff_low_absF                ? 
_refine.pdbx_data_cutoff_high_rms_absF           ? 
_refine.ls_d_res_low                             20.63 
_refine.ls_d_res_high                            2.00 
_refine.ls_percent_reflns_obs                    98.64 
_refine.ls_R_factor_obs                          0.19616 
_refine.ls_R_factor_all                          ? 
_refine.ls_R_factor_R_work                       0.19404 
_refine.ls_R_factor_R_free                       0.23888 
_refine.ls_R_factor_R_free_error                 ? 
_refine.ls_R_factor_R_free_error_details         ? 
_refine.ls_percent_reflns_R_free                 5.0 
_refine.ls_number_reflns_R_free                  425 
_refine.ls_number_parameters                     ? 
_refine.ls_number_restraints                     ? 
_refine.occupancy_min                            ? 
_refine.occupancy_max                            ? 
_refine.correlation_coeff_Fo_to_Fc               0.955 
_refine.correlation_coeff_Fo_to_Fc_free          0.937 
_refine.B_iso_mean                               32.195 
_refine.aniso_B[1][1]                            -0.03 
_refine.aniso_B[2][2]                            -0.02 
_refine.aniso_B[3][3]                            0.06 
_refine.aniso_B[1][2]                            0.00 
_refine.aniso_B[1][3]                            0.02 
_refine.aniso_B[2][3]                            0.00 
_refine.solvent_model_details                    MASK 
_refine.solvent_model_param_ksol                 ? 
_refine.solvent_model_param_bsol                 ? 
_refine.pdbx_solvent_vdw_probe_radii             1.20 
_refine.pdbx_solvent_ion_probe_radii             0.80 
_refine.pdbx_solvent_shrinkage_radii             0.80 
_refine.pdbx_ls_cross_valid_method               THROUGHOUT 
_refine.details                                  'HYDROGENS HAVE BEEN ADDED IN THE RIDING POSITIONS' 
_refine.pdbx_starting_model                      ? 
_refine.pdbx_method_to_determine_struct          'MOLECULAR REPLACEMENT' 
_refine.pdbx_isotropic_thermal_model             ? 
_refine.pdbx_stereochemistry_target_values       'MAXIMUM LIKELIHOOD' 
_refine.pdbx_stereochem_target_val_spec_case     ? 
_refine.pdbx_R_Free_selection_details            RANDOM 
_refine.pdbx_overall_ESU_R                       0.278 
_refine.pdbx_overall_ESU_R_Free                  0.199 
_refine.overall_SU_ML                            0.131 
_refine.overall_SU_B                             4.749 
_refine.ls_redundancy_reflns_obs                 ? 
_refine.B_iso_min                                ? 
_refine.B_iso_max                                ? 
_refine.overall_SU_R_Cruickshank_DPI             ? 
_refine.overall_SU_R_free                        ? 
_refine.ls_wR_factor_R_free                      ? 
_refine.ls_wR_factor_R_work                      ? 
_refine.overall_FOM_free_R_set                   ? 
_refine.overall_FOM_work_R_set                   ? 
_refine.pdbx_refine_id                           'X-RAY DIFFRACTION' 
_refine.pdbx_overall_phase_error                 ? 
_refine.pdbx_diffrn_id                           1 
_refine.pdbx_TLS_residual_ADP_flag               ? 
_refine.pdbx_overall_SU_R_free_Cruickshank_DPI   ? 
_refine.pdbx_overall_SU_R_Blow_DPI               ? 
_refine.pdbx_overall_SU_R_free_Blow_DPI          ? 
# 
_refine_hist.pdbx_refine_id                   'X-RAY DIFFRACTION' 
_refine_hist.cycle_id                         LAST 
_refine_hist.pdbx_number_atoms_protein        1194 
_refine_hist.pdbx_number_atoms_nucleic_acid   0 
_refine_hist.pdbx_number_atoms_ligand         58 
_refine_hist.number_atoms_solvent             81 
_refine_hist.number_atoms_total               1333 
_refine_hist.d_res_high                       2.00 
_refine_hist.d_res_low                        20.63 
# 
loop_
_refine_ls_restr.type 
_refine_ls_restr.dev_ideal 
_refine_ls_restr.dev_ideal_target 
_refine_ls_restr.weight 
_refine_ls_restr.number 
_refine_ls_restr.pdbx_refine_id 
_refine_ls_restr.pdbx_restraint_function 
r_bond_refined_d             0.023  0.021  ? 1283 'X-RAY DIFFRACTION' ? 
r_bond_other_d               ?      ?      ? ?    'X-RAY DIFFRACTION' ? 
r_angle_refined_deg          2.052  1.989  ? 1706 'X-RAY DIFFRACTION' ? 
r_angle_other_deg            ?      ?      ? ?    'X-RAY DIFFRACTION' ? 
r_dihedral_angle_1_deg       7.811  5.000  ? 151  'X-RAY DIFFRACTION' ? 
r_dihedral_angle_2_deg       40.650 25.094 ? 53   'X-RAY DIFFRACTION' ? 
r_dihedral_angle_3_deg       18.746 15.000 ? 229  'X-RAY DIFFRACTION' ? 
r_dihedral_angle_4_deg       29.578 15.000 ? 2    'X-RAY DIFFRACTION' ? 
r_chiral_restr               0.151  0.200  ? 184  'X-RAY DIFFRACTION' ? 
r_gen_planes_refined         0.008  0.020  ? 951  'X-RAY DIFFRACTION' ? 
r_gen_planes_other           ?      ?      ? ?    'X-RAY DIFFRACTION' ? 
r_nbd_refined                0.236  0.200  ? 627  'X-RAY DIFFRACTION' ? 
r_nbd_other                  ?      ?      ? ?    'X-RAY DIFFRACTION' ? 
r_nbtor_refined              0.300  0.200  ? 848  'X-RAY DIFFRACTION' ? 
r_nbtor_other                ?      ?      ? ?    'X-RAY DIFFRACTION' ? 
r_xyhbond_nbd_refined        0.261  0.200  ? 81   'X-RAY DIFFRACTION' ? 
r_xyhbond_nbd_other          ?      ?      ? ?    'X-RAY DIFFRACTION' ? 
r_metal_ion_refined          ?      ?      ? ?    'X-RAY DIFFRACTION' ? 
r_metal_ion_other            ?      ?      ? ?    'X-RAY DIFFRACTION' ? 
r_symmetry_vdw_refined       0.311  0.200  ? 54   'X-RAY DIFFRACTION' ? 
r_symmetry_vdw_other         ?      ?      ? ?    'X-RAY DIFFRACTION' ? 
r_symmetry_hbond_refined     0.272  0.200  ? 14   'X-RAY DIFFRACTION' ? 
r_symmetry_hbond_other       ?      ?      ? ?    'X-RAY DIFFRACTION' ? 
r_symmetry_metal_ion_refined ?      ?      ? ?    'X-RAY DIFFRACTION' ? 
r_symmetry_metal_ion_other   ?      ?      ? ?    'X-RAY DIFFRACTION' ? 
r_mcbond_it                  1.152  1.500  ? 770  'X-RAY DIFFRACTION' ? 
r_mcbond_other               ?      ?      ? ?    'X-RAY DIFFRACTION' ? 
r_mcangle_it                 1.880  2.000  ? 1191 'X-RAY DIFFRACTION' ? 
r_scbond_it                  3.055  3.000  ? 575  'X-RAY DIFFRACTION' ? 
r_scangle_it                 4.400  4.500  ? 515  'X-RAY DIFFRACTION' ? 
r_rigid_bond_restr           ?      ?      ? ?    'X-RAY DIFFRACTION' ? 
r_sphericity_free            ?      ?      ? ?    'X-RAY DIFFRACTION' ? 
r_sphericity_bonded          ?      ?      ? ?    'X-RAY DIFFRACTION' ? 
# 
_refine_ls_shell.pdbx_total_number_of_bins_used   20 
_refine_ls_shell.d_res_high                       2.000 
_refine_ls_shell.d_res_low                        2.052 
_refine_ls_shell.number_reflns_R_work             589 
_refine_ls_shell.R_factor_R_work                  0.240 
_refine_ls_shell.percent_reflns_obs               94.88 
_refine_ls_shell.R_factor_R_free                  0.245 
_refine_ls_shell.R_factor_R_free_error            ? 
_refine_ls_shell.percent_reflns_R_free            ? 
_refine_ls_shell.number_reflns_R_free             23 
_refine_ls_shell.number_reflns_all                ? 
_refine_ls_shell.R_factor_all                     ? 
_refine_ls_shell.redundancy_reflns_obs            ? 
_refine_ls_shell.number_reflns_obs                ? 
_refine_ls_shell.pdbx_refine_id                   'X-RAY DIFFRACTION' 
# 
_struct.entry_id                  2O5B 
_struct.title                     'Manganese horse heart myoglobin, reduced' 
_struct.pdbx_model_details        ? 
_struct.pdbx_CASP_flag            ? 
_struct.pdbx_model_type_details   ? 
# 
_struct_keywords.entry_id        2O5B 
_struct_keywords.pdbx_keywords   'OXYGEN STORAGE/TRANSPORT' 
_struct_keywords.text            
'Horse heart, manganese myoglobin, reduced form, manganese protoporphyrin IX, OXYGEN STORAGE-TRANSPORT COMPLEX' 
# 
loop_
_struct_asym.id 
_struct_asym.pdbx_blank_PDB_chainid_flag 
_struct_asym.pdbx_modified 
_struct_asym.entity_id 
_struct_asym.details 
A N N 1 ? 
B N N 2 ? 
C N N 2 ? 
D N N 2 ? 
E N N 3 ? 
F N N 4 ? 
# 
_struct_ref.id                         1 
_struct_ref.db_name                    UNP 
_struct_ref.db_code                    MYG_HORSE 
_struct_ref.pdbx_db_accession          P68082 
_struct_ref.entity_id                  1 
_struct_ref.pdbx_seq_one_letter_code   
;GLSDGEWQQVLNVWGKVEADIAGHGQEVLIRLFTGHPETLEKFDKFKHLKTEAEMKASEDLKKHGTVVLTALGGILKKKG
HHEAELKPLAQSHATKHKIPIKYLEFISDAIIHVLHSKHPGDFGADAQGAMTKALELFRNDIAAKYKELGFQG
;
_struct_ref.pdbx_align_begin           1 
_struct_ref.pdbx_db_isoform            ? 
# 
_struct_ref_seq.align_id                      1 
_struct_ref_seq.ref_id                        1 
_struct_ref_seq.pdbx_PDB_id_code              2O5B 
_struct_ref_seq.pdbx_strand_id                X 
_struct_ref_seq.seq_align_beg                 1 
_struct_ref_seq.pdbx_seq_align_beg_ins_code   ? 
_struct_ref_seq.seq_align_end                 153 
_struct_ref_seq.pdbx_seq_align_end_ins_code   ? 
_struct_ref_seq.pdbx_db_accession             P68082 
_struct_ref_seq.db_align_beg                  1 
_struct_ref_seq.pdbx_db_align_beg_ins_code    ? 
_struct_ref_seq.db_align_end                  153 
_struct_ref_seq.pdbx_db_align_end_ins_code    ? 
_struct_ref_seq.pdbx_auth_seq_align_beg       1 
_struct_ref_seq.pdbx_auth_seq_align_end       153 
# 
_pdbx_struct_assembly.id                   1 
_pdbx_struct_assembly.details              author_defined_assembly 
_pdbx_struct_assembly.method_details       ? 
_pdbx_struct_assembly.oligomeric_details   monomeric 
_pdbx_struct_assembly.oligomeric_count     1 
# 
_pdbx_struct_assembly_gen.assembly_id       1 
_pdbx_struct_assembly_gen.oper_expression   1 
_pdbx_struct_assembly_gen.asym_id_list      A,B,C,D,E,F 
# 
_pdbx_struct_oper_list.id                   1 
_pdbx_struct_oper_list.type                 'identity operation' 
_pdbx_struct_oper_list.name                 1_555 
_pdbx_struct_oper_list.symmetry_operation   x,y,z 
_pdbx_struct_oper_list.matrix[1][1]         1.0000000000 
_pdbx_struct_oper_list.matrix[1][2]         0.0000000000 
_pdbx_struct_oper_list.matrix[1][3]         0.0000000000 
_pdbx_struct_oper_list.vector[1]            0.0000000000 
_pdbx_struct_oper_list.matrix[2][1]         0.0000000000 
_pdbx_struct_oper_list.matrix[2][2]         1.0000000000 
_pdbx_struct_oper_list.matrix[2][3]         0.0000000000 
_pdbx_struct_oper_list.vector[2]            0.0000000000 
_pdbx_struct_oper_list.matrix[3][1]         0.0000000000 
_pdbx_struct_oper_list.matrix[3][2]         0.0000000000 
_pdbx_struct_oper_list.matrix[3][3]         1.0000000000 
_pdbx_struct_oper_list.vector[3]            0.0000000000 
# 
_struct_biol.id        1 
_struct_biol.details   ? 
# 
loop_
_struct_conf.conf_type_id 
_struct_conf.id 
_struct_conf.pdbx_PDB_helix_id 
_struct_conf.beg_label_comp_id 
_struct_conf.beg_label_asym_id 
_struct_conf.beg_label_seq_id 
_struct_conf.pdbx_beg_PDB_ins_code 
_struct_conf.end_label_comp_id 
_struct_conf.end_label_asym_id 
_struct_conf.end_label_seq_id 
_struct_conf.pdbx_end_PDB_ins_code 
_struct_conf.beg_auth_comp_id 
_struct_conf.beg_auth_asym_id 
_struct_conf.beg_auth_seq_id 
_struct_conf.end_auth_comp_id 
_struct_conf.end_auth_asym_id 
_struct_conf.end_auth_seq_id 
_struct_conf.pdbx_PDB_helix_class 
_struct_conf.details 
_struct_conf.pdbx_PDB_helix_length 
HELX_P HELX_P1 1 SER A 3   ? GLU A 18  ? SER X 3   GLU X 18  1 ? 16 
HELX_P HELX_P2 2 ASP A 20  ? HIS A 36  ? ASP X 20  HIS X 36  1 ? 17 
HELX_P HELX_P3 3 PRO A 37  ? PHE A 43  ? PRO X 37  PHE X 43  5 ? 7  
HELX_P HELX_P4 4 THR A 51  ? SER A 58  ? THR X 51  SER X 58  1 ? 8  
HELX_P HELX_P5 5 SER A 58  ? LYS A 78  ? SER X 58  LYS X 78  1 ? 21 
HELX_P HELX_P6 6 HIS A 82  ? LYS A 96  ? HIS X 82  LYS X 96  1 ? 15 
HELX_P HELX_P7 7 PRO A 100 ? HIS A 119 ? PRO X 100 HIS X 119 1 ? 20 
HELX_P HELX_P8 8 GLY A 124 ? LEU A 149 ? GLY X 124 LEU X 149 1 ? 26 
# 
_struct_conf_type.id          HELX_P 
_struct_conf_type.criteria    ? 
_struct_conf_type.reference   ? 
# 
_struct_conn.id                            metalc1 
_struct_conn.conn_type_id                  metalc 
_struct_conn.pdbx_leaving_atom_flag        ? 
_struct_conn.pdbx_PDB_id                   ? 
_struct_conn.ptnr1_label_asym_id           A 
_struct_conn.ptnr1_label_comp_id           HIS 
_struct_conn.ptnr1_label_seq_id            93 
_struct_conn.ptnr1_label_atom_id           NE2 
_struct_conn.pdbx_ptnr1_label_alt_id       ? 
_struct_conn.pdbx_ptnr1_PDB_ins_code       ? 
_struct_conn.pdbx_ptnr1_standard_comp_id   ? 
_struct_conn.ptnr1_symmetry                1_555 
_struct_conn.ptnr2_label_asym_id           E 
_struct_conn.ptnr2_label_comp_id           MNH 
_struct_conn.ptnr2_label_seq_id            . 
_struct_conn.ptnr2_label_atom_id           MN 
_struct_conn.pdbx_ptnr2_label_alt_id       ? 
_struct_conn.pdbx_ptnr2_PDB_ins_code       ? 
_struct_conn.ptnr1_auth_asym_id            X 
_struct_conn.ptnr1_auth_comp_id            HIS 
_struct_conn.ptnr1_auth_seq_id             93 
_struct_conn.ptnr2_auth_asym_id            X 
_struct_conn.ptnr2_auth_comp_id            MNH 
_struct_conn.ptnr2_auth_seq_id             154 
_struct_conn.ptnr2_symmetry                1_555 
_struct_conn.pdbx_ptnr3_label_atom_id      ? 
_struct_conn.pdbx_ptnr3_label_seq_id       ? 
_struct_conn.pdbx_ptnr3_label_comp_id      ? 
_struct_conn.pdbx_ptnr3_label_asym_id      ? 
_struct_conn.pdbx_ptnr3_label_alt_id       ? 
_struct_conn.pdbx_ptnr3_PDB_ins_code       ? 
_struct_conn.details                       ? 
_struct_conn.pdbx_dist_value               2.268 
_struct_conn.pdbx_value_order              ? 
_struct_conn.pdbx_role                     ? 
# 
_struct_conn_type.id          metalc 
_struct_conn_type.criteria    ? 
_struct_conn_type.reference   ? 
# 
loop_
_pdbx_struct_conn_angle.id 
_pdbx_struct_conn_angle.ptnr1_label_atom_id 
_pdbx_struct_conn_angle.ptnr1_label_alt_id 
_pdbx_struct_conn_angle.ptnr1_label_asym_id 
_pdbx_struct_conn_angle.ptnr1_label_comp_id 
_pdbx_struct_conn_angle.ptnr1_label_seq_id 
_pdbx_struct_conn_angle.ptnr1_auth_atom_id 
_pdbx_struct_conn_angle.ptnr1_auth_asym_id 
_pdbx_struct_conn_angle.ptnr1_auth_comp_id 
_pdbx_struct_conn_angle.ptnr1_auth_seq_id 
_pdbx_struct_conn_angle.ptnr1_PDB_ins_code 
_pdbx_struct_conn_angle.ptnr1_symmetry 
_pdbx_struct_conn_angle.ptnr2_label_atom_id 
_pdbx_struct_conn_angle.ptnr2_label_alt_id 
_pdbx_struct_conn_angle.ptnr2_label_asym_id 
_pdbx_struct_conn_angle.ptnr2_label_comp_id 
_pdbx_struct_conn_angle.ptnr2_label_seq_id 
_pdbx_struct_conn_angle.ptnr2_auth_atom_id 
_pdbx_struct_conn_angle.ptnr2_auth_asym_id 
_pdbx_struct_conn_angle.ptnr2_auth_comp_id 
_pdbx_struct_conn_angle.ptnr2_auth_seq_id 
_pdbx_struct_conn_angle.ptnr2_PDB_ins_code 
_pdbx_struct_conn_angle.ptnr2_symmetry 
_pdbx_struct_conn_angle.ptnr3_label_atom_id 
_pdbx_struct_conn_angle.ptnr3_label_alt_id 
_pdbx_struct_conn_angle.ptnr3_label_asym_id 
_pdbx_struct_conn_angle.ptnr3_label_comp_id 
_pdbx_struct_conn_angle.ptnr3_label_seq_id 
_pdbx_struct_conn_angle.ptnr3_auth_atom_id 
_pdbx_struct_conn_angle.ptnr3_auth_asym_id 
_pdbx_struct_conn_angle.ptnr3_auth_comp_id 
_pdbx_struct_conn_angle.ptnr3_auth_seq_id 
_pdbx_struct_conn_angle.ptnr3_PDB_ins_code 
_pdbx_struct_conn_angle.ptnr3_symmetry 
_pdbx_struct_conn_angle.value 
_pdbx_struct_conn_angle.value_esd 
1  NE2 ? A HIS 93 ? X HIS 93  ? 1_555 MN ? E MNH . ? X MNH 154 ? 1_555 NA ? E MNH . ? X MNH 154 ? 1_555 91.8  ? 
2  NE2 ? A HIS 93 ? X HIS 93  ? 1_555 MN ? E MNH . ? X MNH 154 ? 1_555 NB ? E MNH . ? X MNH 154 ? 1_555 95.6  ? 
3  NA  ? E MNH .  ? X MNH 154 ? 1_555 MN ? E MNH . ? X MNH 154 ? 1_555 NB ? E MNH . ? X MNH 154 ? 1_555 86.9  ? 
4  NE2 ? A HIS 93 ? X HIS 93  ? 1_555 MN ? E MNH . ? X MNH 154 ? 1_555 NC ? E MNH . ? X MNH 154 ? 1_555 108.5 ? 
5  NA  ? E MNH .  ? X MNH 154 ? 1_555 MN ? E MNH . ? X MNH 154 ? 1_555 NC ? E MNH . ? X MNH 154 ? 1_555 159.5 ? 
6  NB  ? E MNH .  ? X MNH 154 ? 1_555 MN ? E MNH . ? X MNH 154 ? 1_555 NC ? E MNH . ? X MNH 154 ? 1_555 93.0  ? 
7  NE2 ? A HIS 93 ? X HIS 93  ? 1_555 MN ? E MNH . ? X MNH 154 ? 1_555 ND ? E MNH . ? X MNH 154 ? 1_555 101.3 ? 
8  NA  ? E MNH .  ? X MNH 154 ? 1_555 MN ? E MNH . ? X MNH 154 ? 1_555 ND ? E MNH . ? X MNH 154 ? 1_555 82.7  ? 
9  NB  ? E MNH .  ? X MNH 154 ? 1_555 MN ? E MNH . ? X MNH 154 ? 1_555 ND ? E MNH . ? X MNH 154 ? 1_555 160.3 ? 
10 NC  ? E MNH .  ? X MNH 154 ? 1_555 MN ? E MNH . ? X MNH 154 ? 1_555 ND ? E MNH . ? X MNH 154 ? 1_555 91.1  ? 
# 
loop_
_struct_site.id 
_struct_site.pdbx_evidence_code 
_struct_site.pdbx_auth_asym_id 
_struct_site.pdbx_auth_comp_id 
_struct_site.pdbx_auth_seq_id 
_struct_site.pdbx_auth_ins_code 
_struct_site.pdbx_num_residues 
_struct_site.details 
AC1 Software X SO4 157 ? 7  'BINDING SITE FOR RESIDUE SO4 X 157' 
AC2 Software X SO4 158 ? 3  'BINDING SITE FOR RESIDUE SO4 X 158' 
AC3 Software X SO4 159 ? 5  'BINDING SITE FOR RESIDUE SO4 X 159' 
AC4 Software X MNH 154 ? 18 'BINDING SITE FOR RESIDUE MNH X 154' 
# 
loop_
_struct_site_gen.id 
_struct_site_gen.site_id 
_struct_site_gen.pdbx_num_res 
_struct_site_gen.label_comp_id 
_struct_site_gen.label_asym_id 
_struct_site_gen.label_seq_id 
_struct_site_gen.pdbx_auth_ins_code 
_struct_site_gen.auth_comp_id 
_struct_site_gen.auth_asym_id 
_struct_site_gen.auth_seq_id 
_struct_site_gen.label_atom_id 
_struct_site_gen.label_alt_id 
_struct_site_gen.symmetry 
_struct_site_gen.details 
1  AC1 7  ALA A 57  ? ALA X 57  . ? 1_555 ? 
2  AC1 7  SER A 58  ? SER X 58  . ? 1_555 ? 
3  AC1 7  GLU A 59  ? GLU X 59  . ? 1_555 ? 
4  AC1 7  ASP A 60  ? ASP X 60  . ? 1_555 ? 
5  AC1 7  HOH F .   ? HOH X 180 . ? 1_555 ? 
6  AC1 7  HOH F .   ? HOH X 208 . ? 1_555 ? 
7  AC1 7  HOH F .   ? HOH X 237 . ? 1_555 ? 
8  AC2 3  HIS A 81  ? HIS X 81  . ? 1_555 ? 
9  AC2 3  GLU A 83  ? GLU X 83  . ? 1_555 ? 
10 AC2 3  HOH F .   ? HOH X 230 . ? 1_555 ? 
11 AC3 5  ARG A 31  ? ARG X 31  . ? 1_555 ? 
12 AC3 5  LYS A 96  ? LYS X 96  . ? 1_545 ? 
13 AC3 5  ASP A 109 ? ASP X 109 . ? 1_555 ? 
14 AC3 5  HOH F .   ? HOH X 167 . ? 1_555 ? 
15 AC3 5  HOH F .   ? HOH X 218 . ? 1_555 ? 
16 AC4 18 THR A 39  ? THR X 39  . ? 1_555 ? 
17 AC4 18 LYS A 42  ? LYS X 42  . ? 1_555 ? 
18 AC4 18 PHE A 43  ? PHE X 43  . ? 1_555 ? 
19 AC4 18 LYS A 45  ? LYS X 45  . ? 1_555 ? 
20 AC4 18 HIS A 64  ? HIS X 64  . ? 1_555 ? 
21 AC4 18 VAL A 68  ? VAL X 68  . ? 1_555 ? 
22 AC4 18 ALA A 71  ? ALA X 71  . ? 1_555 ? 
23 AC4 18 SER A 92  ? SER X 92  . ? 1_555 ? 
24 AC4 18 HIS A 93  ? HIS X 93  . ? 1_555 ? 
25 AC4 18 HIS A 97  ? HIS X 97  . ? 1_555 ? 
26 AC4 18 ILE A 99  ? ILE X 99  . ? 1_555 ? 
27 AC4 18 TYR A 103 ? TYR X 103 . ? 1_555 ? 
28 AC4 18 ILE A 107 ? ILE X 107 . ? 1_555 ? 
29 AC4 18 HIS A 113 ? HIS X 113 . ? 1_565 ? 
30 AC4 18 HIS A 116 ? HIS X 116 . ? 1_565 ? 
31 AC4 18 GLN A 128 ? GLN X 128 . ? 1_565 ? 
32 AC4 18 PHE A 138 ? PHE X 138 . ? 1_555 ? 
33 AC4 18 HOH F .   ? HOH X 174 . ? 1_555 ? 
# 
loop_
_pdbx_validate_torsion.id 
_pdbx_validate_torsion.PDB_model_num 
_pdbx_validate_torsion.auth_comp_id 
_pdbx_validate_torsion.auth_asym_id 
_pdbx_validate_torsion.auth_seq_id 
_pdbx_validate_torsion.PDB_ins_code 
_pdbx_validate_torsion.label_alt_id 
_pdbx_validate_torsion.phi 
_pdbx_validate_torsion.psi 
1 1 HIS X 81  ? ? -102.58 64.29 
2 1 HIS X 119 ? ? -146.97 54.77 
# 
_pdbx_validate_peptide_omega.id               1 
_pdbx_validate_peptide_omega.PDB_model_num    1 
_pdbx_validate_peptide_omega.auth_comp_id_1   GLY 
_pdbx_validate_peptide_omega.auth_asym_id_1   X 
_pdbx_validate_peptide_omega.auth_seq_id_1    80 
_pdbx_validate_peptide_omega.PDB_ins_code_1   ? 
_pdbx_validate_peptide_omega.label_alt_id_1   ? 
_pdbx_validate_peptide_omega.auth_comp_id_2   HIS 
_pdbx_validate_peptide_omega.auth_asym_id_2   X 
_pdbx_validate_peptide_omega.auth_seq_id_2    81 
_pdbx_validate_peptide_omega.PDB_ins_code_2   ? 
_pdbx_validate_peptide_omega.label_alt_id_2   ? 
_pdbx_validate_peptide_omega.omega            144.12 
# 
_pdbx_unobs_or_zero_occ_residues.id               1 
_pdbx_unobs_or_zero_occ_residues.PDB_model_num    1 
_pdbx_unobs_or_zero_occ_residues.polymer_flag     Y 
_pdbx_unobs_or_zero_occ_residues.occupancy_flag   1 
_pdbx_unobs_or_zero_occ_residues.auth_asym_id     X 
_pdbx_unobs_or_zero_occ_residues.auth_comp_id     GLY 
_pdbx_unobs_or_zero_occ_residues.auth_seq_id      153 
_pdbx_unobs_or_zero_occ_residues.PDB_ins_code     ? 
_pdbx_unobs_or_zero_occ_residues.label_asym_id    A 
_pdbx_unobs_or_zero_occ_residues.label_comp_id    GLY 
_pdbx_unobs_or_zero_occ_residues.label_seq_id     153 
# 
loop_
_chem_comp_atom.comp_id 
_chem_comp_atom.atom_id 
_chem_comp_atom.type_symbol 
_chem_comp_atom.pdbx_aromatic_flag 
_chem_comp_atom.pdbx_stereo_config 
_chem_comp_atom.pdbx_ordinal 
ALA N    N  N N 1   
ALA CA   C  N S 2   
ALA C    C  N N 3   
ALA O    O  N N 4   
ALA CB   C  N N 5   
ALA OXT  O  N N 6   
ALA H    H  N N 7   
ALA H2   H  N N 8   
ALA HA   H  N N 9   
ALA HB1  H  N N 10  
ALA HB2  H  N N 11  
ALA HB3  H  N N 12  
ALA HXT  H  N N 13  
ARG N    N  N N 14  
ARG CA   C  N S 15  
ARG C    C  N N 16  
ARG O    O  N N 17  
ARG CB   C  N N 18  
ARG CG   C  N N 19  
ARG CD   C  N N 20  
ARG NE   N  N N 21  
ARG CZ   C  N N 22  
ARG NH1  N  N N 23  
ARG NH2  N  N N 24  
ARG OXT  O  N N 25  
ARG H    H  N N 26  
ARG H2   H  N N 27  
ARG HA   H  N N 28  
ARG HB2  H  N N 29  
ARG HB3  H  N N 30  
ARG HG2  H  N N 31  
ARG HG3  H  N N 32  
ARG HD2  H  N N 33  
ARG HD3  H  N N 34  
ARG HE   H  N N 35  
ARG HH11 H  N N 36  
ARG HH12 H  N N 37  
ARG HH21 H  N N 38  
ARG HH22 H  N N 39  
ARG HXT  H  N N 40  
ASN N    N  N N 41  
ASN CA   C  N S 42  
ASN C    C  N N 43  
ASN O    O  N N 44  
ASN CB   C  N N 45  
ASN CG   C  N N 46  
ASN OD1  O  N N 47  
ASN ND2  N  N N 48  
ASN OXT  O  N N 49  
ASN H    H  N N 50  
ASN H2   H  N N 51  
ASN HA   H  N N 52  
ASN HB2  H  N N 53  
ASN HB3  H  N N 54  
ASN HD21 H  N N 55  
ASN HD22 H  N N 56  
ASN HXT  H  N N 57  
ASP N    N  N N 58  
ASP CA   C  N S 59  
ASP C    C  N N 60  
ASP O    O  N N 61  
ASP CB   C  N N 62  
ASP CG   C  N N 63  
ASP OD1  O  N N 64  
ASP OD2  O  N N 65  
ASP OXT  O  N N 66  
ASP H    H  N N 67  
ASP H2   H  N N 68  
ASP HA   H  N N 69  
ASP HB2  H  N N 70  
ASP HB3  H  N N 71  
ASP HD2  H  N N 72  
ASP HXT  H  N N 73  
GLN N    N  N N 74  
GLN CA   C  N S 75  
GLN C    C  N N 76  
GLN O    O  N N 77  
GLN CB   C  N N 78  
GLN CG   C  N N 79  
GLN CD   C  N N 80  
GLN OE1  O  N N 81  
GLN NE2  N  N N 82  
GLN OXT  O  N N 83  
GLN H    H  N N 84  
GLN H2   H  N N 85  
GLN HA   H  N N 86  
GLN HB2  H  N N 87  
GLN HB3  H  N N 88  
GLN HG2  H  N N 89  
GLN HG3  H  N N 90  
GLN HE21 H  N N 91  
GLN HE22 H  N N 92  
GLN HXT  H  N N 93  
GLU N    N  N N 94  
GLU CA   C  N S 95  
GLU C    C  N N 96  
GLU O    O  N N 97  
GLU CB   C  N N 98  
GLU CG   C  N N 99  
GLU CD   C  N N 100 
GLU OE1  O  N N 101 
GLU OE2  O  N N 102 
GLU OXT  O  N N 103 
GLU H    H  N N 104 
GLU H2   H  N N 105 
GLU HA   H  N N 106 
GLU HB2  H  N N 107 
GLU HB3  H  N N 108 
GLU HG2  H  N N 109 
GLU HG3  H  N N 110 
GLU HE2  H  N N 111 
GLU HXT  H  N N 112 
GLY N    N  N N 113 
GLY CA   C  N N 114 
GLY C    C  N N 115 
GLY O    O  N N 116 
GLY OXT  O  N N 117 
GLY H    H  N N 118 
GLY H2   H  N N 119 
GLY HA2  H  N N 120 
GLY HA3  H  N N 121 
GLY HXT  H  N N 122 
HIS N    N  N N 123 
HIS CA   C  N S 124 
HIS C    C  N N 125 
HIS O    O  N N 126 
HIS CB   C  N N 127 
HIS CG   C  Y N 128 
HIS ND1  N  Y N 129 
HIS CD2  C  Y N 130 
HIS CE1  C  Y N 131 
HIS NE2  N  Y N 132 
HIS OXT  O  N N 133 
HIS H    H  N N 134 
HIS H2   H  N N 135 
HIS HA   H  N N 136 
HIS HB2  H  N N 137 
HIS HB3  H  N N 138 
HIS HD1  H  N N 139 
HIS HD2  H  N N 140 
HIS HE1  H  N N 141 
HIS HE2  H  N N 142 
HIS HXT  H  N N 143 
HOH O    O  N N 144 
HOH H1   H  N N 145 
HOH H2   H  N N 146 
ILE N    N  N N 147 
ILE CA   C  N S 148 
ILE C    C  N N 149 
ILE O    O  N N 150 
ILE CB   C  N S 151 
ILE CG1  C  N N 152 
ILE CG2  C  N N 153 
ILE CD1  C  N N 154 
ILE OXT  O  N N 155 
ILE H    H  N N 156 
ILE H2   H  N N 157 
ILE HA   H  N N 158 
ILE HB   H  N N 159 
ILE HG12 H  N N 160 
ILE HG13 H  N N 161 
ILE HG21 H  N N 162 
ILE HG22 H  N N 163 
ILE HG23 H  N N 164 
ILE HD11 H  N N 165 
ILE HD12 H  N N 166 
ILE HD13 H  N N 167 
ILE HXT  H  N N 168 
LEU N    N  N N 169 
LEU CA   C  N S 170 
LEU C    C  N N 171 
LEU O    O  N N 172 
LEU CB   C  N N 173 
LEU CG   C  N N 174 
LEU CD1  C  N N 175 
LEU CD2  C  N N 176 
LEU OXT  O  N N 177 
LEU H    H  N N 178 
LEU H2   H  N N 179 
LEU HA   H  N N 180 
LEU HB2  H  N N 181 
LEU HB3  H  N N 182 
LEU HG   H  N N 183 
LEU HD11 H  N N 184 
LEU HD12 H  N N 185 
LEU HD13 H  N N 186 
LEU HD21 H  N N 187 
LEU HD22 H  N N 188 
LEU HD23 H  N N 189 
LEU HXT  H  N N 190 
LYS N    N  N N 191 
LYS CA   C  N S 192 
LYS C    C  N N 193 
LYS O    O  N N 194 
LYS CB   C  N N 195 
LYS CG   C  N N 196 
LYS CD   C  N N 197 
LYS CE   C  N N 198 
LYS NZ   N  N N 199 
LYS OXT  O  N N 200 
LYS H    H  N N 201 
LYS H2   H  N N 202 
LYS HA   H  N N 203 
LYS HB2  H  N N 204 
LYS HB3  H  N N 205 
LYS HG2  H  N N 206 
LYS HG3  H  N N 207 
LYS HD2  H  N N 208 
LYS HD3  H  N N 209 
LYS HE2  H  N N 210 
LYS HE3  H  N N 211 
LYS HZ1  H  N N 212 
LYS HZ2  H  N N 213 
LYS HZ3  H  N N 214 
LYS HXT  H  N N 215 
MET N    N  N N 216 
MET CA   C  N S 217 
MET C    C  N N 218 
MET O    O  N N 219 
MET CB   C  N N 220 
MET CG   C  N N 221 
MET SD   S  N N 222 
MET CE   C  N N 223 
MET OXT  O  N N 224 
MET H    H  N N 225 
MET H2   H  N N 226 
MET HA   H  N N 227 
MET HB2  H  N N 228 
MET HB3  H  N N 229 
MET HG2  H  N N 230 
MET HG3  H  N N 231 
MET HE1  H  N N 232 
MET HE2  H  N N 233 
MET HE3  H  N N 234 
MET HXT  H  N N 235 
MNH MN   MN N S 236 
MNH CHA  C  Y N 237 
MNH CHB  C  Y N 238 
MNH CHC  C  Y N 239 
MNH CHD  C  Y N 240 
MNH NA   N  Y N 241 
MNH C1A  C  Y N 242 
MNH C2A  C  Y N 243 
MNH C3A  C  Y N 244 
MNH C4A  C  Y N 245 
MNH CMA  C  N N 246 
MNH CAA  C  N N 247 
MNH CBA  C  N N 248 
MNH CGA  C  N N 249 
MNH O1A  O  N N 250 
MNH O2A  O  N N 251 
MNH NB   N  Y N 252 
MNH C1B  C  Y N 253 
MNH C2B  C  N N 254 
MNH C3B  C  N N 255 
MNH C4B  C  Y N 256 
MNH CMB  C  N N 257 
MNH CAB  C  N N 258 
MNH CBB  C  N N 259 
MNH NC   N  Y N 260 
MNH C1C  C  Y N 261 
MNH C2C  C  Y N 262 
MNH C3C  C  Y N 263 
MNH C4C  C  Y N 264 
MNH CMC  C  N N 265 
MNH CAC  C  N N 266 
MNH CBC  C  N N 267 
MNH ND   N  Y N 268 
MNH C1D  C  Y N 269 
MNH C2D  C  N N 270 
MNH C3D  C  N N 271 
MNH C4D  C  Y N 272 
MNH CMD  C  N N 273 
MNH CAD  C  N N 274 
MNH CBD  C  N N 275 
MNH CGD  C  N N 276 
MNH O1D  O  N N 277 
MNH O2D  O  N N 278 
MNH HHA  H  N N 279 
MNH HHB  H  N N 280 
MNH HHC  H  N N 281 
MNH HHD  H  N N 282 
MNH HMA1 H  N N 283 
MNH HMA2 H  N N 284 
MNH HMA3 H  N N 285 
MNH HAA1 H  N N 286 
MNH HAA2 H  N N 287 
MNH HBA1 H  N N 288 
MNH HBA2 H  N N 289 
MNH H1A  H  N N 290 
MNH HMB1 H  N N 291 
MNH HMB2 H  N N 292 
MNH HMB3 H  N N 293 
MNH HAB  H  N N 294 
MNH HBB1 H  N N 295 
MNH HBB2 H  N N 296 
MNH HMC1 H  N N 297 
MNH HMC2 H  N N 298 
MNH HMC3 H  N N 299 
MNH HAC  H  N N 300 
MNH HBC1 H  N N 301 
MNH HBC2 H  N N 302 
MNH HMD1 H  N N 303 
MNH HMD2 H  N N 304 
MNH HMD3 H  N N 305 
MNH HAD1 H  N N 306 
MNH HAD2 H  N N 307 
MNH HBD1 H  N N 308 
MNH HBD2 H  N N 309 
MNH H2D  H  N N 310 
PHE N    N  N N 311 
PHE CA   C  N S 312 
PHE C    C  N N 313 
PHE O    O  N N 314 
PHE CB   C  N N 315 
PHE CG   C  Y N 316 
PHE CD1  C  Y N 317 
PHE CD2  C  Y N 318 
PHE CE1  C  Y N 319 
PHE CE2  C  Y N 320 
PHE CZ   C  Y N 321 
PHE OXT  O  N N 322 
PHE H    H  N N 323 
PHE H2   H  N N 324 
PHE HA   H  N N 325 
PHE HB2  H  N N 326 
PHE HB3  H  N N 327 
PHE HD1  H  N N 328 
PHE HD2  H  N N 329 
PHE HE1  H  N N 330 
PHE HE2  H  N N 331 
PHE HZ   H  N N 332 
PHE HXT  H  N N 333 
PRO N    N  N N 334 
PRO CA   C  N S 335 
PRO C    C  N N 336 
PRO O    O  N N 337 
PRO CB   C  N N 338 
PRO CG   C  N N 339 
PRO CD   C  N N 340 
PRO OXT  O  N N 341 
PRO H    H  N N 342 
PRO HA   H  N N 343 
PRO HB2  H  N N 344 
PRO HB3  H  N N 345 
PRO HG2  H  N N 346 
PRO HG3  H  N N 347 
PRO HD2  H  N N 348 
PRO HD3  H  N N 349 
PRO HXT  H  N N 350 
SER N    N  N N 351 
SER CA   C  N S 352 
SER C    C  N N 353 
SER O    O  N N 354 
SER CB   C  N N 355 
SER OG   O  N N 356 
SER OXT  O  N N 357 
SER H    H  N N 358 
SER H2   H  N N 359 
SER HA   H  N N 360 
SER HB2  H  N N 361 
SER HB3  H  N N 362 
SER HG   H  N N 363 
SER HXT  H  N N 364 
SO4 S    S  N N 365 
SO4 O1   O  N N 366 
SO4 O2   O  N N 367 
SO4 O3   O  N N 368 
SO4 O4   O  N N 369 
THR N    N  N N 370 
THR CA   C  N S 371 
THR C    C  N N 372 
THR O    O  N N 373 
THR CB   C  N R 374 
THR OG1  O  N N 375 
THR CG2  C  N N 376 
THR OXT  O  N N 377 
THR H    H  N N 378 
THR H2   H  N N 379 
THR HA   H  N N 380 
THR HB   H  N N 381 
THR HG1  H  N N 382 
THR HG21 H  N N 383 
THR HG22 H  N N 384 
THR HG23 H  N N 385 
THR HXT  H  N N 386 
TRP N    N  N N 387 
TRP CA   C  N S 388 
TRP C    C  N N 389 
TRP O    O  N N 390 
TRP CB   C  N N 391 
TRP CG   C  Y N 392 
TRP CD1  C  Y N 393 
TRP CD2  C  Y N 394 
TRP NE1  N  Y N 395 
TRP CE2  C  Y N 396 
TRP CE3  C  Y N 397 
TRP CZ2  C  Y N 398 
TRP CZ3  C  Y N 399 
TRP CH2  C  Y N 400 
TRP OXT  O  N N 401 
TRP H    H  N N 402 
TRP H2   H  N N 403 
TRP HA   H  N N 404 
TRP HB2  H  N N 405 
TRP HB3  H  N N 406 
TRP HD1  H  N N 407 
TRP HE1  H  N N 408 
TRP HE3  H  N N 409 
TRP HZ2  H  N N 410 
TRP HZ3  H  N N 411 
TRP HH2  H  N N 412 
TRP HXT  H  N N 413 
TYR N    N  N N 414 
TYR CA   C  N S 415 
TYR C    C  N N 416 
TYR O    O  N N 417 
TYR CB   C  N N 418 
TYR CG   C  Y N 419 
TYR CD1  C  Y N 420 
TYR CD2  C  Y N 421 
TYR CE1  C  Y N 422 
TYR CE2  C  Y N 423 
TYR CZ   C  Y N 424 
TYR OH   O  N N 425 
TYR OXT  O  N N 426 
TYR H    H  N N 427 
TYR H2   H  N N 428 
TYR HA   H  N N 429 
TYR HB2  H  N N 430 
TYR HB3  H  N N 431 
TYR HD1  H  N N 432 
TYR HD2  H  N N 433 
TYR HE1  H  N N 434 
TYR HE2  H  N N 435 
TYR HH   H  N N 436 
TYR HXT  H  N N 437 
VAL N    N  N N 438 
VAL CA   C  N S 439 
VAL C    C  N N 440 
VAL O    O  N N 441 
VAL CB   C  N N 442 
VAL CG1  C  N N 443 
VAL CG2  C  N N 444 
VAL OXT  O  N N 445 
VAL H    H  N N 446 
VAL H2   H  N N 447 
VAL HA   H  N N 448 
VAL HB   H  N N 449 
VAL HG11 H  N N 450 
VAL HG12 H  N N 451 
VAL HG13 H  N N 452 
VAL HG21 H  N N 453 
VAL HG22 H  N N 454 
VAL HG23 H  N N 455 
VAL HXT  H  N N 456 
# 
loop_
_chem_comp_bond.comp_id 
_chem_comp_bond.atom_id_1 
_chem_comp_bond.atom_id_2 
_chem_comp_bond.value_order 
_chem_comp_bond.pdbx_aromatic_flag 
_chem_comp_bond.pdbx_stereo_config 
_chem_comp_bond.pdbx_ordinal 
ALA N   CA   sing N N 1   
ALA N   H    sing N N 2   
ALA N   H2   sing N N 3   
ALA CA  C    sing N N 4   
ALA CA  CB   sing N N 5   
ALA CA  HA   sing N N 6   
ALA C   O    doub N N 7   
ALA C   OXT  sing N N 8   
ALA CB  HB1  sing N N 9   
ALA CB  HB2  sing N N 10  
ALA CB  HB3  sing N N 11  
ALA OXT HXT  sing N N 12  
ARG N   CA   sing N N 13  
ARG N   H    sing N N 14  
ARG N   H2   sing N N 15  
ARG CA  C    sing N N 16  
ARG CA  CB   sing N N 17  
ARG CA  HA   sing N N 18  
ARG C   O    doub N N 19  
ARG C   OXT  sing N N 20  
ARG CB  CG   sing N N 21  
ARG CB  HB2  sing N N 22  
ARG CB  HB3  sing N N 23  
ARG CG  CD   sing N N 24  
ARG CG  HG2  sing N N 25  
ARG CG  HG3  sing N N 26  
ARG CD  NE   sing N N 27  
ARG CD  HD2  sing N N 28  
ARG CD  HD3  sing N N 29  
ARG NE  CZ   sing N N 30  
ARG NE  HE   sing N N 31  
ARG CZ  NH1  sing N N 32  
ARG CZ  NH2  doub N N 33  
ARG NH1 HH11 sing N N 34  
ARG NH1 HH12 sing N N 35  
ARG NH2 HH21 sing N N 36  
ARG NH2 HH22 sing N N 37  
ARG OXT HXT  sing N N 38  
ASN N   CA   sing N N 39  
ASN N   H    sing N N 40  
ASN N   H2   sing N N 41  
ASN CA  C    sing N N 42  
ASN CA  CB   sing N N 43  
ASN CA  HA   sing N N 44  
ASN C   O    doub N N 45  
ASN C   OXT  sing N N 46  
ASN CB  CG   sing N N 47  
ASN CB  HB2  sing N N 48  
ASN CB  HB3  sing N N 49  
ASN CG  OD1  doub N N 50  
ASN CG  ND2  sing N N 51  
ASN ND2 HD21 sing N N 52  
ASN ND2 HD22 sing N N 53  
ASN OXT HXT  sing N N 54  
ASP N   CA   sing N N 55  
ASP N   H    sing N N 56  
ASP N   H2   sing N N 57  
ASP CA  C    sing N N 58  
ASP CA  CB   sing N N 59  
ASP CA  HA   sing N N 60  
ASP C   O    doub N N 61  
ASP C   OXT  sing N N 62  
ASP CB  CG   sing N N 63  
ASP CB  HB2  sing N N 64  
ASP CB  HB3  sing N N 65  
ASP CG  OD1  doub N N 66  
ASP CG  OD2  sing N N 67  
ASP OD2 HD2  sing N N 68  
ASP OXT HXT  sing N N 69  
GLN N   CA   sing N N 70  
GLN N   H    sing N N 71  
GLN N   H2   sing N N 72  
GLN CA  C    sing N N 73  
GLN CA  CB   sing N N 74  
GLN CA  HA   sing N N 75  
GLN C   O    doub N N 76  
GLN C   OXT  sing N N 77  
GLN CB  CG   sing N N 78  
GLN CB  HB2  sing N N 79  
GLN CB  HB3  sing N N 80  
GLN CG  CD   sing N N 81  
GLN CG  HG2  sing N N 82  
GLN CG  HG3  sing N N 83  
GLN CD  OE1  doub N N 84  
GLN CD  NE2  sing N N 85  
GLN NE2 HE21 sing N N 86  
GLN NE2 HE22 sing N N 87  
GLN OXT HXT  sing N N 88  
GLU N   CA   sing N N 89  
GLU N   H    sing N N 90  
GLU N   H2   sing N N 91  
GLU CA  C    sing N N 92  
GLU CA  CB   sing N N 93  
GLU CA  HA   sing N N 94  
GLU C   O    doub N N 95  
GLU C   OXT  sing N N 96  
GLU CB  CG   sing N N 97  
GLU CB  HB2  sing N N 98  
GLU CB  HB3  sing N N 99  
GLU CG  CD   sing N N 100 
GLU CG  HG2  sing N N 101 
GLU CG  HG3  sing N N 102 
GLU CD  OE1  doub N N 103 
GLU CD  OE2  sing N N 104 
GLU OE2 HE2  sing N N 105 
GLU OXT HXT  sing N N 106 
GLY N   CA   sing N N 107 
GLY N   H    sing N N 108 
GLY N   H2   sing N N 109 
GLY CA  C    sing N N 110 
GLY CA  HA2  sing N N 111 
GLY CA  HA3  sing N N 112 
GLY C   O    doub N N 113 
GLY C   OXT  sing N N 114 
GLY OXT HXT  sing N N 115 
HIS N   CA   sing N N 116 
HIS N   H    sing N N 117 
HIS N   H2   sing N N 118 
HIS CA  C    sing N N 119 
HIS CA  CB   sing N N 120 
HIS CA  HA   sing N N 121 
HIS C   O    doub N N 122 
HIS C   OXT  sing N N 123 
HIS CB  CG   sing N N 124 
HIS CB  HB2  sing N N 125 
HIS CB  HB3  sing N N 126 
HIS CG  ND1  sing Y N 127 
HIS CG  CD2  doub Y N 128 
HIS ND1 CE1  doub Y N 129 
HIS ND1 HD1  sing N N 130 
HIS CD2 NE2  sing Y N 131 
HIS CD2 HD2  sing N N 132 
HIS CE1 NE2  sing Y N 133 
HIS CE1 HE1  sing N N 134 
HIS NE2 HE2  sing N N 135 
HIS OXT HXT  sing N N 136 
HOH O   H1   sing N N 137 
HOH O   H2   sing N N 138 
ILE N   CA   sing N N 139 
ILE N   H    sing N N 140 
ILE N   H2   sing N N 141 
ILE CA  C    sing N N 142 
ILE CA  CB   sing N N 143 
ILE CA  HA   sing N N 144 
ILE C   O    doub N N 145 
ILE C   OXT  sing N N 146 
ILE CB  CG1  sing N N 147 
ILE CB  CG2  sing N N 148 
ILE CB  HB   sing N N 149 
ILE CG1 CD1  sing N N 150 
ILE CG1 HG12 sing N N 151 
ILE CG1 HG13 sing N N 152 
ILE CG2 HG21 sing N N 153 
ILE CG2 HG22 sing N N 154 
ILE CG2 HG23 sing N N 155 
ILE CD1 HD11 sing N N 156 
ILE CD1 HD12 sing N N 157 
ILE CD1 HD13 sing N N 158 
ILE OXT HXT  sing N N 159 
LEU N   CA   sing N N 160 
LEU N   H    sing N N 161 
LEU N   H2   sing N N 162 
LEU CA  C    sing N N 163 
LEU CA  CB   sing N N 164 
LEU CA  HA   sing N N 165 
LEU C   O    doub N N 166 
LEU C   OXT  sing N N 167 
LEU CB  CG   sing N N 168 
LEU CB  HB2  sing N N 169 
LEU CB  HB3  sing N N 170 
LEU CG  CD1  sing N N 171 
LEU CG  CD2  sing N N 172 
LEU CG  HG   sing N N 173 
LEU CD1 HD11 sing N N 174 
LEU CD1 HD12 sing N N 175 
LEU CD1 HD13 sing N N 176 
LEU CD2 HD21 sing N N 177 
LEU CD2 HD22 sing N N 178 
LEU CD2 HD23 sing N N 179 
LEU OXT HXT  sing N N 180 
LYS N   CA   sing N N 181 
LYS N   H    sing N N 182 
LYS N   H2   sing N N 183 
LYS CA  C    sing N N 184 
LYS CA  CB   sing N N 185 
LYS CA  HA   sing N N 186 
LYS C   O    doub N N 187 
LYS C   OXT  sing N N 188 
LYS CB  CG   sing N N 189 
LYS CB  HB2  sing N N 190 
LYS CB  HB3  sing N N 191 
LYS CG  CD   sing N N 192 
LYS CG  HG2  sing N N 193 
LYS CG  HG3  sing N N 194 
LYS CD  CE   sing N N 195 
LYS CD  HD2  sing N N 196 
LYS CD  HD3  sing N N 197 
LYS CE  NZ   sing N N 198 
LYS CE  HE2  sing N N 199 
LYS CE  HE3  sing N N 200 
LYS NZ  HZ1  sing N N 201 
LYS NZ  HZ2  sing N N 202 
LYS NZ  HZ3  sing N N 203 
LYS OXT HXT  sing N N 204 
MET N   CA   sing N N 205 
MET N   H    sing N N 206 
MET N   H2   sing N N 207 
MET CA  C    sing N N 208 
MET CA  CB   sing N N 209 
MET CA  HA   sing N N 210 
MET C   O    doub N N 211 
MET C   OXT  sing N N 212 
MET CB  CG   sing N N 213 
MET CB  HB2  sing N N 214 
MET CB  HB3  sing N N 215 
MET CG  SD   sing N N 216 
MET CG  HG2  sing N N 217 
MET CG  HG3  sing N N 218 
MET SD  CE   sing N N 219 
MET CE  HE1  sing N N 220 
MET CE  HE2  sing N N 221 
MET CE  HE3  sing N N 222 
MET OXT HXT  sing N N 223 
MNH MN  NA   sing N N 224 
MNH MN  NB   sing N N 225 
MNH MN  NC   sing N N 226 
MNH MN  ND   sing N N 227 
MNH CHA C1A  doub Y N 228 
MNH CHA C4D  sing Y N 229 
MNH CHA HHA  sing N N 230 
MNH CHB C4A  doub Y N 231 
MNH CHB C1B  sing Y N 232 
MNH CHB HHB  sing N N 233 
MNH CHC C4B  doub Y N 234 
MNH CHC C1C  sing Y N 235 
MNH CHC HHC  sing N N 236 
MNH CHD C4C  sing Y N 237 
MNH CHD C1D  doub Y N 238 
MNH CHD HHD  sing N N 239 
MNH NA  C1A  sing Y N 240 
MNH NA  C4A  sing Y N 241 
MNH C1A C2A  sing Y N 242 
MNH C2A C3A  doub Y N 243 
MNH C2A CAA  sing N N 244 
MNH C3A C4A  sing Y N 245 
MNH C3A CMA  sing N N 246 
MNH CMA HMA1 sing N N 247 
MNH CMA HMA2 sing N N 248 
MNH CMA HMA3 sing N N 249 
MNH CAA CBA  sing N N 250 
MNH CAA HAA1 sing N N 251 
MNH CAA HAA2 sing N N 252 
MNH CBA CGA  sing N N 253 
MNH CBA HBA1 sing N N 254 
MNH CBA HBA2 sing N N 255 
MNH CGA O1A  sing N N 256 
MNH CGA O2A  doub N N 257 
MNH O1A H1A  sing N N 258 
MNH NB  C1B  doub Y N 259 
MNH NB  C4B  sing Y N 260 
MNH C1B C2B  sing N N 261 
MNH C2B C3B  doub N N 262 
MNH C2B CMB  sing N N 263 
MNH C3B C4B  sing N N 264 
MNH C3B CAB  sing N N 265 
MNH CMB HMB1 sing N N 266 
MNH CMB HMB2 sing N N 267 
MNH CMB HMB3 sing N N 268 
MNH CAB CBB  doub N N 269 
MNH CAB HAB  sing N N 270 
MNH CBB HBB1 sing N N 271 
MNH CBB HBB2 sing N N 272 
MNH NC  C1C  sing Y N 273 
MNH NC  C4C  sing Y N 274 
MNH C1C C2C  doub Y N 275 
MNH C2C C3C  sing Y N 276 
MNH C2C CMC  sing N N 277 
MNH C3C C4C  doub Y N 278 
MNH C3C CAC  sing N N 279 
MNH CMC HMC1 sing N N 280 
MNH CMC HMC2 sing N N 281 
MNH CMC HMC3 sing N N 282 
MNH CAC CBC  doub N N 283 
MNH CAC HAC  sing N N 284 
MNH CBC HBC1 sing N N 285 
MNH CBC HBC2 sing N N 286 
MNH ND  C1D  sing Y N 287 
MNH ND  C4D  doub Y N 288 
MNH C1D C2D  sing N N 289 
MNH C2D C3D  doub N N 290 
MNH C2D CMD  sing N N 291 
MNH C3D C4D  sing N N 292 
MNH C3D CAD  sing N N 293 
MNH CMD HMD1 sing N N 294 
MNH CMD HMD2 sing N N 295 
MNH CMD HMD3 sing N N 296 
MNH CAD CBD  sing N N 297 
MNH CAD HAD1 sing N N 298 
MNH CAD HAD2 sing N N 299 
MNH CBD CGD  sing N N 300 
MNH CBD HBD1 sing N N 301 
MNH CBD HBD2 sing N N 302 
MNH CGD O1D  doub N N 303 
MNH CGD O2D  sing N N 304 
MNH O2D H2D  sing N N 305 
PHE N   CA   sing N N 306 
PHE N   H    sing N N 307 
PHE N   H2   sing N N 308 
PHE CA  C    sing N N 309 
PHE CA  CB   sing N N 310 
PHE CA  HA   sing N N 311 
PHE C   O    doub N N 312 
PHE C   OXT  sing N N 313 
PHE CB  CG   sing N N 314 
PHE CB  HB2  sing N N 315 
PHE CB  HB3  sing N N 316 
PHE CG  CD1  doub Y N 317 
PHE CG  CD2  sing Y N 318 
PHE CD1 CE1  sing Y N 319 
PHE CD1 HD1  sing N N 320 
PHE CD2 CE2  doub Y N 321 
PHE CD2 HD2  sing N N 322 
PHE CE1 CZ   doub Y N 323 
PHE CE1 HE1  sing N N 324 
PHE CE2 CZ   sing Y N 325 
PHE CE2 HE2  sing N N 326 
PHE CZ  HZ   sing N N 327 
PHE OXT HXT  sing N N 328 
PRO N   CA   sing N N 329 
PRO N   CD   sing N N 330 
PRO N   H    sing N N 331 
PRO CA  C    sing N N 332 
PRO CA  CB   sing N N 333 
PRO CA  HA   sing N N 334 
PRO C   O    doub N N 335 
PRO C   OXT  sing N N 336 
PRO CB  CG   sing N N 337 
PRO CB  HB2  sing N N 338 
PRO CB  HB3  sing N N 339 
PRO CG  CD   sing N N 340 
PRO CG  HG2  sing N N 341 
PRO CG  HG3  sing N N 342 
PRO CD  HD2  sing N N 343 
PRO CD  HD3  sing N N 344 
PRO OXT HXT  sing N N 345 
SER N   CA   sing N N 346 
SER N   H    sing N N 347 
SER N   H2   sing N N 348 
SER CA  C    sing N N 349 
SER CA  CB   sing N N 350 
SER CA  HA   sing N N 351 
SER C   O    doub N N 352 
SER C   OXT  sing N N 353 
SER CB  OG   sing N N 354 
SER CB  HB2  sing N N 355 
SER CB  HB3  sing N N 356 
SER OG  HG   sing N N 357 
SER OXT HXT  sing N N 358 
SO4 S   O1   doub N N 359 
SO4 S   O2   doub N N 360 
SO4 S   O3   sing N N 361 
SO4 S   O4   sing N N 362 
THR N   CA   sing N N 363 
THR N   H    sing N N 364 
THR N   H2   sing N N 365 
THR CA  C    sing N N 366 
THR CA  CB   sing N N 367 
THR CA  HA   sing N N 368 
THR C   O    doub N N 369 
THR C   OXT  sing N N 370 
THR CB  OG1  sing N N 371 
THR CB  CG2  sing N N 372 
THR CB  HB   sing N N 373 
THR OG1 HG1  sing N N 374 
THR CG2 HG21 sing N N 375 
THR CG2 HG22 sing N N 376 
THR CG2 HG23 sing N N 377 
THR OXT HXT  sing N N 378 
TRP N   CA   sing N N 379 
TRP N   H    sing N N 380 
TRP N   H2   sing N N 381 
TRP CA  C    sing N N 382 
TRP CA  CB   sing N N 383 
TRP CA  HA   sing N N 384 
TRP C   O    doub N N 385 
TRP C   OXT  sing N N 386 
TRP CB  CG   sing N N 387 
TRP CB  HB2  sing N N 388 
TRP CB  HB3  sing N N 389 
TRP CG  CD1  doub Y N 390 
TRP CG  CD2  sing Y N 391 
TRP CD1 NE1  sing Y N 392 
TRP CD1 HD1  sing N N 393 
TRP CD2 CE2  doub Y N 394 
TRP CD2 CE3  sing Y N 395 
TRP NE1 CE2  sing Y N 396 
TRP NE1 HE1  sing N N 397 
TRP CE2 CZ2  sing Y N 398 
TRP CE3 CZ3  doub Y N 399 
TRP CE3 HE3  sing N N 400 
TRP CZ2 CH2  doub Y N 401 
TRP CZ2 HZ2  sing N N 402 
TRP CZ3 CH2  sing Y N 403 
TRP CZ3 HZ3  sing N N 404 
TRP CH2 HH2  sing N N 405 
TRP OXT HXT  sing N N 406 
TYR N   CA   sing N N 407 
TYR N   H    sing N N 408 
TYR N   H2   sing N N 409 
TYR CA  C    sing N N 410 
TYR CA  CB   sing N N 411 
TYR CA  HA   sing N N 412 
TYR C   O    doub N N 413 
TYR C   OXT  sing N N 414 
TYR CB  CG   sing N N 415 
TYR CB  HB2  sing N N 416 
TYR CB  HB3  sing N N 417 
TYR CG  CD1  doub Y N 418 
TYR CG  CD2  sing Y N 419 
TYR CD1 CE1  sing Y N 420 
TYR CD1 HD1  sing N N 421 
TYR CD2 CE2  doub Y N 422 
TYR CD2 HD2  sing N N 423 
TYR CE1 CZ   doub Y N 424 
TYR CE1 HE1  sing N N 425 
TYR CE2 CZ   sing Y N 426 
TYR CE2 HE2  sing N N 427 
TYR CZ  OH   sing N N 428 
TYR OH  HH   sing N N 429 
TYR OXT HXT  sing N N 430 
VAL N   CA   sing N N 431 
VAL N   H    sing N N 432 
VAL N   H2   sing N N 433 
VAL CA  C    sing N N 434 
VAL CA  CB   sing N N 435 
VAL CA  HA   sing N N 436 
VAL C   O    doub N N 437 
VAL C   OXT  sing N N 438 
VAL CB  CG1  sing N N 439 
VAL CB  CG2  sing N N 440 
VAL CB  HB   sing N N 441 
VAL CG1 HG11 sing N N 442 
VAL CG1 HG12 sing N N 443 
VAL CG1 HG13 sing N N 444 
VAL CG2 HG21 sing N N 445 
VAL CG2 HG22 sing N N 446 
VAL CG2 HG23 sing N N 447 
VAL OXT HXT  sing N N 448 
# 
_atom_sites.entry_id                    2O5B 
_atom_sites.fract_transf_matrix[1][1]   0.00463505 
_atom_sites.fract_transf_matrix[1][2]   0.02831399 
_atom_sites.fract_transf_matrix[1][3]   0.00672214 
_atom_sites.fract_transf_matrix[2][1]   0.03348865 
_atom_sites.fract_transf_matrix[2][2]   -0.00339023 
_atom_sites.fract_transf_matrix[2][3]   -0.00881129 
_atom_sites.fract_transf_matrix[3][1]   -0.00276672 
_atom_sites.fract_transf_matrix[3][2]   0.00817665 
_atom_sites.fract_transf_matrix[3][3]   -0.01366138 
_atom_sites.fract_transf_vector[1]      -0.001273 
_atom_sites.fract_transf_vector[2]      -0.036821 
_atom_sites.fract_transf_vector[3]      0.250269 
# 
loop_
_atom_type.symbol 
C  
MN 
N  
O  
S  
# 
loop_
_atom_site.group_PDB 
_atom_site.id 
_atom_site.type_symbol 
_atom_site.label_atom_id 
_atom_site.label_alt_id 
_atom_site.label_comp_id 
_atom_site.label_asym_id 
_atom_site.label_entity_id 
_atom_site.label_seq_id 
_atom_site.pdbx_PDB_ins_code 
_atom_site.Cartn_x 
_atom_site.Cartn_y 
_atom_site.Cartn_z 
_atom_site.occupancy 
_atom_site.B_iso_or_equiv 
_atom_site.pdbx_formal_charge 
_atom_site.auth_seq_id 
_atom_site.auth_comp_id 
_atom_site.auth_asym_id 
_atom_site.auth_atom_id 
_atom_site.pdbx_PDB_model_num 
ATOM   1    N  N   . GLY A 1 1   ? -5.006  -16.304 9.049   1.00 40.39 ? 1   GLY X N   1 
ATOM   2    C  CA  . GLY A 1 1   ? -5.036  -16.561 7.571   1.00 39.75 ? 1   GLY X CA  1 
ATOM   3    C  C   . GLY A 1 1   ? -6.340  -16.120 6.964   1.00 38.61 ? 1   GLY X C   1 
ATOM   4    O  O   . GLY A 1 1   ? -7.290  -15.878 7.659   1.00 40.30 ? 1   GLY X O   1 
ATOM   5    N  N   . LEU A 1 2   ? -6.392  -15.978 5.656   1.00 38.32 ? 2   LEU X N   1 
ATOM   6    C  CA  . LEU A 1 2   ? -7.654  -15.679 4.986   1.00 36.41 ? 2   LEU X CA  1 
ATOM   7    C  C   . LEU A 1 2   ? -8.201  -16.996 4.477   1.00 36.00 ? 2   LEU X C   1 
ATOM   8    O  O   . LEU A 1 2   ? -7.469  -17.991 4.336   1.00 37.23 ? 2   LEU X O   1 
ATOM   9    C  CB  . LEU A 1 2   ? -7.418  -14.718 3.807   1.00 36.25 ? 2   LEU X CB  1 
ATOM   10   C  CG  . LEU A 1 2   ? -7.368  -13.188 3.984   1.00 36.25 ? 2   LEU X CG  1 
ATOM   11   C  CD1 . LEU A 1 2   ? -6.211  -12.756 4.876   1.00 30.57 ? 2   LEU X CD1 1 
ATOM   12   C  CD2 . LEU A 1 2   ? -7.234  -12.540 2.589   1.00 35.94 ? 2   LEU X CD2 1 
ATOM   13   N  N   . SER A 1 3   ? -9.471  -17.043 4.152   1.00 35.61 ? 3   SER X N   1 
ATOM   14   C  CA  . SER A 1 3   ? -9.924  -18.237 3.552   1.00 35.66 ? 3   SER X CA  1 
ATOM   15   C  C   . SER A 1 3   ? -9.626  -18.176 2.054   1.00 36.37 ? 3   SER X C   1 
ATOM   16   O  O   . SER A 1 3   ? -9.195  -17.142 1.518   1.00 34.67 ? 3   SER X O   1 
ATOM   17   C  CB  . SER A 1 3   ? -11.381 -18.519 3.910   1.00 36.13 ? 3   SER X CB  1 
ATOM   18   O  OG  . SER A 1 3   ? -12.254 -17.494 3.529   1.00 35.83 ? 3   SER X OG  1 
ATOM   19   N  N   . ASP A 1 4   ? -9.820  -19.320 1.403   1.00 36.50 ? 4   ASP X N   1 
ATOM   20   C  CA  . ASP A 1 4   ? -9.817  -19.431 -0.032  1.00 36.90 ? 4   ASP X CA  1 
ATOM   21   C  C   . ASP A 1 4   ? -10.725 -18.477 -0.726  1.00 36.07 ? 4   ASP X C   1 
ATOM   22   O  O   . ASP A 1 4   ? -10.297 -17.880 -1.674  1.00 37.85 ? 4   ASP X O   1 
ATOM   23   C  CB  . ASP A 1 4   ? -10.184 -20.844 -0.438  1.00 38.25 ? 4   ASP X CB  1 
ATOM   24   C  CG  . ASP A 1 4   ? -8.978  -21.734 -0.530  1.00 42.20 ? 4   ASP X CG  1 
ATOM   25   O  OD1 . ASP A 1 4   ? -7.843  -21.206 -0.495  1.00 47.97 ? 4   ASP X OD1 1 
ATOM   26   O  OD2 . ASP A 1 4   ? -9.163  -22.960 -0.641  1.00 47.96 ? 4   ASP X OD2 1 
ATOM   27   N  N   . GLY A 1 5   ? -11.985 -18.360 -0.286  1.00 35.08 ? 5   GLY X N   1 
ATOM   28   C  CA  . GLY A 1 5   ? -12.922 -17.376 -0.800  1.00 33.74 ? 5   GLY X CA  1 
ATOM   29   C  C   . GLY A 1 5   ? -12.454 -15.962 -0.517  1.00 32.96 ? 5   GLY X C   1 
ATOM   30   O  O   . GLY A 1 5   ? -12.669 -15.074 -1.319  1.00 32.09 ? 5   GLY X O   1 
ATOM   31   N  N   . GLU A 1 6   ? -11.805 -15.754 0.633   1.00 32.26 ? 6   GLU X N   1 
ATOM   32   C  CA  . GLU A 1 6   ? -11.306 -14.426 0.979   1.00 31.52 ? 6   GLU X CA  1 
ATOM   33   C  C   . GLU A 1 6   ? -10.149 -13.984 0.032   1.00 29.50 ? 6   GLU X C   1 
ATOM   34   O  O   . GLU A 1 6   ? -10.152 -12.878 -0.476  1.00 29.63 ? 6   GLU X O   1 
ATOM   35   C  CB  . GLU A 1 6   ? -10.919 -14.359 2.479   1.00 31.06 ? 6   GLU X CB  1 
ATOM   36   C  CG  . GLU A 1 6   ? -12.070 -14.033 3.386   1.00 31.73 ? 6   GLU X CG  1 
ATOM   37   C  CD  . GLU A 1 6   ? -11.773 -14.243 4.858   1.00 34.43 ? 6   GLU X CD  1 
ATOM   38   O  OE1 . GLU A 1 6   ? -10.723 -14.838 5.214   1.00 33.87 ? 6   GLU X OE1 1 
ATOM   39   O  OE2 . GLU A 1 6   ? -12.625 -13.810 5.687   1.00 39.71 ? 6   GLU X OE2 1 
ATOM   40   N  N   . TRP A 1 7   ? -9.173  -14.856 -0.203  1.00 29.50 ? 7   TRP X N   1 
ATOM   41   C  CA  . TRP A 1 7   ? -8.162  -14.611 -1.241  1.00 28.98 ? 7   TRP X CA  1 
ATOM   42   C  C   . TRP A 1 7   ? -8.747  -14.398 -2.608  1.00 28.13 ? 7   TRP X C   1 
ATOM   43   O  O   . TRP A 1 7   ? -8.280  -13.534 -3.324  1.00 26.70 ? 7   TRP X O   1 
ATOM   44   C  CB  . TRP A 1 7   ? -7.154  -15.725 -1.319  1.00 28.38 ? 7   TRP X CB  1 
ATOM   45   C  CG  . TRP A 1 7   ? -6.235  -15.752 -0.163  1.00 30.91 ? 7   TRP X CG  1 
ATOM   46   C  CD1 . TRP A 1 7   ? -6.018  -16.825 0.700   1.00 30.01 ? 7   TRP X CD1 1 
ATOM   47   C  CD2 . TRP A 1 7   ? -5.377  -14.672 0.298   1.00 30.50 ? 7   TRP X CD2 1 
ATOM   48   N  NE1 . TRP A 1 7   ? -5.058  -16.467 1.644   1.00 30.73 ? 7   TRP X NE1 1 
ATOM   49   C  CE2 . TRP A 1 7   ? -4.653  -15.163 1.424   1.00 30.62 ? 7   TRP X CE2 1 
ATOM   50   C  CE3 . TRP A 1 7   ? -5.127  -13.334 -0.153  1.00 29.48 ? 7   TRP X CE3 1 
ATOM   51   C  CZ2 . TRP A 1 7   ? -3.704  -14.345 2.145   1.00 25.87 ? 7   TRP X CZ2 1 
ATOM   52   C  CZ3 . TRP A 1 7   ? -4.151  -12.524 0.558   1.00 29.06 ? 7   TRP X CZ3 1 
ATOM   53   C  CH2 . TRP A 1 7   ? -3.477  -13.046 1.694   1.00 28.86 ? 7   TRP X CH2 1 
ATOM   54   N  N   . GLN A 1 8   ? -9.781  -15.154 -2.977  1.00 28.66 ? 8   GLN X N   1 
ATOM   55   C  CA  . GLN A 1 8   ? -10.372 -14.985 -4.319  1.00 30.34 ? 8   GLN X CA  1 
ATOM   56   C  C   . GLN A 1 8   ? -10.922 -13.585 -4.482  1.00 29.14 ? 8   GLN X C   1 
ATOM   57   O  O   . GLN A 1 8   ? -10.693 -12.916 -5.510  1.00 29.57 ? 8   GLN X O   1 
ATOM   58   C  CB  . GLN A 1 8   ? -11.376 -16.100 -4.647  1.00 30.61 ? 8   GLN X CB  1 
ATOM   59   C  CG  . GLN A 1 8   ? -11.916 -16.029 -6.044  1.00 36.31 ? 8   GLN X CG  1 
ATOM   60   C  CD  . GLN A 1 8   ? -13.144 -16.887 -6.250  1.00 41.67 ? 8   GLN X CD  1 
ATOM   61   O  OE1 . GLN A 1 8   ? -14.011 -16.980 -5.373  1.00 45.23 ? 8   GLN X OE1 1 
ATOM   62   N  NE2 . GLN A 1 8   ? -13.240 -17.508 -7.435  1.00 46.65 ? 8   GLN X NE2 1 
ATOM   63   N  N   . GLN A 1 9   ? -11.591 -13.115 -3.427  1.00 28.54 ? 9   GLN X N   1 
ATOM   64   C  CA  . GLN A 1 9   ? -12.089 -11.749 -3.377  1.00 28.70 ? 9   GLN X CA  1 
ATOM   65   C  C   . GLN A 1 9   ? -11.005 -10.689 -3.433  1.00 26.33 ? 9   GLN X C   1 
ATOM   66   O  O   . GLN A 1 9   ? -11.146 -9.692  -4.162  1.00 27.31 ? 9   GLN X O   1 
ATOM   67   C  CB  . GLN A 1 9   ? -12.960 -11.511 -2.146  1.00 28.54 ? 9   GLN X CB  1 
ATOM   68   C  CG  . GLN A 1 9   ? -14.276 -12.353 -2.106  1.00 33.66 ? 9   GLN X CG  1 
ATOM   69   C  CD  . GLN A 1 9   ? -15.511 -11.541 -1.851  1.00 33.69 ? 9   GLN X CD  1 
ATOM   70   O  OE1 . GLN A 1 9   ? -15.987 -11.455 -0.709  1.00 37.77 ? 9   GLN X OE1 1 
ATOM   71   N  NE2 . GLN A 1 9   ? -16.030 -10.886 -2.904  1.00 35.37 ? 9   GLN X NE2 1 
ATOM   72   N  N   . VAL A 1 10  ? -9.955  -10.877 -2.645  1.00 24.98 ? 10  VAL X N   1 
ATOM   73   C  CA  . VAL A 1 10  ? -8.767  -9.999  -2.716  1.00 24.78 ? 10  VAL X CA  1 
ATOM   74   C  C   . VAL A 1 10  ? -8.206  -9.872  -4.167  1.00 24.50 ? 10  VAL X C   1 
ATOM   75   O  O   . VAL A 1 10  ? -7.976  -8.781  -4.651  1.00 24.73 ? 10  VAL X O   1 
ATOM   76   C  CB  . VAL A 1 10  ? -7.614  -10.414 -1.659  1.00 21.83 ? 10  VAL X CB  1 
ATOM   77   C  CG1 . VAL A 1 10  ? -6.264  -9.692  -1.933  1.00 22.20 ? 10  VAL X CG1 1 
ATOM   78   C  CG2 . VAL A 1 10  ? -8.056  -10.137 -0.297  1.00 23.10 ? 10  VAL X CG2 1 
ATOM   79   N  N   . LEU A 1 11  ? -7.987  -11.007 -4.813  1.00 25.45 ? 11  LEU X N   1 
ATOM   80   C  CA  . LEU A 1 11  ? -7.342  -11.075 -6.101  1.00 27.37 ? 11  LEU X CA  1 
ATOM   81   C  C   . LEU A 1 11  ? -8.275  -10.574 -7.260  1.00 27.31 ? 11  LEU X C   1 
ATOM   82   O  O   . LEU A 1 11  ? -7.833  -9.983  -8.226  1.00 27.63 ? 11  LEU X O   1 
ATOM   83   C  CB  . LEU A 1 11  ? -6.755  -12.493 -6.289  1.00 27.35 ? 11  LEU X CB  1 
ATOM   84   C  CG  . LEU A 1 11  ? -5.570  -12.786 -5.351  1.00 27.85 ? 11  LEU X CG  1 
ATOM   85   C  CD1 . LEU A 1 11  ? -4.855  -14.077 -5.631  1.00 24.52 ? 11  LEU X CD1 1 
ATOM   86   C  CD2 . LEU A 1 11  ? -4.505  -11.633 -5.374  1.00 27.24 ? 11  LEU X CD2 1 
ATOM   87   N  N   . ASN A 1 12  ? -9.582  -10.734 -7.100  1.00 28.47 ? 12  ASN X N   1 
ATOM   88   C  CA  . ASN A 1 12  ? -10.537 -10.228 -8.065  1.00 28.34 ? 12  ASN X CA  1 
ATOM   89   C  C   . ASN A 1 12  ? -10.516 -8.709  -8.088  1.00 27.89 ? 12  ASN X C   1 
ATOM   90   O  O   . ASN A 1 12  ? -10.541 -8.077  -9.156  1.00 25.77 ? 12  ASN X O   1 
ATOM   91   C  CB  . ASN A 1 12  ? -11.975 -10.703 -7.692  1.00 29.18 ? 12  ASN X CB  1 
ATOM   92   C  CG  . ASN A 1 12  ? -13.022 -10.178 -8.655  1.00 30.37 ? 12  ASN X CG  1 
ATOM   93   O  OD1 . ASN A 1 12  ? -13.833 -9.295  -8.341  1.00 34.15 ? 12  ASN X OD1 1 
ATOM   94   N  ND2 . ASN A 1 12  ? -12.968 -10.686 -9.864  1.00 34.62 ? 12  ASN X ND2 1 
ATOM   95   N  N   . VAL A 1 13  ? -10.501 -8.148  -6.882  1.00 28.08 ? 13  VAL X N   1 
ATOM   96   C  CA  . VAL A 1 13  ? -10.358 -6.707  -6.688  1.00 28.85 ? 13  VAL X CA  1 
ATOM   97   C  C   . VAL A 1 13  ? -9.015  -6.235  -7.189  1.00 29.36 ? 13  VAL X C   1 
ATOM   98   O  O   . VAL A 1 13  ? -8.944  -5.174  -7.800  1.00 30.32 ? 13  VAL X O   1 
ATOM   99   C  CB  . VAL A 1 13  ? -10.577 -6.293  -5.220  1.00 28.58 ? 13  VAL X CB  1 
ATOM   100  C  CG1 . VAL A 1 13  ? -10.146 -4.808  -4.938  1.00 29.97 ? 13  VAL X CG1 1 
ATOM   101  C  CG2 . VAL A 1 13  ? -12.042 -6.497  -4.867  1.00 32.20 ? 13  VAL X CG2 1 
ATOM   102  N  N   . TRP A 1 14  ? -7.945  -6.990  -6.938  1.00 29.41 ? 14  TRP X N   1 
ATOM   103  C  CA  . TRP A 1 14  ? -6.648  -6.588  -7.504  1.00 31.65 ? 14  TRP X CA  1 
ATOM   104  C  C   . TRP A 1 14  ? -6.568  -6.659  -9.051  1.00 32.32 ? 14  TRP X C   1 
ATOM   105  O  O   . TRP A 1 14  ? -5.751  -5.992  -9.685  1.00 33.30 ? 14  TRP X O   1 
ATOM   106  C  CB  . TRP A 1 14  ? -5.516  -7.388  -6.858  1.00 30.55 ? 14  TRP X CB  1 
ATOM   107  C  CG  . TRP A 1 14  ? -4.245  -6.764  -7.086  1.00 33.09 ? 14  TRP X CG  1 
ATOM   108  C  CD1 . TRP A 1 14  ? -3.319  -7.104  -8.045  1.00 34.17 ? 14  TRP X CD1 1 
ATOM   109  C  CD2 . TRP A 1 14  ? -3.704  -5.652  -6.380  1.00 30.24 ? 14  TRP X CD2 1 
ATOM   110  N  NE1 . TRP A 1 14  ? -2.242  -6.265  -7.976  1.00 30.98 ? 14  TRP X NE1 1 
ATOM   111  C  CE2 . TRP A 1 14  ? -2.443  -5.369  -6.963  1.00 30.16 ? 14  TRP X CE2 1 
ATOM   112  C  CE3 . TRP A 1 14  ? -4.168  -4.851  -5.328  1.00 32.65 ? 14  TRP X CE3 1 
ATOM   113  C  CZ2 . TRP A 1 14  ? -1.623  -4.319  -6.514  1.00 30.01 ? 14  TRP X CZ2 1 
ATOM   114  C  CZ3 . TRP A 1 14  ? -3.356  -3.806  -4.872  1.00 33.83 ? 14  TRP X CZ3 1 
ATOM   115  C  CH2 . TRP A 1 14  ? -2.089  -3.564  -5.454  1.00 30.20 ? 14  TRP X CH2 1 
ATOM   116  N  N   . GLY A 1 15  ? -7.402  -7.512  -9.638  1.00 33.45 ? 15  GLY X N   1 
ATOM   117  C  CA  . GLY A 1 15  ? -7.762  -7.427  -11.051 1.00 33.67 ? 15  GLY X CA  1 
ATOM   118  C  C   . GLY A 1 15  ? -8.087  -6.027  -11.554 1.00 32.98 ? 15  GLY X C   1 
ATOM   119  O  O   . GLY A 1 15  ? -7.682  -5.656  -12.649 1.00 33.66 ? 15  GLY X O   1 
ATOM   120  N  N   . LYS A 1 16  ? -8.796  -5.233  -10.770 1.00 34.00 ? 16  LYS X N   1 
ATOM   121  C  CA  . LYS A 1 16  ? -9.150  -3.868  -11.180 1.00 35.64 ? 16  LYS X CA  1 
ATOM   122  C  C   . LYS A 1 16  ? -8.074  -2.794  -10.946 1.00 35.05 ? 16  LYS X C   1 
ATOM   123  O  O   . LYS A 1 16  ? -8.066  -1.780  -11.683 1.00 36.14 ? 16  LYS X O   1 
ATOM   124  C  CB  . LYS A 1 16  ? -10.421 -3.396  -10.475 1.00 35.08 ? 16  LYS X CB  1 
ATOM   125  C  CG  . LYS A 1 16  ? -11.591 -4.371  -10.432 1.00 38.19 ? 16  LYS X CG  1 
ATOM   126  C  CD  . LYS A 1 16  ? -12.646 -3.744  -9.447  1.00 38.84 ? 16  LYS X CD  1 
ATOM   127  C  CE  . LYS A 1 16  ? -14.001 -4.428  -9.575  1.00 45.30 ? 16  LYS X CE  1 
ATOM   128  N  NZ  . LYS A 1 16  ? -13.987 -5.870  -9.240  1.00 45.91 ? 16  LYS X NZ  1 
ATOM   129  N  N   . VAL A 1 17  ? -7.238  -2.974  -9.910  1.00 33.50 ? 17  VAL X N   1 
ATOM   130  C  CA  . VAL A 1 17  ? -6.003  -2.191  -9.742  1.00 32.53 ? 17  VAL X CA  1 
ATOM   131  C  C   . VAL A 1 17  ? -5.074  -2.388  -10.911 1.00 32.96 ? 17  VAL X C   1 
ATOM   132  O  O   . VAL A 1 17  ? -4.421  -1.449  -11.335 1.00 34.64 ? 17  VAL X O   1 
ATOM   133  C  CB  . VAL A 1 17  ? -5.210  -2.516  -8.401  1.00 32.10 ? 17  VAL X CB  1 
ATOM   134  C  CG1 . VAL A 1 17  ? -3.941  -1.624  -8.234  1.00 25.37 ? 17  VAL X CG1 1 
ATOM   135  C  CG2 . VAL A 1 17  ? -6.132  -2.446  -7.201  1.00 31.18 ? 17  VAL X CG2 1 
ATOM   136  N  N   . GLU A 1 18  ? -5.011  -3.593  -11.464 1.00 33.75 ? 18  GLU X N   1 
ATOM   137  C  CA  . GLU A 1 18  ? -4.023  -3.821  -12.522 1.00 33.85 ? 18  GLU X CA  1 
ATOM   138  C  C   . GLU A 1 18  ? -4.375  -3.274  -13.904 1.00 34.94 ? 18  GLU X C   1 
ATOM   139  O  O   . GLU A 1 18  ? -3.499  -3.258  -14.791 1.00 36.32 ? 18  GLU X O   1 
ATOM   140  C  CB  . GLU A 1 18  ? -3.709  -5.264  -12.630 1.00 33.44 ? 18  GLU X CB  1 
ATOM   141  C  CG  . GLU A 1 18  ? -2.845  -5.753  -11.585 1.00 35.51 ? 18  GLU X CG  1 
ATOM   142  C  CD  . GLU A 1 18  ? -2.665  -7.245  -11.692 1.00 37.15 ? 18  GLU X CD  1 
ATOM   143  O  OE1 . GLU A 1 18  ? -3.286  -7.849  -12.602 1.00 40.28 ? 18  GLU X OE1 1 
ATOM   144  O  OE2 . GLU A 1 18  ? -1.918  -7.816  -10.876 1.00 39.03 ? 18  GLU X OE2 1 
ATOM   145  N  N   . ALA A 1 19  ? -5.624  -2.826  -14.086 1.00 34.04 ? 19  ALA X N   1 
ATOM   146  C  CA  . ALA A 1 19  ? -6.110  -2.179  -15.329 1.00 35.73 ? 19  ALA X CA  1 
ATOM   147  C  C   . ALA A 1 19  ? -5.555  -0.791  -15.451 1.00 35.62 ? 19  ALA X C   1 
ATOM   148  O  O   . ALA A 1 19  ? -5.344  -0.285  -16.587 1.00 36.34 ? 19  ALA X O   1 
ATOM   149  C  CB  . ALA A 1 19  ? -7.667  -2.070  -15.358 1.00 33.16 ? 19  ALA X CB  1 
ATOM   150  N  N   . ASP A 1 20  ? -5.415  -0.152  -14.280 1.00 35.71 ? 20  ASP X N   1 
ATOM   151  C  CA  . ASP A 1 20  ? -4.759  1.127   -14.175 1.00 35.28 ? 20  ASP X CA  1 
ATOM   152  C  C   . ASP A 1 20  ? -3.908  1.289   -12.874 1.00 34.94 ? 20  ASP X C   1 
ATOM   153  O  O   . ASP A 1 20  ? -4.278  2.005   -11.934 1.00 33.94 ? 20  ASP X O   1 
ATOM   154  C  CB  . ASP A 1 20  ? -5.788  2.236   -14.366 1.00 35.41 ? 20  ASP X CB  1 
ATOM   155  C  CG  . ASP A 1 20  ? -5.149  3.588   -14.455 1.00 35.12 ? 20  ASP X CG  1 
ATOM   156  O  OD1 . ASP A 1 20  ? -3.930  3.652   -14.711 1.00 34.33 ? 20  ASP X OD1 1 
ATOM   157  O  OD2 . ASP A 1 20  ? -5.864  4.581   -14.235 1.00 36.45 ? 20  ASP X OD2 1 
ATOM   158  N  N   . ILE A 1 21  ? -2.762  0.619   -12.905 1.00 34.34 ? 21  ILE X N   1 
ATOM   159  C  CA  . ILE A 1 21  ? -1.838  0.464   -11.811 1.00 34.61 ? 21  ILE X CA  1 
ATOM   160  C  C   . ILE A 1 21  ? -1.214  1.845   -11.457 1.00 33.78 ? 21  ILE X C   1 
ATOM   161  O  O   . ILE A 1 21  ? -1.215  2.270   -10.275 1.00 33.08 ? 21  ILE X O   1 
ATOM   162  C  CB  . ILE A 1 21  ? -0.801  -0.652  -12.197 1.00 34.78 ? 21  ILE X CB  1 
ATOM   163  C  CG1 . ILE A 1 21  ? -0.132  -1.327  -10.992 1.00 36.42 ? 21  ILE X CG1 1 
ATOM   164  C  CG2 . ILE A 1 21  ? 0.305   -0.110  -13.181 1.00 37.27 ? 21  ILE X CG2 1 
ATOM   165  C  CD1 . ILE A 1 21  ? -0.515  -2.747  -10.793 1.00 34.20 ? 21  ILE X CD1 1 
ATOM   166  N  N   . ALA A 1 22  ? -0.751  2.562   -12.493 1.00 32.56 ? 22  ALA X N   1 
ATOM   167  C  CA  . ALA A 1 22  ? -0.167  3.904   -12.345 1.00 31.55 ? 22  ALA X CA  1 
ATOM   168  C  C   . ALA A 1 22  ? -1.147  4.926   -11.706 1.00 30.83 ? 22  ALA X C   1 
ATOM   169  O  O   . ALA A 1 22  ? -0.738  5.688   -10.832 1.00 30.08 ? 22  ALA X O   1 
ATOM   170  C  CB  . ALA A 1 22  ? 0.392   4.477   -13.753 1.00 32.38 ? 22  ALA X CB  1 
ATOM   171  N  N   . GLY A 1 23  ? -2.404  4.959   -12.174 1.00 29.76 ? 23  GLY X N   1 
ATOM   172  C  CA  . GLY A 1 23  ? -3.396  5.925   -11.697 1.00 28.09 ? 23  GLY X CA  1 
ATOM   173  C  C   . GLY A 1 23  ? -3.943  5.607   -10.319 1.00 28.23 ? 23  GLY X C   1 
ATOM   174  O  O   . GLY A 1 23  ? -4.217  6.504   -9.536  1.00 26.82 ? 23  GLY X O   1 
ATOM   175  N  N   . HIS A 1 24  ? -4.118  4.312   -10.022 1.00 28.64 ? 24  HIS X N   1 
ATOM   176  C  CA  . HIS A 1 24  ? -4.326  3.849   -8.654  1.00 27.18 ? 24  HIS X CA  1 
ATOM   177  C  C   . HIS A 1 24  ? -3.189  4.190   -7.719  1.00 27.66 ? 24  HIS X C   1 
ATOM   178  O  O   . HIS A 1 24  ? -3.438  4.672   -6.624  1.00 26.30 ? 24  HIS X O   1 
ATOM   179  C  CB  . HIS A 1 24  ? -4.469  2.335   -8.607  1.00 26.53 ? 24  HIS X CB  1 
ATOM   180  C  CG  . HIS A 1 24  ? -5.812  1.853   -9.019  1.00 28.04 ? 24  HIS X CG  1 
ATOM   181  N  ND1 . HIS A 1 24  ? -6.162  1.671   -10.342 1.00 31.31 ? 24  HIS X ND1 1 
ATOM   182  C  CD2 . HIS A 1 24  ? -6.906  1.532   -8.289  1.00 25.85 ? 24  HIS X CD2 1 
ATOM   183  C  CE1 . HIS A 1 24  ? -7.396  1.206   -10.400 1.00 29.93 ? 24  HIS X CE1 1 
ATOM   184  N  NE2 . HIS A 1 24  ? -7.878  1.142   -9.171  1.00 29.77 ? 24  HIS X NE2 1 
ATOM   185  N  N   . GLY A 1 25  ? -1.955  3.890   -8.127  1.00 27.50 ? 25  GLY X N   1 
ATOM   186  C  CA  . GLY A 1 25  ? -0.779  4.141   -7.293  1.00 27.80 ? 25  GLY X CA  1 
ATOM   187  C  C   . GLY A 1 25  ? -0.588  5.577   -6.917  1.00 28.04 ? 25  GLY X C   1 
ATOM   188  O  O   . GLY A 1 25  ? -0.252  5.916   -5.775  1.00 28.08 ? 25  GLY X O   1 
ATOM   189  N  N   . GLN A 1 26  ? -0.750  6.428   -7.914  1.00 29.15 ? 26  GLN X N   1 
ATOM   190  C  CA  . GLN A 1 26  ? -0.721  7.878   -7.718  1.00 29.00 ? 26  GLN X CA  1 
ATOM   191  C  C   . GLN A 1 26  ? -1.827  8.388   -6.781  1.00 27.65 ? 26  GLN X C   1 
ATOM   192  O  O   . GLN A 1 26  ? -1.535  9.202   -5.927  1.00 24.95 ? 26  GLN X O   1 
ATOM   193  C  CB  . GLN A 1 26  ? -0.794  8.599   -9.047  1.00 29.64 ? 26  GLN X CB  1 
ATOM   194  C  CG  . GLN A 1 26  ? -1.351  10.005  -8.955  1.00 35.06 ? 26  GLN X CG  1 
ATOM   195  C  CD  . GLN A 1 26  ? -1.359  10.697  -10.283 1.00 42.91 ? 26  GLN X CD  1 
ATOM   196  O  OE1 . GLN A 1 26  ? -0.310  11.119  -10.790 1.00 44.63 ? 26  GLN X OE1 1 
ATOM   197  N  NE2 . GLN A 1 26  ? -2.534  10.798  -10.868 1.00 42.05 ? 26  GLN X NE2 1 
ATOM   198  N  N   . GLU A 1 27  ? -3.074  7.964   -6.994  1.00 26.70 ? 27  GLU X N   1 
ATOM   199  C  CA  . GLU A 1 27  ? -4.144  8.324   -6.025  1.00 28.75 ? 27  GLU X CA  1 
ATOM   200  C  C   . GLU A 1 27  ? -3.905  7.833   -4.591  1.00 25.03 ? 27  GLU X C   1 
ATOM   201  O  O   . GLU A 1 27  ? -4.140  8.571   -3.623  1.00 24.08 ? 27  GLU X O   1 
ATOM   202  C  CB  . GLU A 1 27  ? -5.497  7.849   -6.489  1.00 27.65 ? 27  GLU X CB  1 
ATOM   203  C  CG  . GLU A 1 27  ? -6.027  8.643   -7.715  1.00 34.32 ? 27  GLU X CG  1 
ATOM   204  C  CD  . GLU A 1 27  ? -7.488  8.293   -8.021  1.00 35.85 ? 27  GLU X CD  1 
ATOM   205  O  OE1 . GLU A 1 27  ? -8.386  8.443   -7.102  1.00 43.12 ? 27  GLU X OE1 1 
ATOM   206  O  OE2 . GLU A 1 27  ? -7.715  7.841   -9.171  1.00 41.61 ? 27  GLU X OE2 1 
ATOM   207  N  N   . VAL A 1 28  ? -3.490  6.579   -4.451  1.00 24.08 ? 28  VAL X N   1 
ATOM   208  C  CA  . VAL A 1 28  ? -2.945  6.122   -3.165  1.00 23.54 ? 28  VAL X CA  1 
ATOM   209  C  C   . VAL A 1 28  ? -1.942  7.147   -2.557  1.00 22.38 ? 28  VAL X C   1 
ATOM   210  O  O   . VAL A 1 28  ? -2.096  7.612   -1.402  1.00 22.70 ? 28  VAL X O   1 
ATOM   211  C  CB  . VAL A 1 28  ? -2.446  4.569   -3.215  1.00 24.25 ? 28  VAL X CB  1 
ATOM   212  C  CG1 . VAL A 1 28  ? -1.818  4.121   -1.904  1.00 23.73 ? 28  VAL X CG1 1 
ATOM   213  C  CG2 . VAL A 1 28  ? -3.574  3.637   -3.541  1.00 21.03 ? 28  VAL X CG2 1 
ATOM   214  N  N   . LEU A 1 29  ? -0.872  7.477   -3.286  1.00 21.67 ? 29  LEU X N   1 
ATOM   215  C  CA  . LEU A 1 29  ? 0.182   8.276   -2.670  1.00 22.20 ? 29  LEU X CA  1 
ATOM   216  C  C   . LEU A 1 29  ? -0.365  9.683   -2.309  1.00 23.73 ? 29  LEU X C   1 
ATOM   217  O  O   . LEU A 1 29  ? -0.025  10.245  -1.280  1.00 24.73 ? 29  LEU X O   1 
ATOM   218  C  CB  . LEU A 1 29  ? 1.447   8.316   -3.573  1.00 22.07 ? 29  LEU X CB  1 
ATOM   219  C  CG  . LEU A 1 29  ? 2.409   7.074   -3.615  1.00 23.06 ? 29  LEU X CG  1 
ATOM   220  C  CD1 . LEU A 1 29  ? 3.749   7.403   -4.344  1.00 20.66 ? 29  LEU X CD1 1 
ATOM   221  C  CD2 . LEU A 1 29  ? 2.693   6.429   -2.205  1.00 18.56 ? 29  LEU X CD2 1 
ATOM   222  N  N   . ILE A 1 30  ? -1.242  10.222  -3.149  1.00 24.06 ? 30  ILE X N   1 
ATOM   223  C  CA  . ILE A 1 30  ? -1.807  11.578  -2.962  1.00 25.54 ? 30  ILE X CA  1 
ATOM   224  C  C   . ILE A 1 30  ? -2.718  11.598  -1.717  1.00 24.75 ? 30  ILE X C   1 
ATOM   225  O  O   . ILE A 1 30  ? -2.624  12.496  -0.878  1.00 23.49 ? 30  ILE X O   1 
ATOM   226  C  CB  . ILE A 1 30  ? -2.537  12.070  -4.292  1.00 25.82 ? 30  ILE X CB  1 
ATOM   227  C  CG1 . ILE A 1 30  ? -1.463  12.555  -5.302  1.00 26.50 ? 30  ILE X CG1 1 
ATOM   228  C  CG2 . ILE A 1 30  ? -3.568  13.176  -4.034  1.00 26.14 ? 30  ILE X CG2 1 
ATOM   229  C  CD1 . ILE A 1 30  ? -2.046  13.041  -6.637  1.00 26.27 ? 30  ILE X CD1 1 
ATOM   230  N  N   . ARG A 1 31  ? -3.528  10.557  -1.571  1.00 24.94 ? 31  ARG X N   1 
ATOM   231  C  CA  . ARG A 1 31  ? -4.340  10.353  -0.325  1.00 25.46 ? 31  ARG X CA  1 
ATOM   232  C  C   . ARG A 1 31  ? -3.454  10.330  0.910   1.00 25.57 ? 31  ARG X C   1 
ATOM   233  O  O   . ARG A 1 31  ? -3.708  11.067  1.880   1.00 27.54 ? 31  ARG X O   1 
ATOM   234  C  CB  . ARG A 1 31  ? -5.245  9.131   -0.443  1.00 24.62 ? 31  ARG X CB  1 
ATOM   235  C  CG  . ARG A 1 31  ? -6.255  8.947   0.704   1.00 26.61 ? 31  ARG X CG  1 
ATOM   236  C  CD  . ARG A 1 31  ? -7.183  10.152  1.006   1.00 33.06 ? 31  ARG X CD  1 
ATOM   237  N  NE  . ARG A 1 31  ? -7.958  9.835   2.220   1.00 37.10 ? 31  ARG X NE  1 
ATOM   238  C  CZ  . ARG A 1 31  ? -9.010  10.494  2.730   1.00 38.80 ? 31  ARG X CZ  1 
ATOM   239  N  NH1 . ARG A 1 31  ? -9.516  11.579  2.151   1.00 38.93 ? 31  ARG X NH1 1 
ATOM   240  N  NH2 . ARG A 1 31  ? -9.572  10.047  3.867   1.00 36.43 ? 31  ARG X NH2 1 
ATOM   241  N  N   . LEU A 1 32  ? -2.377  9.548   0.855   1.00 23.87 ? 32  LEU X N   1 
ATOM   242  C  CA  . LEU A 1 32  ? -1.417  9.460   1.910   1.00 23.66 ? 32  LEU X CA  1 
ATOM   243  C  C   . LEU A 1 32  ? -0.769  10.781  2.304   1.00 24.01 ? 32  LEU X C   1 
ATOM   244  O  O   . LEU A 1 32  ? -0.795  11.138  3.468   1.00 23.32 ? 32  LEU X O   1 
ATOM   245  C  CB  . LEU A 1 32  ? -0.339  8.439   1.570   1.00 23.90 ? 32  LEU X CB  1 
ATOM   246  C  CG  . LEU A 1 32  ? 0.829   8.287   2.560   1.00 24.22 ? 32  LEU X CG  1 
ATOM   247  C  CD1 . LEU A 1 32  ? 0.306   7.753   3.873   1.00 27.19 ? 32  LEU X CD1 1 
ATOM   248  C  CD2 . LEU A 1 32  ? 1.837   7.346   1.985   1.00 25.49 ? 32  LEU X CD2 1 
ATOM   249  N  N   . PHE A 1 33  ? -0.167  11.483  1.338   1.00 24.23 ? 33  PHE X N   1 
ATOM   250  C  CA  . PHE A 1 33  ? 0.546   12.739  1.609   1.00 24.82 ? 33  PHE X CA  1 
ATOM   251  C  C   . PHE A 1 33  ? -0.307  13.889  2.102   1.00 26.66 ? 33  PHE X C   1 
ATOM   252  O  O   . PHE A 1 33  ? 0.187   14.770  2.859   1.00 25.07 ? 33  PHE X O   1 
ATOM   253  C  CB  . PHE A 1 33  ? 1.297   13.215  0.362   1.00 23.93 ? 33  PHE X CB  1 
ATOM   254  C  CG  . PHE A 1 33  ? 2.314   12.220  -0.142  1.00 25.83 ? 33  PHE X CG  1 
ATOM   255  C  CD1 . PHE A 1 33  ? 2.902   11.305  0.729   1.00 21.78 ? 33  PHE X CD1 1 
ATOM   256  C  CD2 . PHE A 1 33  ? 2.690   12.204  -1.486  1.00 23.61 ? 33  PHE X CD2 1 
ATOM   257  C  CE1 . PHE A 1 33  ? 3.854   10.374  0.275   1.00 18.25 ? 33  PHE X CE1 1 
ATOM   258  C  CE2 . PHE A 1 33  ? 3.637   11.296  -1.945  1.00 21.02 ? 33  PHE X CE2 1 
ATOM   259  C  CZ  . PHE A 1 33  ? 4.214   10.373  -1.069  1.00 22.08 ? 33  PHE X CZ  1 
ATOM   260  N  N   . THR A 1 34  ? -1.545  13.937  1.621   1.00 27.22 ? 34  THR X N   1 
ATOM   261  C  CA  . THR A 1 34  ? -2.422  15.025  1.986   1.00 29.22 ? 34  THR X CA  1 
ATOM   262  C  C   . THR A 1 34  ? -3.122  14.803  3.353   1.00 30.88 ? 34  THR X C   1 
ATOM   263  O  O   . THR A 1 34  ? -3.345  15.769  4.116   1.00 30.60 ? 34  THR X O   1 
ATOM   264  C  CB  . THR A 1 34  ? -3.421  15.347  0.839   1.00 29.35 ? 34  THR X CB  1 
ATOM   265  O  OG1 . THR A 1 34  ? -4.272  14.227  0.601   1.00 32.28 ? 34  THR X OG1 1 
ATOM   266  C  CG2 . THR A 1 34  ? -2.648  15.727  -0.458  1.00 27.80 ? 34  THR X CG2 1 
ATOM   267  N  N   . GLY A 1 35  ? -3.463  13.551  3.663   1.00 30.25 ? 35  GLY X N   1 
ATOM   268  C  CA  . GLY A 1 35  ? -4.024  13.215  4.951   1.00 30.41 ? 35  GLY X CA  1 
ATOM   269  C  C   . GLY A 1 35  ? -2.949  13.207  6.026   1.00 29.90 ? 35  GLY X C   1 
ATOM   270  O  O   . GLY A 1 35  ? -3.273  13.448  7.192   1.00 29.86 ? 35  GLY X O   1 
ATOM   271  N  N   . HIS A 1 36  ? -1.688  12.946  5.637   1.00 28.34 ? 36  HIS X N   1 
ATOM   272  C  CA  . HIS A 1 36  ? -0.573  12.724  6.585   1.00 27.99 ? 36  HIS X CA  1 
ATOM   273  C  C   . HIS A 1 36  ? 0.720   13.316  6.073   1.00 28.58 ? 36  HIS X C   1 
ATOM   274  O  O   . HIS A 1 36  ? 1.610   12.591  5.621   1.00 29.32 ? 36  HIS X O   1 
ATOM   275  C  CB  . HIS A 1 36  ? -0.387  11.222  6.918   1.00 26.59 ? 36  HIS X CB  1 
ATOM   276  C  CG  . HIS A 1 36  ? -1.660  10.545  7.309   1.00 24.99 ? 36  HIS X CG  1 
ATOM   277  N  ND1 . HIS A 1 36  ? -2.168  10.586  8.600   1.00 21.23 ? 36  HIS X ND1 1 
ATOM   278  C  CD2 . HIS A 1 36  ? -2.557  9.847   6.571   1.00 24.04 ? 36  HIS X CD2 1 
ATOM   279  C  CE1 . HIS A 1 36  ? -3.302  9.899   8.642   1.00 17.85 ? 36  HIS X CE1 1 
ATOM   280  N  NE2 . HIS A 1 36  ? -3.571  9.468   7.421   1.00 22.51 ? 36  HIS X NE2 1 
ATOM   281  N  N   . PRO A 1 37  ? 0.827   14.652  6.126   1.00 28.06 ? 37  PRO X N   1 
ATOM   282  C  CA  . PRO A 1 37  ? 1.945   15.339  5.488   1.00 27.81 ? 37  PRO X CA  1 
ATOM   283  C  C   . PRO A 1 37  ? 3.336   15.040  6.047   1.00 28.27 ? 37  PRO X C   1 
ATOM   284  O  O   . PRO A 1 37  ? 4.367   15.344  5.387   1.00 28.65 ? 37  PRO X O   1 
ATOM   285  C  CB  . PRO A 1 37  ? 1.594   16.825  5.660   1.00 27.86 ? 37  PRO X CB  1 
ATOM   286  C  CG  . PRO A 1 37  ? 0.067   16.854  6.020   1.00 28.74 ? 37  PRO X CG  1 
ATOM   287  C  CD  . PRO A 1 37  ? -0.173  15.565  6.718   1.00 28.00 ? 37  PRO X CD  1 
ATOM   288  N  N   . GLU A 1 38  ? 3.415   14.471  7.242   1.00 27.85 ? 38  GLU X N   1 
ATOM   289  C  CA  . GLU A 1 38  ? 4.755   13.979  7.720   1.00 27.56 ? 38  GLU X CA  1 
ATOM   290  C  C   . GLU A 1 38  ? 5.367   12.848  6.861   1.00 27.94 ? 38  GLU X C   1 
ATOM   291  O  O   . GLU A 1 38  ? 6.593   12.727  6.836   1.00 28.78 ? 38  GLU X O   1 
ATOM   292  C  CB  . GLU A 1 38  ? 4.746   13.620  9.206   1.00 26.59 ? 38  GLU X CB  1 
ATOM   293  C  CG  . GLU A 1 38  ? 3.963   12.313  9.566   1.00 27.27 ? 38  GLU X CG  1 
ATOM   294  C  CD  . GLU A 1 38  ? 2.431   12.466  9.612   1.00 31.88 ? 38  GLU X CD  1 
ATOM   295  O  OE1 . GLU A 1 38  ? 1.848   13.434  9.049   1.00 29.64 ? 38  GLU X OE1 1 
ATOM   296  O  OE2 . GLU A 1 38  ? 1.781   11.582  10.224  1.00 32.00 ? 38  GLU X OE2 1 
ATOM   297  N  N   . THR A 1 39  ? 4.517   12.066  6.157   1.00 27.40 ? 39  THR X N   1 
ATOM   298  C  CA  . THR A 1 39  ? 4.932   10.898  5.316   1.00 26.74 ? 39  THR X CA  1 
ATOM   299  C  C   . THR A 1 39  ? 5.663   11.378  4.086   1.00 27.82 ? 39  THR X C   1 
ATOM   300  O  O   . THR A 1 39  ? 6.469   10.644  3.481   1.00 26.78 ? 39  THR X O   1 
ATOM   301  C  CB  . THR A 1 39  ? 3.713   10.092  4.729   1.00 26.35 ? 39  THR X CB  1 
ATOM   302  O  OG1 . THR A 1 39  ? 2.784   10.989  4.089   1.00 20.98 ? 39  THR X OG1 1 
ATOM   303  C  CG2 . THR A 1 39  ? 2.974   9.251   5.812   1.00 25.71 ? 39  THR X CG2 1 
ATOM   304  N  N   . LEU A 1 40  ? 5.328   12.606  3.723   1.00 27.42 ? 40  LEU X N   1 
ATOM   305  C  CA  . LEU A 1 40  ? 5.960   13.268  2.610   1.00 29.14 ? 40  LEU X CA  1 
ATOM   306  C  C   . LEU A 1 40  ? 7.460   13.559  2.849   1.00 28.33 ? 40  LEU X C   1 
ATOM   307  O  O   . LEU A 1 40  ? 8.256   13.512  1.880   1.00 29.65 ? 40  LEU X O   1 
ATOM   308  C  CB  . LEU A 1 40  ? 5.143   14.543  2.220   1.00 27.61 ? 40  LEU X CB  1 
ATOM   309  C  CG  . LEU A 1 40  ? 5.534   15.240  0.938   1.00 29.92 ? 40  LEU X CG  1 
ATOM   310  C  CD1 . LEU A 1 40  ? 5.137   14.432  -0.243  1.00 25.24 ? 40  LEU X CD1 1 
ATOM   311  C  CD2 . LEU A 1 40  ? 5.034   16.774  0.825   1.00 30.93 ? 40  LEU X CD2 1 
ATOM   312  N  N   . GLU A 1 41  ? 7.845   13.829  4.100   1.00 28.09 ? 41  GLU X N   1 
ATOM   313  C  CA  . GLU A 1 41  ? 9.265   14.087  4.448   1.00 29.45 ? 41  GLU X CA  1 
ATOM   314  C  C   . GLU A 1 41  ? 10.218  12.889  4.280   1.00 29.57 ? 41  GLU X C   1 
ATOM   315  O  O   . GLU A 1 41  ? 11.467  13.058  4.234   1.00 30.23 ? 41  GLU X O   1 
ATOM   316  C  CB  . GLU A 1 41  ? 9.390   14.656  5.840   1.00 29.07 ? 41  GLU X CB  1 
ATOM   317  C  CG  . GLU A 1 41  ? 8.485   15.831  6.063   1.00 34.24 ? 41  GLU X CG  1 
ATOM   318  C  CD  . GLU A 1 41  ? 8.672   16.959  5.018   1.00 39.70 ? 41  GLU X CD  1 
ATOM   319  O  OE1 . GLU A 1 41  ? 9.837   17.454  4.890   1.00 34.74 ? 41  GLU X OE1 1 
ATOM   320  O  OE2 . GLU A 1 41  ? 7.650   17.327  4.321   1.00 39.92 ? 41  GLU X OE2 1 
ATOM   321  N  N   . LYS A 1 42  ? 9.648   11.685  4.213   1.00 28.20 ? 42  LYS X N   1 
ATOM   322  C  CA  . LYS A 1 42  ? 10.434  10.489  3.930   1.00 28.58 ? 42  LYS X CA  1 
ATOM   323  C  C   . LYS A 1 42  ? 11.009  10.449  2.517   1.00 29.78 ? 42  LYS X C   1 
ATOM   324  O  O   . LYS A 1 42  ? 12.007  9.735   2.246   1.00 30.12 ? 42  LYS X O   1 
ATOM   325  C  CB  . LYS A 1 42  ? 9.670   9.210   4.294   1.00 26.74 ? 42  LYS X CB  1 
ATOM   326  C  CG  . LYS A 1 42  ? 9.355   9.179   5.783   1.00 23.02 ? 42  LYS X CG  1 
ATOM   327  C  CD  . LYS A 1 42  ? 10.645  8.703   6.531   1.00 21.80 ? 42  LYS X CD  1 
ATOM   328  C  CE  . LYS A 1 42  ? 10.473  8.800   8.019   1.00 25.08 ? 42  LYS X CE  1 
ATOM   329  N  NZ  . LYS A 1 42  ? 11.664  8.324   8.806   1.00 24.32 ? 42  LYS X NZ  1 
ATOM   330  N  N   . PHE A 1 43  ? 10.397  11.224  1.622   1.00 31.05 ? 43  PHE X N   1 
ATOM   331  C  CA  . PHE A 1 43  ? 10.842  11.294  0.239   1.00 32.62 ? 43  PHE X CA  1 
ATOM   332  C  C   . PHE A 1 43  ? 11.560  12.630  -0.011  1.00 33.95 ? 43  PHE X C   1 
ATOM   333  O  O   . PHE A 1 43  ? 10.909  13.635  -0.194  1.00 35.44 ? 43  PHE X O   1 
ATOM   334  C  CB  . PHE A 1 43  ? 9.651   11.170  -0.728  1.00 31.32 ? 43  PHE X CB  1 
ATOM   335  C  CG  . PHE A 1 43  ? 8.846   9.909   -0.581  1.00 29.91 ? 43  PHE X CG  1 
ATOM   336  C  CD1 . PHE A 1 43  ? 7.778   9.830   0.343   1.00 27.22 ? 43  PHE X CD1 1 
ATOM   337  C  CD2 . PHE A 1 43  ? 9.109   8.812   -1.388  1.00 28.79 ? 43  PHE X CD2 1 
ATOM   338  C  CE1 . PHE A 1 43  ? 7.009   8.664   0.453   1.00 29.76 ? 43  PHE X CE1 1 
ATOM   339  C  CE2 . PHE A 1 43  ? 8.337   7.662   -1.281  1.00 31.15 ? 43  PHE X CE2 1 
ATOM   340  C  CZ  . PHE A 1 43  ? 7.282   7.596   -0.343  1.00 28.52 ? 43  PHE X CZ  1 
ATOM   341  N  N   . ASP A 1 44  ? 12.885  12.628  -0.049  1.00 36.53 ? 44  ASP X N   1 
ATOM   342  C  CA  . ASP A 1 44  ? 13.682  13.780  -0.546  1.00 38.83 ? 44  ASP X CA  1 
ATOM   343  C  C   . ASP A 1 44  ? 13.187  14.471  -1.846  1.00 38.97 ? 44  ASP X C   1 
ATOM   344  O  O   . ASP A 1 44  ? 13.141  15.735  -1.920  1.00 38.44 ? 44  ASP X O   1 
ATOM   345  C  CB  . ASP A 1 44  ? 15.170  13.399  -0.687  1.00 40.43 ? 44  ASP X CB  1 
ATOM   346  C  CG  . ASP A 1 44  ? 15.921  13.426  0.657   1.00 44.38 ? 44  ASP X CG  1 
ATOM   347  O  OD1 . ASP A 1 44  ? 15.493  14.163  1.588   1.00 45.07 ? 44  ASP X OD1 1 
ATOM   348  O  OD2 . ASP A 1 44  ? 16.930  12.669  0.779   1.00 47.99 ? 44  ASP X OD2 1 
ATOM   349  N  N   . LYS A 1 45  ? 12.797  13.667  -2.835  1.00 37.86 ? 45  LYS X N   1 
ATOM   350  C  CA  . LYS A 1 45  ? 12.338  14.172  -4.131  1.00 38.96 ? 45  LYS X CA  1 
ATOM   351  C  C   . LYS A 1 45  ? 10.861  14.663  -4.181  1.00 38.75 ? 45  LYS X C   1 
ATOM   352  O  O   . LYS A 1 45  ? 10.451  15.288  -5.154  1.00 39.37 ? 45  LYS X O   1 
ATOM   353  C  CB  . LYS A 1 45  ? 12.572  13.112  -5.239  1.00 38.56 ? 45  LYS X CB  1 
ATOM   354  C  CG  . LYS A 1 45  ? 11.937  11.782  -4.893  1.00 39.53 ? 45  LYS X CG  1 
ATOM   355  C  CD  . LYS A 1 45  ? 12.242  10.692  -5.886  1.00 40.03 ? 45  LYS X CD  1 
ATOM   356  C  CE  . LYS A 1 45  ? 11.649  9.363   -5.433  1.00 38.39 ? 45  LYS X CE  1 
ATOM   357  N  NZ  . LYS A 1 45  ? 11.419  8.556   -6.654  1.00 44.63 ? 45  LYS X NZ  1 
ATOM   358  N  N   . PHE A 1 46  ? 10.057  14.363  -3.165  1.00 38.06 ? 46  PHE X N   1 
ATOM   359  C  CA  . PHE A 1 46  ? 8.687   14.822  -3.159  1.00 36.87 ? 46  PHE X CA  1 
ATOM   360  C  C   . PHE A 1 46  ? 8.437   16.000  -2.234  1.00 37.61 ? 46  PHE X C   1 
ATOM   361  O  O   . PHE A 1 46  ? 7.353   16.530  -2.256  1.00 35.75 ? 46  PHE X O   1 
ATOM   362  C  CB  . PHE A 1 46  ? 7.646   13.696  -2.834  1.00 36.18 ? 46  PHE X CB  1 
ATOM   363  C  CG  . PHE A 1 46  ? 7.729   12.483  -3.707  1.00 33.06 ? 46  PHE X CG  1 
ATOM   364  C  CD1 . PHE A 1 46  ? 8.094   12.563  -5.048  1.00 32.44 ? 46  PHE X CD1 1 
ATOM   365  C  CD2 . PHE A 1 46  ? 7.381   11.246  -3.186  1.00 31.11 ? 46  PHE X CD2 1 
ATOM   366  C  CE1 . PHE A 1 46  ? 8.158   11.401  -5.844  1.00 34.86 ? 46  PHE X CE1 1 
ATOM   367  C  CE2 . PHE A 1 46  ? 7.461   10.071  -3.971  1.00 32.95 ? 46  PHE X CE2 1 
ATOM   368  C  CZ  . PHE A 1 46  ? 7.851   10.151  -5.296  1.00 33.67 ? 46  PHE X CZ  1 
ATOM   369  N  N   . LYS A 1 47  ? 9.413   16.433  -1.449  1.00 39.10 ? 47  LYS X N   1 
ATOM   370  C  CA  . LYS A 1 47  ? 9.127   17.570  -0.581  1.00 41.75 ? 47  LYS X CA  1 
ATOM   371  C  C   . LYS A 1 47  ? 9.193   18.966  -1.228  1.00 43.30 ? 47  LYS X C   1 
ATOM   372  O  O   . LYS A 1 47  ? 8.865   19.964  -0.566  1.00 45.84 ? 47  LYS X O   1 
ATOM   373  C  CB  . LYS A 1 47  ? 9.853   17.505  0.765   0.50 41.24 ? 47  LYS X CB  1 
ATOM   374  C  CG  . LYS A 1 47  ? 11.231  16.916  0.771   0.50 40.10 ? 47  LYS X CG  1 
ATOM   375  C  CD  . LYS A 1 47  ? 11.568  16.534  2.209   0.50 37.24 ? 47  LYS X CD  1 
ATOM   376  C  CE  . LYS A 1 47  ? 12.647  15.515  2.265   0.50 37.58 ? 47  LYS X CE  1 
ATOM   377  N  NZ  . LYS A 1 47  ? 13.957  16.136  2.645   0.50 35.51 ? 47  LYS X NZ  1 
ATOM   378  N  N   . HIS A 1 48  ? 9.564   19.059  -2.507  1.00 44.32 ? 48  HIS X N   1 
ATOM   379  C  CA  . HIS A 1 48  ? 9.162   20.224  -3.320  1.00 45.17 ? 48  HIS X CA  1 
ATOM   380  C  C   . HIS A 1 48  ? 7.631   20.235  -3.606  1.00 45.67 ? 48  HIS X C   1 
ATOM   381  O  O   . HIS A 1 48  ? 7.104   21.207  -4.142  1.00 46.68 ? 48  HIS X O   1 
ATOM   382  C  CB  . HIS A 1 48  ? 9.915   20.259  -4.663  1.00 45.25 ? 48  HIS X CB  1 
ATOM   383  C  CG  . HIS A 1 48  ? 9.414   19.249  -5.653  1.00 47.03 ? 48  HIS X CG  1 
ATOM   384  N  ND1 . HIS A 1 48  ? 8.478   19.549  -6.627  1.00 45.36 ? 48  HIS X ND1 1 
ATOM   385  C  CD2 . HIS A 1 48  ? 9.691   17.925  -5.791  1.00 47.87 ? 48  HIS X CD2 1 
ATOM   386  C  CE1 . HIS A 1 48  ? 8.217   18.457  -7.328  1.00 46.32 ? 48  HIS X CE1 1 
ATOM   387  N  NE2 . HIS A 1 48  ? 8.939   17.457  -6.841  1.00 45.60 ? 48  HIS X NE2 1 
ATOM   388  N  N   . LEU A 1 49  ? 6.911   19.156  -3.312  1.00 45.82 ? 49  LEU X N   1 
ATOM   389  C  CA  . LEU A 1 49  ? 5.482   19.128  -3.676  1.00 45.71 ? 49  LEU X CA  1 
ATOM   390  C  C   . LEU A 1 49  ? 4.624   19.829  -2.631  1.00 46.20 ? 49  LEU X C   1 
ATOM   391  O  O   . LEU A 1 49  ? 4.177   19.226  -1.644  1.00 45.49 ? 49  LEU X O   1 
ATOM   392  C  CB  . LEU A 1 49  ? 4.974   17.711  -4.018  1.00 44.67 ? 49  LEU X CB  1 
ATOM   393  C  CG  . LEU A 1 49  ? 5.621   17.080  -5.270  1.00 44.68 ? 49  LEU X CG  1 
ATOM   394  C  CD1 . LEU A 1 49  ? 5.446   15.580  -5.273  1.00 43.30 ? 49  LEU X CD1 1 
ATOM   395  C  CD2 . LEU A 1 49  ? 5.099   17.670  -6.594  1.00 45.77 ? 49  LEU X CD2 1 
ATOM   396  N  N   . LYS A 1 50  ? 4.404   21.128  -2.839  1.00 46.81 ? 50  LYS X N   1 
ATOM   397  C  CA  . LYS A 1 50  ? 3.559   21.852  -1.881  1.00 47.43 ? 50  LYS X CA  1 
ATOM   398  C  C   . LYS A 1 50  ? 2.032   21.660  -2.094  1.00 46.64 ? 50  LYS X C   1 
ATOM   399  O  O   . LYS A 1 50  ? 1.276   21.686  -1.115  1.00 47.66 ? 50  LYS X O   1 
ATOM   400  C  CB  . LYS A 1 50  ? 3.942   23.342  -1.762  1.00 47.84 ? 50  LYS X CB  1 
ATOM   401  C  CG  . LYS A 1 50  ? 5.342   23.618  -1.167  1.00 51.22 ? 50  LYS X CG  1 
ATOM   402  C  CD  . LYS A 1 50  ? 5.754   22.694  0.042   1.00 51.70 ? 50  LYS X CD  1 
ATOM   403  C  CE  . LYS A 1 50  ? 7.182   22.968  0.517   1.00 51.40 ? 50  LYS X CE  1 
ATOM   404  N  NZ  . LYS A 1 50  ? 8.127   23.175  -0.644  1.00 54.52 ? 50  LYS X NZ  1 
ATOM   405  N  N   . THR A 1 51  ? 1.572   21.470  -3.337  1.00 44.64 ? 51  THR X N   1 
ATOM   406  C  CA  . THR A 1 51  ? 0.124   21.370  -3.589  1.00 42.99 ? 51  THR X CA  1 
ATOM   407  C  C   . THR A 1 51  ? -0.345  20.000  -4.088  1.00 42.03 ? 51  THR X C   1 
ATOM   408  O  O   . THR A 1 51  ? 0.442   19.177  -4.520  1.00 40.28 ? 51  THR X O   1 
ATOM   409  C  CB  . THR A 1 51  ? -0.359  22.435  -4.614  1.00 43.39 ? 51  THR X CB  1 
ATOM   410  O  OG1 . THR A 1 51  ? 0.274   22.213  -5.893  1.00 44.95 ? 51  THR X OG1 1 
ATOM   411  C  CG2 . THR A 1 51  ? -0.034  23.830  -4.134  1.00 43.13 ? 51  THR X CG2 1 
ATOM   412  N  N   . GLU A 1 52  ? -1.647  19.778  -4.068  1.00 41.04 ? 52  GLU X N   1 
ATOM   413  C  CA  . GLU A 1 52  ? -2.192  18.649  -4.813  1.00 41.27 ? 52  GLU X CA  1 
ATOM   414  C  C   . GLU A 1 52  ? -1.926  18.681  -6.330  1.00 40.51 ? 52  GLU X C   1 
ATOM   415  O  O   . GLU A 1 52  ? -1.665  17.645  -6.928  1.00 40.64 ? 52  GLU X O   1 
ATOM   416  C  CB  . GLU A 1 52  ? -3.687  18.580  -4.587  1.00 42.12 ? 52  GLU X CB  1 
ATOM   417  C  CG  . GLU A 1 52  ? -4.288  17.207  -4.629  1.00 43.04 ? 52  GLU X CG  1 
ATOM   418  C  CD  . GLU A 1 52  ? -5.441  17.184  -3.688  1.00 47.00 ? 52  GLU X CD  1 
ATOM   419  O  OE1 . GLU A 1 52  ? -5.231  17.432  -2.478  1.00 44.38 ? 52  GLU X OE1 1 
ATOM   420  O  OE2 . GLU A 1 52  ? -6.564  16.967  -4.168  1.00 50.48 ? 52  GLU X OE2 1 
ATOM   421  N  N   . ALA A 1 53  ? -2.027  19.867  -6.939  1.00 39.80 ? 53  ALA X N   1 
ATOM   422  C  CA  . ALA A 1 53  ? -1.831  20.051  -8.381  1.00 38.46 ? 53  ALA X CA  1 
ATOM   423  C  C   . ALA A 1 53  ? -0.405  19.775  -8.720  1.00 37.89 ? 53  ALA X C   1 
ATOM   424  O  O   . ALA A 1 53  ? -0.115  19.126  -9.707  1.00 39.19 ? 53  ALA X O   1 
ATOM   425  C  CB  . ALA A 1 53  ? -2.208  21.457  -8.802  1.00 38.23 ? 53  ALA X CB  1 
ATOM   426  N  N   . GLU A 1 54  ? 0.513   20.244  -7.898  1.00 36.66 ? 54  GLU X N   1 
ATOM   427  C  CA  . GLU A 1 54  ? 1.850   19.745  -8.033  1.00 35.82 ? 54  GLU X CA  1 
ATOM   428  C  C   . GLU A 1 54  ? 2.004   18.199  -7.890  1.00 35.24 ? 54  GLU X C   1 
ATOM   429  O  O   . GLU A 1 54  ? 2.738   17.582  -8.677  1.00 34.99 ? 54  GLU X O   1 
ATOM   430  C  CB  . GLU A 1 54  ? 2.793   20.476  -7.104  1.00 36.53 ? 54  GLU X CB  1 
ATOM   431  C  CG  . GLU A 1 54  ? 3.155   21.872  -7.618  1.00 39.40 ? 54  GLU X CG  1 
ATOM   432  C  CD  . GLU A 1 54  ? 3.788   22.744  -6.554  1.00 40.78 ? 54  GLU X CD  1 
ATOM   433  O  OE1 . GLU A 1 54  ? 3.580   22.495  -5.340  1.00 39.77 ? 54  GLU X OE1 1 
ATOM   434  O  OE2 . GLU A 1 54  ? 4.479   23.704  -6.962  1.00 43.11 ? 54  GLU X OE2 1 
ATOM   435  N  N   . MET A 1 55  ? 1.357   17.586  -6.899  1.00 32.82 ? 55  MET X N   1 
ATOM   436  C  CA  . MET A 1 55  ? 1.414   16.118  -6.737  1.00 33.03 ? 55  MET X CA  1 
ATOM   437  C  C   . MET A 1 55  ? 0.841   15.378  -7.991  1.00 31.62 ? 55  MET X C   1 
ATOM   438  O  O   . MET A 1 55  ? 1.339   14.324  -8.449  1.00 30.56 ? 55  MET X O   1 
ATOM   439  C  CB  . MET A 1 55  ? 0.606   15.673  -5.472  1.00 31.63 ? 55  MET X CB  1 
ATOM   440  C  CG  . MET A 1 55  ? 1.253   16.035  -4.127  1.00 32.44 ? 55  MET X CG  1 
ATOM   441  S  SD  . MET A 1 55  ? 0.210   15.580  -2.707  1.00 34.40 ? 55  MET X SD  1 
ATOM   442  C  CE  . MET A 1 55  ? 0.901   16.689  -1.473  1.00 33.13 ? 55  MET X CE  1 
ATOM   443  N  N   . LYS A 1 56  ? -0.232  15.958  -8.501  1.00 31.95 ? 56  LYS X N   1 
ATOM   444  C  CA  . LYS A 1 56  ? -1.071  15.362  -9.522  1.00 33.59 ? 56  LYS X CA  1 
ATOM   445  C  C   . LYS A 1 56  ? -0.335  15.390  -10.861 1.00 33.32 ? 56  LYS X C   1 
ATOM   446  O  O   . LYS A 1 56  ? -0.563  14.550  -11.723 1.00 34.36 ? 56  LYS X O   1 
ATOM   447  C  CB  . LYS A 1 56  ? -2.375  16.170  -9.551  1.00 34.36 ? 56  LYS X CB  1 
ATOM   448  C  CG  . LYS A 1 56  ? -3.435  15.632  -10.399 1.00 38.56 ? 56  LYS X CG  1 
ATOM   449  C  CD  . LYS A 1 56  ? -4.333  14.680  -9.598  1.00 43.66 ? 56  LYS X CD  1 
ATOM   450  C  CE  . LYS A 1 56  ? -5.304  14.024  -10.586 1.00 46.00 ? 56  LYS X CE  1 
ATOM   451  N  NZ  . LYS A 1 56  ? -4.655  12.930  -11.344 1.00 47.05 ? 56  LYS X NZ  1 
ATOM   452  N  N   . ALA A 1 57  ? 0.633   16.310  -10.962 1.00 33.59 ? 57  ALA X N   1 
ATOM   453  C  CA  . ALA A 1 57  ? 1.310   16.671  -12.191 1.00 32.85 ? 57  ALA X CA  1 
ATOM   454  C  C   . ALA A 1 57  ? 2.649   15.981  -12.323 1.00 32.94 ? 57  ALA X C   1 
ATOM   455  O  O   . ALA A 1 57  ? 3.219   15.937  -13.413 1.00 34.45 ? 57  ALA X O   1 
ATOM   456  C  CB  . ALA A 1 57  ? 1.517   18.190  -12.189 1.00 33.15 ? 57  ALA X CB  1 
ATOM   457  N  N   . SER A 1 58  ? 3.138   15.436  -11.210 1.00 32.32 ? 58  SER X N   1 
ATOM   458  C  CA  . SER A 1 58  ? 4.391   14.698  -11.074 1.00 31.33 ? 58  SER X CA  1 
ATOM   459  C  C   . SER A 1 58  ? 4.355   13.237  -11.571 1.00 32.83 ? 58  SER X C   1 
ATOM   460  O  O   . SER A 1 58  ? 3.611   12.410  -11.033 1.00 32.86 ? 58  SER X O   1 
ATOM   461  C  CB  . SER A 1 58  ? 4.768   14.688  -9.609  1.00 30.04 ? 58  SER X CB  1 
ATOM   462  O  OG  . SER A 1 58  ? 5.943   13.962  -9.358  1.00 28.70 ? 58  SER X OG  1 
ATOM   463  N  N   . GLU A 1 59  ? 5.185   12.942  -12.577 1.00 31.97 ? 59  GLU X N   1 
ATOM   464  C  CA  . GLU A 1 59  ? 5.316   11.623  -13.172 1.00 33.36 ? 59  GLU X CA  1 
ATOM   465  C  C   . GLU A 1 59  ? 6.231   10.806  -12.345 1.00 33.13 ? 59  GLU X C   1 
ATOM   466  O  O   . GLU A 1 59  ? 6.150   9.601   -12.365 1.00 34.44 ? 59  GLU X O   1 
ATOM   467  C  CB  . GLU A 1 59  ? 5.957   11.697  -14.563 1.00 33.22 ? 59  GLU X CB  1 
ATOM   468  C  CG  . GLU A 1 59  ? 5.095   12.274  -15.601 1.00 35.29 ? 59  GLU X CG  1 
ATOM   469  C  CD  . GLU A 1 59  ? 3.933   11.369  -15.900 1.00 35.82 ? 59  GLU X CD  1 
ATOM   470  O  OE1 . GLU A 1 59  ? 4.093   10.118  -15.966 1.00 34.17 ? 59  GLU X OE1 1 
ATOM   471  O  OE2 . GLU A 1 59  ? 2.853   11.926  -16.044 1.00 36.47 ? 59  GLU X OE2 1 
ATOM   472  N  N   . ASP A 1 60  ? 7.142   11.457  -11.630 1.00 33.73 ? 60  ASP X N   1 
ATOM   473  C  CA  . ASP A 1 60  ? 7.959   10.727  -10.703 1.00 33.68 ? 60  ASP X CA  1 
ATOM   474  C  C   . ASP A 1 60  ? 7.169   10.184  -9.522  1.00 33.82 ? 60  ASP X C   1 
ATOM   475  O  O   . ASP A 1 60  ? 7.531   9.164   -8.966  1.00 33.03 ? 60  ASP X O   1 
ATOM   476  C  CB  . ASP A 1 60  ? 8.969   11.646  -10.143 1.00 34.68 ? 60  ASP X CB  1 
ATOM   477  C  CG  . ASP A 1 60  ? 10.201  10.953  -9.790  1.00 38.47 ? 60  ASP X CG  1 
ATOM   478  O  OD1 . ASP A 1 60  ? 10.676  10.074  -10.567 1.00 44.16 ? 60  ASP X OD1 1 
ATOM   479  O  OD2 . ASP A 1 60  ? 10.718  11.301  -8.732  1.00 44.96 ? 60  ASP X OD2 1 
ATOM   480  N  N   . LEU A 1 61  ? 6.151   10.932  -9.080  1.00 33.89 ? 61  LEU X N   1 
ATOM   481  C  CA  . LEU A 1 61  ? 5.301   10.498  -7.964  1.00 33.83 ? 61  LEU X CA  1 
ATOM   482  C  C   . LEU A 1 61  ? 4.469   9.317   -8.435  1.00 33.87 ? 61  LEU X C   1 
ATOM   483  O  O   . LEU A 1 61  ? 4.362   8.307   -7.757  1.00 35.18 ? 61  LEU X O   1 
ATOM   484  C  CB  . LEU A 1 61  ? 4.492   11.706  -7.395  1.00 31.94 ? 61  LEU X CB  1 
ATOM   485  C  CG  . LEU A 1 61  ? 3.488   11.582  -6.219  1.00 33.12 ? 61  LEU X CG  1 
ATOM   486  C  CD1 . LEU A 1 61  ? 3.431   12.859  -5.374  1.00 30.55 ? 61  LEU X CD1 1 
ATOM   487  C  CD2 . LEU A 1 61  ? 2.080   11.199  -6.650  1.00 28.15 ? 61  LEU X CD2 1 
ATOM   488  N  N   . LYS A 1 62  ? 3.915   9.414   -9.636  1.00 34.73 ? 62  LYS X N   1 
ATOM   489  C  CA  . LYS A 1 62  ? 3.273   8.286   -10.289 1.00 33.78 ? 62  LYS X CA  1 
ATOM   490  C  C   . LYS A 1 62  ? 4.185   7.077   -10.481 1.00 33.70 ? 62  LYS X C   1 
ATOM   491  O  O   . LYS A 1 62  ? 3.738   5.949   -10.261 1.00 32.69 ? 62  LYS X O   1 
ATOM   492  C  CB  . LYS A 1 62  ? 2.692   8.693   -11.636 1.00 35.08 ? 62  LYS X CB  1 
ATOM   493  C  CG  . LYS A 1 62  ? 2.025   7.538   -12.386 1.00 35.12 ? 62  LYS X CG  1 
ATOM   494  C  CD  . LYS A 1 62  ? 1.799   7.922   -13.815 1.00 39.12 ? 62  LYS X CD  1 
ATOM   495  C  CE  . LYS A 1 62  ? 0.822   9.083   -13.893 1.00 41.08 ? 62  LYS X CE  1 
ATOM   496  N  NZ  . LYS A 1 62  ? 0.146   9.046   -15.219 1.00 45.78 ? 62  LYS X NZ  1 
ATOM   497  N  N   . LYS A 1 63  ? 5.447   7.303   -10.864 1.00 33.34 ? 63  LYS X N   1 
ATOM   498  C  CA  . LYS A 1 63  ? 6.440   6.223   -10.948 1.00 33.07 ? 63  LYS X CA  1 
ATOM   499  C  C   . LYS A 1 63  ? 6.576   5.439   -9.622  1.00 32.13 ? 63  LYS X C   1 
ATOM   500  O  O   . LYS A 1 63  ? 6.676   4.206   -9.617  1.00 31.54 ? 63  LYS X O   1 
ATOM   501  C  CB  . LYS A 1 63  ? 7.799   6.766   -11.414 1.00 33.42 ? 63  LYS X CB  1 
ATOM   502  C  CG  . LYS A 1 63  ? 8.736   5.713   -12.026 1.00 34.90 ? 63  LYS X CG  1 
ATOM   503  C  CD  . LYS A 1 63  ? 9.718   6.305   -13.067 1.00 35.18 ? 63  LYS X CD  1 
ATOM   504  C  CE  . LYS A 1 63  ? 11.186  5.841   -12.764 1.00 35.96 ? 63  LYS X CE  1 
ATOM   505  N  NZ  . LYS A 1 63  ? 12.253  6.649   -13.497 1.00 36.04 ? 63  LYS X NZ  1 
ATOM   506  N  N   . HIS A 1 64  ? 6.596   6.159   -8.505  1.00 31.53 ? 64  HIS X N   1 
ATOM   507  C  CA  . HIS A 1 64  ? 6.737   5.522   -7.213  1.00 30.01 ? 64  HIS X CA  1 
ATOM   508  C  C   . HIS A 1 64  ? 5.479   4.786   -6.852  1.00 28.68 ? 64  HIS X C   1 
ATOM   509  O  O   . HIS A 1 64  ? 5.530   3.688   -6.283  1.00 28.79 ? 64  HIS X O   1 
ATOM   510  C  CB  . HIS A 1 64  ? 7.189   6.484   -6.112  1.00 29.43 ? 64  HIS X CB  1 
ATOM   511  C  CG  . HIS A 1 64  ? 7.502   5.789   -4.835  1.00 29.43 ? 64  HIS X CG  1 
ATOM   512  N  ND1 . HIS A 1 64  ? 8.551   4.903   -4.710  1.00 28.45 ? 64  HIS X ND1 1 
ATOM   513  C  CD2 . HIS A 1 64  ? 6.850   5.773   -3.651  1.00 29.11 ? 64  HIS X CD2 1 
ATOM   514  C  CE1 . HIS A 1 64  ? 8.551   4.400   -3.494  1.00 27.79 ? 64  HIS X CE1 1 
ATOM   515  N  NE2 . HIS A 1 64  ? 7.538   4.923   -2.826  1.00 31.90 ? 64  HIS X NE2 1 
ATOM   516  N  N   . GLY A 1 65  ? 4.360   5.381   -7.202  1.00 28.24 ? 65  GLY X N   1 
ATOM   517  C  CA  . GLY A 1 65  ? 3.046   4.755   -7.086  1.00 27.53 ? 65  GLY X CA  1 
ATOM   518  C  C   . GLY A 1 65  ? 3.054   3.347   -7.649  1.00 27.98 ? 65  GLY X C   1 
ATOM   519  O  O   . GLY A 1 65  ? 2.559   2.447   -6.996  1.00 29.60 ? 65  GLY X O   1 
ATOM   520  N  N   . THR A 1 66  ? 3.678   3.160   -8.809  1.00 26.30 ? 66  THR X N   1 
ATOM   521  C  CA  . THR A 1 66  ? 3.698   1.886   -9.565  1.00 26.04 ? 66  THR X CA  1 
ATOM   522  C  C   . THR A 1 66  ? 4.636   0.888   -8.895  1.00 26.18 ? 66  THR X C   1 
ATOM   523  O  O   . THR A 1 66  ? 4.330   -0.313  -8.788  1.00 28.40 ? 66  THR X O   1 
ATOM   524  C  CB  . THR A 1 66  ? 4.113   2.179   -11.042 1.00 25.58 ? 66  THR X CB  1 
ATOM   525  O  OG1 . THR A 1 66  ? 3.169   3.032   -11.668 1.00 27.34 ? 66  THR X OG1 1 
ATOM   526  C  CG2 . THR A 1 66  ? 4.396   0.923   -11.940 1.00 25.99 ? 66  THR X CG2 1 
ATOM   527  N  N   . VAL A 1 67  ? 5.792   1.382   -8.465  1.00 26.35 ? 67  VAL X N   1 
ATOM   528  C  CA  . VAL A 1 67  ? 6.766   0.574   -7.768  1.00 25.84 ? 67  VAL X CA  1 
ATOM   529  C  C   . VAL A 1 67  ? 6.061   0.030   -6.533  1.00 25.48 ? 67  VAL X C   1 
ATOM   530  O  O   . VAL A 1 67  ? 6.162   -1.168  -6.291  1.00 24.50 ? 67  VAL X O   1 
ATOM   531  C  CB  . VAL A 1 67  ? 8.069   1.364   -7.443  1.00 25.14 ? 67  VAL X CB  1 
ATOM   532  C  CG1 . VAL A 1 67  ? 8.980   0.631   -6.406  1.00 21.64 ? 67  VAL X CG1 1 
ATOM   533  C  CG2 . VAL A 1 67  ? 8.840   1.651   -8.729  1.00 25.27 ? 67  VAL X CG2 1 
ATOM   534  N  N   . VAL A 1 68  ? 5.306   0.895   -5.824  1.00 25.19 ? 68  VAL X N   1 
ATOM   535  C  CA  . VAL A 1 68  ? 4.582   0.465   -4.565  1.00 23.49 ? 68  VAL X CA  1 
ATOM   536  C  C   . VAL A 1 68  ? 3.538   -0.585  -4.819  1.00 23.53 ? 68  VAL X C   1 
ATOM   537  O  O   . VAL A 1 68  ? 3.608   -1.678  -4.232  1.00 21.51 ? 68  VAL X O   1 
ATOM   538  C  CB  . VAL A 1 68  ? 4.069   1.621   -3.703  1.00 25.05 ? 68  VAL X CB  1 
ATOM   539  C  CG1 . VAL A 1 68  ? 3.267   1.105   -2.477  1.00 20.73 ? 68  VAL X CG1 1 
ATOM   540  C  CG2 . VAL A 1 68  ? 5.268   2.489   -3.277  1.00 23.84 ? 68  VAL X CG2 1 
ATOM   541  N  N   . LEU A 1 69  ? 2.582   -0.273  -5.720  1.00 22.92 ? 69  LEU X N   1 
ATOM   542  C  CA  . LEU A 1 69  ? 1.498   -1.161  -5.995  1.00 22.11 ? 69  LEU X CA  1 
ATOM   543  C  C   . LEU A 1 69  ? 1.954   -2.454  -6.753  1.00 23.19 ? 69  LEU X C   1 
ATOM   544  O  O   . LEU A 1 69  ? 1.416   -3.590  -6.524  1.00 22.84 ? 69  LEU X O   1 
ATOM   545  C  CB  . LEU A 1 69  ? 0.329   -0.385  -6.686  1.00 21.57 ? 69  LEU X CB  1 
ATOM   546  C  CG  . LEU A 1 69  ? -0.485  0.583   -5.781  1.00 22.58 ? 69  LEU X CG  1 
ATOM   547  C  CD1 . LEU A 1 69  ? -1.840  1.033   -6.498  1.00 21.26 ? 69  LEU X CD1 1 
ATOM   548  C  CD2 . LEU A 1 69  ? -0.817  0.009   -4.376  1.00 21.14 ? 69  LEU X CD2 1 
ATOM   549  N  N   . THR A 1 70  ? 2.958   -2.343  -7.637  1.00 22.01 ? 70  THR X N   1 
ATOM   550  C  CA  . THR A 1 70  ? 3.512   -3.572  -8.202  1.00 23.31 ? 70  THR X CA  1 
ATOM   551  C  C   . THR A 1 70  ? 4.050   -4.497  -7.140  1.00 20.75 ? 70  THR X C   1 
ATOM   552  O  O   . THR A 1 70  ? 3.911   -5.687  -7.262  1.00 22.06 ? 70  THR X O   1 
ATOM   553  C  CB  . THR A 1 70  ? 4.694   -3.310  -9.291  1.00 23.79 ? 70  THR X CB  1 
ATOM   554  O  OG1 . THR A 1 70  ? 4.194   -2.417  -10.273 1.00 28.28 ? 70  THR X OG1 1 
ATOM   555  C  CG2 . THR A 1 70  ? 5.109   -4.554  -9.974  1.00 24.87 ? 70  THR X CG2 1 
ATOM   556  N  N   . ALA A 1 71  ? 4.765   -4.007  -6.142  1.00 21.24 ? 71  ALA X N   1 
ATOM   557  C  CA  . ALA A 1 71  ? 5.351   -4.937  -5.187  1.00 21.59 ? 71  ALA X CA  1 
ATOM   558  C  C   . ALA A 1 71  ? 4.279   -5.449  -4.239  1.00 22.42 ? 71  ALA X C   1 
ATOM   559  O  O   . ALA A 1 71  ? 4.337   -6.610  -3.843  1.00 21.52 ? 71  ALA X O   1 
ATOM   560  C  CB  . ALA A 1 71  ? 6.517   -4.386  -4.444  1.00 22.11 ? 71  ALA X CB  1 
ATOM   561  N  N   . LEU A 1 72  ? 3.252   -4.652  -3.940  1.00 23.44 ? 72  LEU X N   1 
ATOM   562  C  CA  . LEU A 1 72  ? 2.112   -5.204  -3.151  1.00 22.86 ? 72  LEU X CA  1 
ATOM   563  C  C   . LEU A 1 72  ? 1.355   -6.299  -3.906  1.00 23.18 ? 72  LEU X C   1 
ATOM   564  O  O   . LEU A 1 72  ? 0.959   -7.345  -3.318  1.00 23.76 ? 72  LEU X O   1 
ATOM   565  C  CB  . LEU A 1 72  ? 1.155   -4.081  -2.751  1.00 24.19 ? 72  LEU X CB  1 
ATOM   566  C  CG  . LEU A 1 72  ? -0.026  -4.479  -1.857  1.00 22.59 ? 72  LEU X CG  1 
ATOM   567  C  CD1 . LEU A 1 72  ? 0.480   -4.994  -0.516  1.00 24.78 ? 72  LEU X CD1 1 
ATOM   568  C  CD2 . LEU A 1 72  ? -0.907  -3.312  -1.709  1.00 19.30 ? 72  LEU X CD2 1 
ATOM   569  N  N   . GLY A 1 73  ? 1.154   -6.076  -5.196  1.00 23.51 ? 73  GLY X N   1 
ATOM   570  C  CA  . GLY A 1 73  ? 0.530   -7.091  -6.109  1.00 23.46 ? 73  GLY X CA  1 
ATOM   571  C  C   . GLY A 1 73  ? 1.177   -8.452  -6.035  1.00 23.81 ? 73  GLY X C   1 
ATOM   572  O  O   . GLY A 1 73  ? 0.504   -9.499  -5.895  1.00 24.82 ? 73  GLY X O   1 
ATOM   573  N  N   . GLY A 1 74  ? 2.492   -8.458  -6.136  1.00 25.50 ? 74  GLY X N   1 
ATOM   574  C  CA  . GLY A 1 74  ? 3.273   -9.675  -5.976  1.00 26.00 ? 74  GLY X CA  1 
ATOM   575  C  C   . GLY A 1 74  ? 3.066   -10.323 -4.635  1.00 26.91 ? 74  GLY X C   1 
ATOM   576  O  O   . GLY A 1 74  ? 2.784   -11.526 -4.557  1.00 28.75 ? 74  GLY X O   1 
ATOM   577  N  N   . ILE A 1 75  ? 3.220   -9.540  -3.565  1.00 26.37 ? 75  ILE X N   1 
ATOM   578  C  CA  . ILE A 1 75  ? 2.948   -10.035 -2.257  1.00 27.20 ? 75  ILE X CA  1 
ATOM   579  C  C   . ILE A 1 75  ? 1.572   -10.687 -2.120  1.00 26.61 ? 75  ILE X C   1 
ATOM   580  O  O   . ILE A 1 75  ? 1.492   -11.796 -1.615  1.00 25.81 ? 75  ILE X O   1 
ATOM   581  C  CB  . ILE A 1 75  ? 3.225   -8.960  -1.174  1.00 27.19 ? 75  ILE X CB  1 
ATOM   582  C  CG1 . ILE A 1 75  ? 4.688   -8.465  -1.282  1.00 31.41 ? 75  ILE X CG1 1 
ATOM   583  C  CG2 . ILE A 1 75  ? 2.841   -9.474  0.190   1.00 28.25 ? 75  ILE X CG2 1 
ATOM   584  C  CD1 . ILE A 1 75  ? 5.107   -7.467  -0.265  1.00 31.66 ? 75  ILE X CD1 1 
ATOM   585  N  N   . LEU A 1 76  ? 0.499   -9.979  -2.532  1.00 26.97 ? 76  LEU X N   1 
ATOM   586  C  CA  . LEU A 1 76  ? -0.892  -10.489 -2.460  1.00 28.30 ? 76  LEU X CA  1 
ATOM   587  C  C   . LEU A 1 76  ? -1.126  -11.796 -3.201  1.00 28.53 ? 76  LEU X C   1 
ATOM   588  O  O   . LEU A 1 76  ? -1.820  -12.708 -2.674  1.00 29.71 ? 76  LEU X O   1 
ATOM   589  C  CB  . LEU A 1 76  ? -1.952  -9.413  -2.899  1.00 27.86 ? 76  LEU X CB  1 
ATOM   590  C  CG  . LEU A 1 76  ? -2.032  -8.138  -2.032  1.00 27.00 ? 76  LEU X CG  1 
ATOM   591  C  CD1 . LEU A 1 76  ? -3.047  -7.168  -2.680  1.00 28.10 ? 76  LEU X CD1 1 
ATOM   592  C  CD2 . LEU A 1 76  ? -2.371  -8.461  -0.562  1.00 23.92 ? 76  LEU X CD2 1 
ATOM   593  N  N   . LYS A 1 77  ? -0.535  -11.914 -4.388  1.00 28.56 ? 77  LYS X N   1 
ATOM   594  C  CA  . LYS A 1 77  ? -0.657  -13.176 -5.139  1.00 28.96 ? 77  LYS X CA  1 
ATOM   595  C  C   . LYS A 1 77  ? -0.048  -14.418 -4.507  1.00 29.97 ? 77  LYS X C   1 
ATOM   596  O  O   . LYS A 1 77  ? -0.439  -15.499 -4.885  1.00 30.85 ? 77  LYS X O   1 
ATOM   597  C  CB  . LYS A 1 77  ? -0.166  -13.011 -6.556  1.00 29.66 ? 77  LYS X CB  1 
ATOM   598  C  CG  . LYS A 1 77  ? -1.024  -12.051 -7.338  1.00 25.07 ? 77  LYS X CG  1 
ATOM   599  C  CD  . LYS A 1 77  ? -0.365  -11.887 -8.667  1.00 30.55 ? 77  LYS X CD  1 
ATOM   600  C  CE  . LYS A 1 77  ? -0.202  -10.500 -9.060  1.00 28.67 ? 77  LYS X CE  1 
ATOM   601  N  NZ  . LYS A 1 77  ? -1.363  -10.103 -9.868  1.00 32.55 ? 77  LYS X NZ  1 
ATOM   602  N  N   . LYS A 1 78  ? 0.887   -14.252 -3.551  1.00 30.95 ? 78  LYS X N   1 
ATOM   603  C  CA  . LYS A 1 78  ? 1.446   -15.317 -2.688  1.00 31.48 ? 78  LYS X CA  1 
ATOM   604  C  C   . LYS A 1 78  ? 0.508   -15.711 -1.521  1.00 32.11 ? 78  LYS X C   1 
ATOM   605  O  O   . LYS A 1 78  ? 0.820   -16.612 -0.750  1.00 32.01 ? 78  LYS X O   1 
ATOM   606  C  CB  . LYS A 1 78  ? 2.822   -14.905 -2.120  1.00 31.29 ? 78  LYS X CB  1 
ATOM   607  C  CG  . LYS A 1 78  ? 3.973   -14.970 -3.120  1.00 32.25 ? 78  LYS X CG  1 
ATOM   608  C  CD  . LYS A 1 78  ? 3.988   -16.288 -3.849  1.00 39.60 ? 78  LYS X CD  1 
ATOM   609  C  CE  . LYS A 1 78  ? 4.993   -17.281 -3.254  1.00 46.11 ? 78  LYS X CE  1 
ATOM   610  N  NZ  . LYS A 1 78  ? 6.350   -17.032 -3.886  1.00 48.68 ? 78  LYS X NZ  1 
ATOM   611  N  N   . LYS A 1 79  ? -0.634  -15.046 -1.403  1.00 31.54 ? 79  LYS X N   1 
ATOM   612  C  CA  . LYS A 1 79  ? -1.660  -15.478 -0.456  1.00 32.36 ? 79  LYS X CA  1 
ATOM   613  C  C   . LYS A 1 79  ? -1.109  -15.846 0.917   1.00 34.12 ? 79  LYS X C   1 
ATOM   614  O  O   . LYS A 1 79  ? -1.442  -16.898 1.458   1.00 35.34 ? 79  LYS X O   1 
ATOM   615  C  CB  . LYS A 1 79  ? -2.524  -16.623 -1.031  1.00 31.86 ? 79  LYS X CB  1 
ATOM   616  C  CG  . LYS A 1 79  ? -3.175  -16.312 -2.423  1.00 33.21 ? 79  LYS X CG  1 
ATOM   617  C  CD  . LYS A 1 79  ? -4.290  -17.291 -2.816  1.00 31.43 ? 79  LYS X CD  1 
ATOM   618  C  CE  . LYS A 1 79  ? -3.718  -18.665 -3.130  1.00 35.04 ? 79  LYS X CE  1 
ATOM   619  N  NZ  . LYS A 1 79  ? -4.676  -19.615 -3.724  1.00 29.93 ? 79  LYS X NZ  1 
ATOM   620  N  N   . GLY A 1 80  ? -0.257  -15.031 1.523   1.00 34.99 ? 80  GLY X N   1 
ATOM   621  C  CA  . GLY A 1 80  ? 0.288   -15.515 2.851   1.00 37.68 ? 80  GLY X CA  1 
ATOM   622  C  C   . GLY A 1 80  ? 1.238   -16.754 2.929   1.00 39.49 ? 80  GLY X C   1 
ATOM   623  O  O   . GLY A 1 80  ? 1.503   -17.294 4.012   1.00 40.08 ? 80  GLY X O   1 
ATOM   624  N  N   . HIS A 1 81  ? 1.745   -17.210 1.782   1.00 40.37 ? 81  HIS X N   1 
ATOM   625  C  CA  . HIS A 1 81  ? 3.095   -17.748 1.701   1.00 41.29 ? 81  HIS X CA  1 
ATOM   626  C  C   . HIS A 1 81  ? 3.964   -16.678 1.076   1.00 40.42 ? 81  HIS X C   1 
ATOM   627  O  O   . HIS A 1 81  ? 4.519   -16.857 -0.006  1.00 41.81 ? 81  HIS X O   1 
ATOM   628  C  CB  . HIS A 1 81  ? 3.153   -19.006 0.855   1.00 42.24 ? 81  HIS X CB  1 
ATOM   629  C  CG  . HIS A 1 81  ? 2.411   -20.151 1.453   1.00 46.22 ? 81  HIS X CG  1 
ATOM   630  N  ND1 . HIS A 1 81  ? 1.090   -20.425 1.145   1.00 48.27 ? 81  HIS X ND1 1 
ATOM   631  C  CD2 . HIS A 1 81  ? 2.795   -21.074 2.371   1.00 48.19 ? 81  HIS X CD2 1 
ATOM   632  C  CE1 . HIS A 1 81  ? 0.701   -21.477 1.842   1.00 50.59 ? 81  HIS X CE1 1 
ATOM   633  N  NE2 . HIS A 1 81  ? 1.718   -21.891 2.586   1.00 48.46 ? 81  HIS X NE2 1 
ATOM   634  N  N   . HIS A 1 82  ? 4.112   -15.557 1.763   1.00 40.17 ? 82  HIS X N   1 
ATOM   635  C  CA  . HIS A 1 82  ? 4.808   -14.412 1.176   1.00 38.74 ? 82  HIS X CA  1 
ATOM   636  C  C   . HIS A 1 82  ? 6.112   -14.002 1.884   1.00 38.77 ? 82  HIS X C   1 
ATOM   637  O  O   . HIS A 1 82  ? 6.573   -12.862 1.719   1.00 37.28 ? 82  HIS X O   1 
ATOM   638  C  CB  . HIS A 1 82  ? 3.835   -13.232 1.039   1.00 37.79 ? 82  HIS X CB  1 
ATOM   639  C  CG  . HIS A 1 82  ? 3.204   -12.792 2.335   1.00 35.84 ? 82  HIS X CG  1 
ATOM   640  N  ND1 . HIS A 1 82  ? 2.030   -12.072 2.375   1.00 29.06 ? 82  HIS X ND1 1 
ATOM   641  C  CD2 . HIS A 1 82  ? 3.581   -12.961 3.628   1.00 33.64 ? 82  HIS X CD2 1 
ATOM   642  C  CE1 . HIS A 1 82  ? 1.717   -11.803 3.631   1.00 28.45 ? 82  HIS X CE1 1 
ATOM   643  N  NE2 . HIS A 1 82  ? 2.645   -12.330 4.411   1.00 33.66 ? 82  HIS X NE2 1 
ATOM   644  N  N   . GLU A 1 83  ? 6.698   -14.919 2.662   1.00 38.34 ? 83  GLU X N   1 
ATOM   645  C  CA  . GLU A 1 83  ? 7.875   -14.600 3.493   1.00 39.12 ? 83  GLU X CA  1 
ATOM   646  C  C   . GLU A 1 83  ? 9.150   -14.177 2.713   1.00 39.50 ? 83  GLU X C   1 
ATOM   647  O  O   . GLU A 1 83  ? 9.862   -13.250 3.114   1.00 39.77 ? 83  GLU X O   1 
ATOM   648  C  CB  . GLU A 1 83  ? 8.164   -15.735 4.513   1.00 38.94 ? 83  GLU X CB  1 
ATOM   649  C  CG  . GLU A 1 83  ? 9.636   -15.768 5.054   1.00 41.33 ? 83  GLU X CG  1 
ATOM   650  C  CD  . GLU A 1 83  ? 9.935   -14.579 6.011   1.00 47.22 ? 83  GLU X CD  1 
ATOM   651  O  OE1 . GLU A 1 83  ? 9.098   -13.609 5.993   1.00 44.36 ? 83  GLU X OE1 1 
ATOM   652  O  OE2 . GLU A 1 83  ? 10.971  -14.632 6.771   1.00 47.86 ? 83  GLU X OE2 1 
ATOM   653  N  N   . ALA A 1 84  ? 9.457   -14.845 1.608   1.00 40.17 ? 84  ALA X N   1 
ATOM   654  C  CA  . ALA A 1 84  ? 10.641  -14.476 0.818   1.00 40.21 ? 84  ALA X CA  1 
ATOM   655  C  C   . ALA A 1 84  ? 10.528  -13.091 0.152   1.00 39.79 ? 84  ALA X C   1 
ATOM   656  O  O   . ALA A 1 84  ? 11.494  -12.355 0.100   1.00 39.86 ? 84  ALA X O   1 
ATOM   657  C  CB  . ALA A 1 84  ? 10.940  -15.583 -0.223  1.00 41.20 ? 84  ALA X CB  1 
ATOM   658  N  N   . GLU A 1 85  ? 9.339   -12.756 -0.365  1.00 40.40 ? 85  GLU X N   1 
ATOM   659  C  CA  . GLU A 1 85  ? 8.965   -11.400 -0.835  1.00 39.58 ? 85  GLU X CA  1 
ATOM   660  C  C   . GLU A 1 85  ? 9.027   -10.311 0.282   1.00 39.23 ? 85  GLU X C   1 
ATOM   661  O  O   . GLU A 1 85  ? 9.601   -9.211  0.132   1.00 38.07 ? 85  GLU X O   1 
ATOM   662  C  CB  . GLU A 1 85  ? 7.531   -11.456 -1.304  1.00 40.23 ? 85  GLU X CB  1 
ATOM   663  C  CG  . GLU A 1 85  ? 7.280   -12.086 -2.656  1.00 45.46 ? 85  GLU X CG  1 
ATOM   664  C  CD  . GLU A 1 85  ? 7.459   -13.609 -2.638  1.00 47.59 ? 85  GLU X CD  1 
ATOM   665  O  OE1 . GLU A 1 85  ? 6.790   -14.284 -1.841  1.00 50.31 ? 85  GLU X OE1 1 
ATOM   666  O  OE2 . GLU A 1 85  ? 8.288   -14.124 -3.412  1.00 48.96 ? 85  GLU X OE2 1 
ATOM   667  N  N   . LEU A 1 86  ? 8.437   -10.647 1.426   1.00 37.92 ? 86  LEU X N   1 
ATOM   668  C  CA  . LEU A 1 86  ? 8.147   -9.676  2.462   1.00 37.24 ? 86  LEU X CA  1 
ATOM   669  C  C   . LEU A 1 86  ? 9.380   -9.324  3.354   1.00 36.05 ? 86  LEU X C   1 
ATOM   670  O  O   . LEU A 1 86  ? 9.662   -8.152  3.636   1.00 36.67 ? 86  LEU X O   1 
ATOM   671  C  CB  . LEU A 1 86  ? 6.923   -10.212 3.233   1.00 37.48 ? 86  LEU X CB  1 
ATOM   672  C  CG  . LEU A 1 86  ? 6.229   -9.325  4.229   1.00 38.22 ? 86  LEU X CG  1 
ATOM   673  C  CD1 . LEU A 1 86  ? 4.750   -9.461  4.022   1.00 39.13 ? 86  LEU X CD1 1 
ATOM   674  C  CD2 . LEU A 1 86  ? 6.697   -9.704  5.616   1.00 37.30 ? 86  LEU X CD2 1 
ATOM   675  N  N   . LYS A 1 87  ? 10.147  -10.322 3.762   1.00 35.50 ? 87  LYS X N   1 
ATOM   676  C  CA  . LYS A 1 87  ? 11.333  -10.137 4.606   1.00 34.26 ? 87  LYS X CA  1 
ATOM   677  C  C   . LYS A 1 87  ? 12.373  -9.034  4.146   1.00 33.46 ? 87  LYS X C   1 
ATOM   678  O  O   . LYS A 1 87  ? 12.780  -8.167  4.955   1.00 32.13 ? 87  LYS X O   1 
ATOM   679  C  CB  . LYS A 1 87  ? 11.998  -11.513 4.795   1.00 35.40 ? 87  LYS X CB  1 
ATOM   680  C  CG  . LYS A 1 87  ? 13.168  -11.555 5.800   1.00 37.18 ? 87  LYS X CG  1 
ATOM   681  C  CD  . LYS A 1 87  ? 14.329  -12.447 5.319   1.00 39.09 ? 87  LYS X CD  1 
ATOM   682  C  CE  . LYS A 1 87  ? 15.610  -11.939 5.988   1.00 40.87 ? 87  LYS X CE  1 
ATOM   683  N  NZ  . LYS A 1 87  ? 16.497  -13.016 6.464   1.00 42.11 ? 87  LYS X NZ  1 
ATOM   684  N  N   . PRO A 1 88  ? 12.868  -9.077  2.865   1.00 30.49 ? 88  PRO X N   1 
ATOM   685  C  CA  . PRO A 1 88  ? 13.777  -7.920  2.554   1.00 29.56 ? 88  PRO X CA  1 
ATOM   686  C  C   . PRO A 1 88  ? 13.090  -6.527  2.404   1.00 27.63 ? 88  PRO X C   1 
ATOM   687  O  O   . PRO A 1 88  ? 13.716  -5.484  2.599   1.00 27.54 ? 88  PRO X O   1 
ATOM   688  C  CB  . PRO A 1 88  ? 14.494  -8.361  1.241   1.00 29.21 ? 88  PRO X CB  1 
ATOM   689  C  CG  . PRO A 1 88  ? 13.535  -9.393  0.583   1.00 27.83 ? 88  PRO X CG  1 
ATOM   690  C  CD  . PRO A 1 88  ? 12.690  -10.010 1.739   1.00 30.17 ? 88  PRO X CD  1 
ATOM   691  N  N   . LEU A 1 89  ? 11.813  -6.529  2.060   1.00 27.69 ? 89  LEU X N   1 
ATOM   692  C  CA  . LEU A 1 89  ? 10.974  -5.318  2.106   1.00 27.20 ? 89  LEU X CA  1 
ATOM   693  C  C   . LEU A 1 89  ? 10.869  -4.691  3.488   1.00 26.55 ? 89  LEU X C   1 
ATOM   694  O  O   . LEU A 1 89  ? 11.076  -3.511  3.646   1.00 24.77 ? 89  LEU X O   1 
ATOM   695  C  CB  . LEU A 1 89  ? 9.558   -5.622  1.574   1.00 26.40 ? 89  LEU X CB  1 
ATOM   696  C  CG  . LEU A 1 89  ? 8.939   -4.731  0.504   1.00 29.79 ? 89  LEU X CG  1 
ATOM   697  C  CD1 . LEU A 1 89  ? 7.568   -4.106  0.907   1.00 27.22 ? 89  LEU X CD1 1 
ATOM   698  C  CD2 . LEU A 1 89  ? 9.925   -3.679  -0.086  1.00 31.48 ? 89  LEU X CD2 1 
ATOM   699  N  N   . ALA A 1 90  ? 10.505  -5.495  4.465   1.00 26.85 ? 90  ALA X N   1 
ATOM   700  C  CA  . ALA A 1 90  ? 10.591  -5.113  5.887   1.00 27.63 ? 90  ALA X CA  1 
ATOM   701  C  C   . ALA A 1 90  ? 11.960  -4.579  6.266   1.00 27.97 ? 90  ALA X C   1 
ATOM   702  O  O   . ALA A 1 90  ? 12.050  -3.528  6.911   1.00 28.15 ? 90  ALA X O   1 
ATOM   703  C  CB  . ALA A 1 90  ? 10.151  -6.301  6.817   1.00 25.98 ? 90  ALA X CB  1 
ATOM   704  N  N   . GLN A 1 91  ? 13.045  -5.273  5.866   1.00 29.04 ? 91  GLN X N   1 
ATOM   705  C  CA  . GLN A 1 91  ? 14.394  -4.820  6.283   1.00 29.07 ? 91  GLN X CA  1 
ATOM   706  C  C   . GLN A 1 91  ? 14.756  -3.411  5.750   1.00 27.93 ? 91  GLN X C   1 
ATOM   707  O  O   . GLN A 1 91  ? 15.258  -2.509  6.524   1.00 27.44 ? 91  GLN X O   1 
ATOM   708  C  CB  . GLN A 1 91  ? 15.474  -5.865  5.951   1.00 29.60 ? 91  GLN X CB  1 
ATOM   709  C  CG  . GLN A 1 91  ? 15.268  -7.124  6.795   1.00 36.36 ? 91  GLN X CG  1 
ATOM   710  C  CD  . GLN A 1 91  ? 16.421  -8.115  6.700   1.00 43.25 ? 91  GLN X CD  1 
ATOM   711  O  OE1 . GLN A 1 91  ? 17.031  -8.286  5.628   1.00 45.90 ? 91  GLN X OE1 1 
ATOM   712  N  NE2 . GLN A 1 91  ? 16.731  -8.776  7.833   1.00 44.54 ? 91  GLN X NE2 1 
ATOM   713  N  N   . SER A 1 92  ? 14.480  -3.199  4.458   1.00 26.82 ? 92  SER X N   1 
ATOM   714  C  CA  . SER A 1 92  ? 14.707  -1.855  3.848   1.00 26.84 ? 92  SER X CA  1 
ATOM   715  C  C   . SER A 1 92  ? 13.834  -0.788  4.487   1.00 25.75 ? 92  SER X C   1 
ATOM   716  O  O   . SER A 1 92  ? 14.258  0.331   4.795   1.00 24.69 ? 92  SER X O   1 
ATOM   717  C  CB  . SER A 1 92  ? 14.645  -1.883  2.315   1.00 26.02 ? 92  SER X CB  1 
ATOM   718  O  OG  . SER A 1 92  ? 13.475  -1.341  1.788   1.00 28.87 ? 92  SER X OG  1 
ATOM   719  N  N   . HIS A 1 93  ? 12.606  -1.142  4.803   1.00 26.10 ? 93  HIS X N   1 
ATOM   720  C  CA  . HIS A 1 93  ? 11.766  -0.105  5.392   1.00 26.05 ? 93  HIS X CA  1 
ATOM   721  C  C   . HIS A 1 93  ? 12.130  0.219   6.830   1.00 26.30 ? 93  HIS X C   1 
ATOM   722  O  O   . HIS A 1 93  ? 12.028  1.348   7.216   1.00 25.27 ? 93  HIS X O   1 
ATOM   723  C  CB  . HIS A 1 93  ? 10.279  -0.395  5.134   1.00 25.65 ? 93  HIS X CB  1 
ATOM   724  C  CG  . HIS A 1 93  ? 9.908   -0.188  3.695   1.00 26.05 ? 93  HIS X CG  1 
ATOM   725  N  ND1 . HIS A 1 93  ? 10.456  -0.937  2.675   1.00 27.48 ? 93  HIS X ND1 1 
ATOM   726  C  CD2 . HIS A 1 93  ? 9.105   0.721   3.104   1.00 24.63 ? 93  HIS X CD2 1 
ATOM   727  C  CE1 . HIS A 1 93  ? 9.974   -0.518  1.519   1.00 26.59 ? 93  HIS X CE1 1 
ATOM   728  N  NE2 . HIS A 1 93  ? 9.164   0.497   1.754   1.00 27.82 ? 93  HIS X NE2 1 
ATOM   729  N  N   . ALA A 1 94  ? 12.607  -0.762  7.592   1.00 28.02 ? 94  ALA X N   1 
ATOM   730  C  CA  . ALA A 1 94  ? 13.081  -0.497  8.954   1.00 30.81 ? 94  ALA X CA  1 
ATOM   731  C  C   . ALA A 1 94  ? 14.463  0.230   9.025   1.00 31.86 ? 94  ALA X C   1 
ATOM   732  O  O   . ALA A 1 94  ? 14.566  1.281   9.667   1.00 32.87 ? 94  ALA X O   1 
ATOM   733  C  CB  . ALA A 1 94  ? 13.058  -1.765  9.838   1.00 28.52 ? 94  ALA X CB  1 
ATOM   734  N  N   . THR A 1 95  ? 15.456  -0.306  8.322   1.00 33.32 ? 95  THR X N   1 
ATOM   735  C  CA  . THR A 1 95  ? 16.850  0.121   8.407   1.00 34.55 ? 95  THR X CA  1 
ATOM   736  C  C   . THR A 1 95  ? 17.145  1.337   7.541   1.00 34.05 ? 95  THR X C   1 
ATOM   737  O  O   . THR A 1 95  ? 17.772  2.300   8.000   1.00 34.32 ? 95  THR X O   1 
ATOM   738  C  CB  . THR A 1 95  ? 17.845  -1.041  8.044   1.00 34.99 ? 95  THR X CB  1 
ATOM   739  O  OG1 . THR A 1 95  ? 17.500  -2.263  8.753   1.00 39.57 ? 95  THR X OG1 1 
ATOM   740  C  CG2 . THR A 1 95  ? 19.259  -0.676  8.483   1.00 36.10 ? 95  THR X CG2 1 
ATOM   741  N  N   . LYS A 1 96  ? 16.683  1.303   6.297   1.00 33.94 ? 96  LYS X N   1 
ATOM   742  C  CA  . LYS A 1 96  ? 16.956  2.405   5.353   1.00 33.75 ? 96  LYS X CA  1 
ATOM   743  C  C   . LYS A 1 96  ? 15.958  3.579   5.326   1.00 31.83 ? 96  LYS X C   1 
ATOM   744  O  O   . LYS A 1 96  ? 16.299  4.733   5.591   1.00 32.55 ? 96  LYS X O   1 
ATOM   745  C  CB  . LYS A 1 96  ? 17.141  1.850   3.924   1.00 33.74 ? 96  LYS X CB  1 
ATOM   746  C  CG  . LYS A 1 96  ? 17.326  2.992   2.898   1.00 36.78 ? 96  LYS X CG  1 
ATOM   747  C  CD  . LYS A 1 96  ? 17.115  2.520   1.477   1.00 41.97 ? 96  LYS X CD  1 
ATOM   748  C  CE  . LYS A 1 96  ? 18.420  2.540   0.712   1.00 41.45 ? 96  LYS X CE  1 
ATOM   749  N  NZ  . LYS A 1 96  ? 19.155  3.726   1.178   1.00 42.48 ? 96  LYS X NZ  1 
ATOM   750  N  N   . HIS A 1 97  ? 14.735  3.279   4.929   1.00 30.87 ? 97  HIS X N   1 
ATOM   751  C  CA  . HIS A 1 97  ? 13.739  4.278   4.682   1.00 28.75 ? 97  HIS X CA  1 
ATOM   752  C  C   . HIS A 1 97  ? 13.217  4.766   6.023   1.00 29.12 ? 97  HIS X C   1 
ATOM   753  O  O   . HIS A 1 97  ? 12.825  5.948   6.161   1.00 29.67 ? 97  HIS X O   1 
ATOM   754  C  CB  . HIS A 1 97  ? 12.618  3.658   3.859   1.00 28.08 ? 97  HIS X CB  1 
ATOM   755  C  CG  . HIS A 1 97  ? 13.095  3.124   2.546   1.00 29.63 ? 97  HIS X CG  1 
ATOM   756  N  ND1 . HIS A 1 97  ? 13.881  3.857   1.682   1.00 28.36 ? 97  HIS X ND1 1 
ATOM   757  C  CD2 . HIS A 1 97  ? 12.898  1.928   1.947   1.00 25.87 ? 97  HIS X CD2 1 
ATOM   758  C  CE1 . HIS A 1 97  ? 14.160  3.134   0.626   1.00 24.49 ? 97  HIS X CE1 1 
ATOM   759  N  NE2 . HIS A 1 97  ? 13.559  1.969   0.749   1.00 24.30 ? 97  HIS X NE2 1 
ATOM   760  N  N   . LYS A 1 98  ? 13.218  3.851   6.999   1.00 27.31 ? 98  LYS X N   1 
ATOM   761  C  CA  . LYS A 1 98  ? 12.813  4.150   8.350   1.00 27.38 ? 98  LYS X CA  1 
ATOM   762  C  C   . LYS A 1 98  ? 11.338  4.574   8.400   1.00 26.42 ? 98  LYS X C   1 
ATOM   763  O  O   . LYS A 1 98  ? 10.948  5.594   8.967   1.00 25.28 ? 98  LYS X O   1 
ATOM   764  C  CB  . LYS A 1 98  ? 13.811  5.134   9.027   1.00 29.18 ? 98  LYS X CB  1 
ATOM   765  C  CG  . LYS A 1 98  ? 15.278  4.618   9.119   1.00 27.45 ? 98  LYS X CG  1 
ATOM   766  C  CD  . LYS A 1 98  ? 16.260  5.794   9.369   1.00 31.27 ? 98  LYS X CD  1 
ATOM   767  C  CE  . LYS A 1 98  ? 17.743  5.337   9.675   1.00 35.72 ? 98  LYS X CE  1 
ATOM   768  N  NZ  . LYS A 1 98  ? 17.835  3.960   10.405  1.00 40.59 ? 98  LYS X NZ  1 
ATOM   769  N  N   . ILE A 1 99  ? 10.514  3.700   7.839   1.00 26.33 ? 99  ILE X N   1 
ATOM   770  C  CA  . ILE A 1 99  ? 9.058   3.879   7.776   1.00 24.74 ? 99  ILE X CA  1 
ATOM   771  C  C   . ILE A 1 99  ? 8.413   3.173   8.963   1.00 25.72 ? 99  ILE X C   1 
ATOM   772  O  O   . ILE A 1 99  ? 8.342   1.926   8.968   1.00 26.74 ? 99  ILE X O   1 
ATOM   773  C  CB  . ILE A 1 99  ? 8.526   3.308   6.460   1.00 24.61 ? 99  ILE X CB  1 
ATOM   774  C  CG1 . ILE A 1 99  ? 9.326   3.871   5.269   1.00 21.38 ? 99  ILE X CG1 1 
ATOM   775  C  CG2 . ILE A 1 99  ? 6.976   3.499   6.274   1.00 25.00 ? 99  ILE X CG2 1 
ATOM   776  C  CD1 . ILE A 1 99  ? 9.409   5.387   5.171   1.00 19.09 ? 99  ILE X CD1 1 
ATOM   777  N  N   . PRO A 1 100 ? 7.884   3.963   9.950   1.00 26.07 ? 100 PRO X N   1 
ATOM   778  C  CA  . PRO A 1 100 ? 7.133   3.434   11.082  1.00 26.80 ? 100 PRO X CA  1 
ATOM   779  C  C   . PRO A 1 100 ? 5.935   2.588   10.605  1.00 27.47 ? 100 PRO X C   1 
ATOM   780  O  O   . PRO A 1 100 ? 5.271   2.971   9.585   1.00 25.12 ? 100 PRO X O   1 
ATOM   781  C  CB  . PRO A 1 100 ? 6.587   4.698   11.769  1.00 27.92 ? 100 PRO X CB  1 
ATOM   782  C  CG  . PRO A 1 100 ? 7.452   5.848   11.262  1.00 27.28 ? 100 PRO X CG  1 
ATOM   783  C  CD  . PRO A 1 100 ? 7.900   5.435   9.915   1.00 24.83 ? 100 PRO X CD  1 
ATOM   784  N  N   . ILE A 1 101 ? 5.639   1.472   11.315  1.00 27.74 ? 101 ILE X N   1 
ATOM   785  C  CA  . ILE A 1 101 ? 4.432   0.717   11.043  1.00 27.41 ? 101 ILE X CA  1 
ATOM   786  C  C   . ILE A 1 101 ? 3.124   1.581   10.897  1.00 26.05 ? 101 ILE X C   1 
ATOM   787  O  O   . ILE A 1 101 ? 2.241   1.249   10.090  1.00 25.84 ? 101 ILE X O   1 
ATOM   788  C  CB  . ILE A 1 101 ? 4.222   -0.555  11.996  1.00 28.62 ? 101 ILE X CB  1 
ATOM   789  C  CG1 . ILE A 1 101 ? 3.410   -1.597  11.263  1.00 30.95 ? 101 ILE X CG1 1 
ATOM   790  C  CG2 . ILE A 1 101 ? 3.421   -0.263  13.240  1.00 30.03 ? 101 ILE X CG2 1 
ATOM   791  C  CD1 . ILE A 1 101 ? 4.238   -2.406  10.211  1.00 34.26 ? 101 ILE X CD1 1 
ATOM   792  N  N   . LYS A 1 102 ? 3.039   2.671   11.631  1.00 26.25 ? 102 LYS X N   1 
ATOM   793  C  CA  . LYS A 1 102 ? 1.931   3.635   11.523  1.00 27.01 ? 102 LYS X CA  1 
ATOM   794  C  C   . LYS A 1 102 ? 1.729   4.241   10.130  1.00 24.72 ? 102 LYS X C   1 
ATOM   795  O  O   . LYS A 1 102 ? 0.617   4.558   9.765   1.00 21.85 ? 102 LYS X O   1 
ATOM   796  C  CB  . LYS A 1 102 ? 2.143   4.730   12.566  1.00 28.06 ? 102 LYS X CB  1 
ATOM   797  C  CG  . LYS A 1 102 ? 1.044   5.810   12.769  1.00 32.29 ? 102 LYS X CG  1 
ATOM   798  C  CD  . LYS A 1 102 ? 0.028   5.312   13.801  1.00 40.32 ? 102 LYS X CD  1 
ATOM   799  C  CE  . LYS A 1 102 ? -1.442  5.801   13.563  1.00 41.65 ? 102 LYS X CE  1 
ATOM   800  N  NZ  . LYS A 1 102 ? -2.424  5.055   14.438  1.00 41.57 ? 102 LYS X NZ  1 
ATOM   801  N  N   . TYR A 1 103 ? 2.819   4.501   9.388   1.00 25.01 ? 103 TYR X N   1 
ATOM   802  C  CA  . TYR A 1 103 ? 2.703   5.004   8.012   1.00 23.86 ? 103 TYR X CA  1 
ATOM   803  C  C   . TYR A 1 103 ? 2.180   3.851   7.133   1.00 23.51 ? 103 TYR X C   1 
ATOM   804  O  O   . TYR A 1 103 ? 1.385   4.042   6.195   1.00 21.28 ? 103 TYR X O   1 
ATOM   805  C  CB  . TYR A 1 103 ? 4.060   5.466   7.482   1.00 25.31 ? 103 TYR X CB  1 
ATOM   806  C  CG  . TYR A 1 103 ? 4.632   6.714   8.136   1.00 25.32 ? 103 TYR X CG  1 
ATOM   807  C  CD1 . TYR A 1 103 ? 4.026   7.313   9.245   1.00 24.25 ? 103 TYR X CD1 1 
ATOM   808  C  CD2 . TYR A 1 103 ? 5.821   7.286   7.633   1.00 22.68 ? 103 TYR X CD2 1 
ATOM   809  C  CE1 . TYR A 1 103 ? 4.578   8.463   9.843   1.00 25.35 ? 103 TYR X CE1 1 
ATOM   810  C  CE2 . TYR A 1 103 ? 6.342   8.406   8.172   1.00 24.82 ? 103 TYR X CE2 1 
ATOM   811  C  CZ  . TYR A 1 103 ? 5.716   9.021   9.275   1.00 26.92 ? 103 TYR X CZ  1 
ATOM   812  O  OH  . TYR A 1 103 ? 6.352   10.135  9.815   1.00 30.24 ? 103 TYR X OH  1 
ATOM   813  N  N   . LEU A 1 104 ? 2.598   2.643   7.449   1.00 21.97 ? 104 LEU X N   1 
ATOM   814  C  CA  . LEU A 1 104 ? 2.011   1.487   6.764   1.00 22.01 ? 104 LEU X CA  1 
ATOM   815  C  C   . LEU A 1 104 ? 0.509   1.295   6.998   1.00 22.36 ? 104 LEU X C   1 
ATOM   816  O  O   . LEU A 1 104 ? -0.205  0.839   6.140   1.00 20.61 ? 104 LEU X O   1 
ATOM   817  C  CB  . LEU A 1 104 ? 2.776   0.174   7.066   1.00 23.54 ? 104 LEU X CB  1 
ATOM   818  C  CG  . LEU A 1 104 ? 4.216   0.371   6.572   1.00 21.29 ? 104 LEU X CG  1 
ATOM   819  C  CD1 . LEU A 1 104 ? 4.975   -0.824  7.067   1.00 26.40 ? 104 LEU X CD1 1 
ATOM   820  C  CD2 . LEU A 1 104 ? 4.239   0.427   5.083   1.00 25.64 ? 104 LEU X CD2 1 
ATOM   821  N  N   . GLU A 1 105 ? 0.045   1.601   8.191   1.00 22.01 ? 105 GLU X N   1 
ATOM   822  C  CA  . GLU A 1 105 ? -1.372  1.599   8.453   1.00 21.81 ? 105 GLU X CA  1 
ATOM   823  C  C   . GLU A 1 105 ? -2.081  2.737   7.673   1.00 20.73 ? 105 GLU X C   1 
ATOM   824  O  O   . GLU A 1 105 ? -3.193  2.556   7.124   1.00 20.73 ? 105 GLU X O   1 
ATOM   825  C  CB  . GLU A 1 105 ? -1.551  1.758   9.977   1.00 21.78 ? 105 GLU X CB  1 
ATOM   826  C  CG  . GLU A 1 105 ? -2.937  1.932   10.414  1.00 20.60 ? 105 GLU X CG  1 
ATOM   827  C  CD  . GLU A 1 105 ? -3.030  2.538   11.826  1.00 28.90 ? 105 GLU X CD  1 
ATOM   828  O  OE1 . GLU A 1 105 ? -2.035  3.082   12.359  1.00 36.58 ? 105 GLU X OE1 1 
ATOM   829  O  OE2 . GLU A 1 105 ? -4.089  2.470   12.432  1.00 26.87 ? 105 GLU X OE2 1 
ATOM   830  N  N   . PHE A 1 106 ? -1.442  3.910   7.655   1.00 21.44 ? 106 PHE X N   1 
ATOM   831  C  CA  . PHE A 1 106 ? -1.958  5.066   6.843   1.00 21.27 ? 106 PHE X CA  1 
ATOM   832  C  C   . PHE A 1 106 ? -2.083  4.713   5.359   1.00 20.15 ? 106 PHE X C   1 
ATOM   833  O  O   . PHE A 1 106 ? -3.121  4.977   4.771   1.00 21.07 ? 106 PHE X O   1 
ATOM   834  C  CB  . PHE A 1 106 ? -1.139  6.343   6.909   1.00 20.94 ? 106 PHE X CB  1 
ATOM   835  C  CG  . PHE A 1 106 ? -0.944  6.940   8.245   1.00 20.44 ? 106 PHE X CG  1 
ATOM   836  C  CD1 . PHE A 1 106 ? -1.853  6.764   9.295   1.00 23.09 ? 106 PHE X CD1 1 
ATOM   837  C  CD2 . PHE A 1 106 ? 0.199   7.761   8.437   1.00 24.34 ? 106 PHE X CD2 1 
ATOM   838  C  CE1 . PHE A 1 106 ? -1.633  7.386   10.573  1.00 26.49 ? 106 PHE X CE1 1 
ATOM   839  C  CE2 . PHE A 1 106 ? 0.437   8.393   9.702   1.00 22.24 ? 106 PHE X CE2 1 
ATOM   840  C  CZ  . PHE A 1 106 ? -0.517  8.194   10.762  1.00 24.22 ? 106 PHE X CZ  1 
ATOM   841  N  N   . ILE A 1 107 ? -1.074  4.100   4.749   1.00 21.22 ? 107 ILE X N   1 
ATOM   842  C  CA  . ILE A 1 107 ? -1.214  3.702   3.308   1.00 22.33 ? 107 ILE X CA  1 
ATOM   843  C  C   . ILE A 1 107 ? -2.195  2.538   3.065   1.00 22.33 ? 107 ILE X C   1 
ATOM   844  O  O   . ILE A 1 107 ? -2.794  2.478   1.991   1.00 22.56 ? 107 ILE X O   1 
ATOM   845  C  CB  . ILE A 1 107 ? 0.134   3.372   2.578   1.00 22.80 ? 107 ILE X CB  1 
ATOM   846  C  CG1 . ILE A 1 107 ? -0.006  3.516   1.032   1.00 20.99 ? 107 ILE X CG1 1 
ATOM   847  C  CG2 . ILE A 1 107 ? 0.705   1.905   2.956   1.00 20.03 ? 107 ILE X CG2 1 
ATOM   848  C  CD1 . ILE A 1 107 ? 1.325   3.528   0.315   1.00 22.27 ? 107 ILE X CD1 1 
ATOM   849  N  N   . SER A 1 108 ? -2.367  1.644   4.045   1.00 23.23 ? 108 SER X N   1 
ATOM   850  C  CA  . SER A 1 108 ? -3.422  0.637   3.950   1.00 23.15 ? 108 SER X CA  1 
ATOM   851  C  C   . SER A 1 108 ? -4.819  1.258   3.865   1.00 22.68 ? 108 SER X C   1 
ATOM   852  O  O   . SER A 1 108 ? -5.673  0.875   3.037   1.00 21.70 ? 108 SER X O   1 
ATOM   853  C  CB  . SER A 1 108 ? -3.400  -0.324  5.106   1.00 23.63 ? 108 SER X CB  1 
ATOM   854  O  OG  . SER A 1 108 ? -2.225  -1.108  5.169   1.00 25.66 ? 108 SER X OG  1 
ATOM   855  N  N   . ASP A 1 109 ? -5.034  2.227   4.751   1.00 24.31 ? 109 ASP X N   1 
ATOM   856  C  CA  . ASP A 1 109 ? -6.228  3.010   4.753   1.00 23.70 ? 109 ASP X CA  1 
ATOM   857  C  C   . ASP A 1 109 ? -6.435  3.779   3.468   1.00 23.93 ? 109 ASP X C   1 
ATOM   858  O  O   . ASP A 1 109 ? -7.565  3.839   2.986   1.00 23.53 ? 109 ASP X O   1 
ATOM   859  C  CB  . ASP A 1 109 ? -6.301  3.903   5.973   1.00 22.70 ? 109 ASP X CB  1 
ATOM   860  C  CG  . ASP A 1 109 ? -6.490  3.108   7.275   1.00 27.73 ? 109 ASP X CG  1 
ATOM   861  O  OD1 . ASP A 1 109 ? -6.791  1.885   7.233   1.00 31.50 ? 109 ASP X OD1 1 
ATOM   862  O  OD2 . ASP A 1 109 ? -6.308  3.684   8.357   1.00 23.94 ? 109 ASP X OD2 1 
ATOM   863  N  N   . ALA A 1 110 ? -5.366  4.340   2.916   1.00 24.41 ? 110 ALA X N   1 
ATOM   864  C  CA  . ALA A 1 110 ? -5.440  5.098   1.669   1.00 25.43 ? 110 ALA X CA  1 
ATOM   865  C  C   . ALA A 1 110 ? -5.832  4.167   0.525   1.00 24.31 ? 110 ALA X C   1 
ATOM   866  O  O   . ALA A 1 110 ? -6.604  4.524   -0.334  1.00 23.99 ? 110 ALA X O   1 
ATOM   867  C  CB  . ALA A 1 110 ? -4.092  5.901   1.378   1.00 25.18 ? 110 ALA X CB  1 
ATOM   868  N  N   . ILE A 1 111 ? -5.365  2.923   0.558   1.00 25.93 ? 111 ILE X N   1 
ATOM   869  C  CA  . ILE A 1 111 ? -5.736  1.929   -0.488  1.00 24.23 ? 111 ILE X CA  1 
ATOM   870  C  C   . ILE A 1 111 ? -7.228  1.485   -0.392  1.00 26.99 ? 111 ILE X C   1 
ATOM   871  O  O   . ILE A 1 111 ? -7.913  1.342   -1.423  1.00 26.60 ? 111 ILE X O   1 
ATOM   872  C  CB  . ILE A 1 111 ? -4.791  0.692   -0.433  1.00 24.68 ? 111 ILE X CB  1 
ATOM   873  C  CG1 . ILE A 1 111 ? -3.345  1.064   -0.854  1.00 23.26 ? 111 ILE X CG1 1 
ATOM   874  C  CG2 . ILE A 1 111 ? -5.237  -0.449  -1.317  1.00 21.14 ? 111 ILE X CG2 1 
ATOM   875  C  CD1 . ILE A 1 111 ? -2.282  0.066   -0.351  1.00 23.33 ? 111 ILE X CD1 1 
ATOM   876  N  N   . ILE A 1 112 ? -7.723  1.277   0.850   1.00 26.91 ? 112 ILE X N   1 
ATOM   877  C  CA  . ILE A 1 112 ? -9.115  1.038   1.061   1.00 26.57 ? 112 ILE X CA  1 
ATOM   878  C  C   . ILE A 1 112 ? -9.904  2.266   0.560   1.00 27.26 ? 112 ILE X C   1 
ATOM   879  O  O   . ILE A 1 112 ? -10.805 2.132   -0.250  1.00 25.91 ? 112 ILE X O   1 
ATOM   880  C  CB  . ILE A 1 112 ? -9.430  0.719   2.535   1.00 26.44 ? 112 ILE X CB  1 
ATOM   881  C  CG1 . ILE A 1 112 ? -8.710  -0.569  3.006   1.00 24.42 ? 112 ILE X CG1 1 
ATOM   882  C  CG2 . ILE A 1 112 ? -10.945 0.589   2.706   1.00 26.79 ? 112 ILE X CG2 1 
ATOM   883  C  CD1 . ILE A 1 112 ? -9.325  -1.896  2.247   1.00 24.16 ? 112 ILE X CD1 1 
ATOM   884  N  N   . HIS A 1 113 ? -9.544  3.467   0.992   1.00 28.13 ? 113 HIS X N   1 
ATOM   885  C  CA  . HIS A 1 113 ? -10.250 4.646   0.479   1.00 28.43 ? 113 HIS X CA  1 
ATOM   886  C  C   . HIS A 1 113 ? -10.324 4.713   -1.054  1.00 30.34 ? 113 HIS X C   1 
ATOM   887  O  O   . HIS A 1 113 ? -11.435 4.903   -1.627  1.00 29.25 ? 113 HIS X O   1 
ATOM   888  C  CB  . HIS A 1 113 ? -9.673  5.936   1.035   1.00 29.26 ? 113 HIS X CB  1 
ATOM   889  C  CG  . HIS A 1 113 ? -10.388 7.156   0.543   1.00 31.36 ? 113 HIS X CG  1 
ATOM   890  N  ND1 . HIS A 1 113 ? -11.515 7.663   1.166   1.00 35.78 ? 113 HIS X ND1 1 
ATOM   891  C  CD2 . HIS A 1 113 ? -10.160 7.954   -0.532  1.00 33.22 ? 113 HIS X CD2 1 
ATOM   892  C  CE1 . HIS A 1 113 ? -11.946 8.723   0.506   1.00 36.28 ? 113 HIS X CE1 1 
ATOM   893  N  NE2 . HIS A 1 113 ? -11.137 8.927   -0.522  1.00 37.22 ? 113 HIS X NE2 1 
ATOM   894  N  N   . VAL A 1 114 ? -9.148  4.550   -1.710  1.00 29.71 ? 114 VAL X N   1 
ATOM   895  C  CA  . VAL A 1 114 ? -9.015  4.626   -3.166  1.00 28.63 ? 114 VAL X CA  1 
ATOM   896  C  C   . VAL A 1 114 ? -9.812  3.550   -3.933  1.00 29.04 ? 114 VAL X C   1 
ATOM   897  O  O   . VAL A 1 114 ? -10.393 3.875   -4.969  1.00 28.53 ? 114 VAL X O   1 
ATOM   898  C  CB  . VAL A 1 114 ? -7.513  4.703   -3.634  1.00 29.95 ? 114 VAL X CB  1 
ATOM   899  C  CG1 . VAL A 1 114 ? -7.362  4.609   -5.198  1.00 27.60 ? 114 VAL X CG1 1 
ATOM   900  C  CG2 . VAL A 1 114 ? -6.809  5.938   -3.069  1.00 26.97 ? 114 VAL X CG2 1 
ATOM   901  N  N   . LEU A 1 115 ? -9.849  2.302   -3.439  1.00 29.04 ? 115 LEU X N   1 
ATOM   902  C  CA  . LEU A 1 115 ? -10.753 1.259   -3.957  1.00 30.23 ? 115 LEU X CA  1 
ATOM   903  C  C   . LEU A 1 115 ? -12.263 1.644   -3.908  1.00 31.25 ? 115 LEU X C   1 
ATOM   904  O  O   . LEU A 1 115 ? -13.020 1.404   -4.902  1.00 30.87 ? 115 LEU X O   1 
ATOM   905  C  CB  . LEU A 1 115 ? -10.498 -0.132  -3.317  1.00 28.80 ? 115 LEU X CB  1 
ATOM   906  C  CG  . LEU A 1 115 ? -9.048  -0.641  -3.441  1.00 29.77 ? 115 LEU X CG  1 
ATOM   907  C  CD1 . LEU A 1 115 ? -8.765  -1.940  -2.640  1.00 28.97 ? 115 LEU X CD1 1 
ATOM   908  C  CD2 . LEU A 1 115 ? -8.622  -0.781  -4.896  1.00 28.79 ? 115 LEU X CD2 1 
ATOM   909  N  N   . HIS A 1 116 ? -12.706 2.225   -2.785  1.00 32.43 ? 116 HIS X N   1 
ATOM   910  C  CA  . HIS A 1 116 ? -14.097 2.731   -2.708  1.00 34.10 ? 116 HIS X CA  1 
ATOM   911  C  C   . HIS A 1 116 ? -14.341 3.900   -3.657  1.00 35.91 ? 116 HIS X C   1 
ATOM   912  O  O   . HIS A 1 116 ? -15.438 3.987   -4.246  1.00 36.47 ? 116 HIS X O   1 
ATOM   913  C  CB  . HIS A 1 116 ? -14.560 3.106   -1.291  1.00 33.11 ? 116 HIS X CB  1 
ATOM   914  C  CG  . HIS A 1 116 ? -14.776 1.929   -0.373  1.00 32.68 ? 116 HIS X CG  1 
ATOM   915  N  ND1 . HIS A 1 116 ? -15.904 1.146   -0.418  1.00 29.81 ? 116 HIS X ND1 1 
ATOM   916  C  CD2 . HIS A 1 116 ? -14.015 1.430   0.637   1.00 30.36 ? 116 HIS X CD2 1 
ATOM   917  C  CE1 . HIS A 1 116 ? -15.823 0.201   0.500   1.00 28.79 ? 116 HIS X CE1 1 
ATOM   918  N  NE2 . HIS A 1 116 ? -14.687 0.352   1.158   1.00 28.15 ? 116 HIS X NE2 1 
ATOM   919  N  N   . SER A 1 117 ? -13.360 4.813   -3.760  1.00 36.39 ? 117 SER X N   1 
ATOM   920  C  CA  . SER A 1 117 ? -13.526 6.051   -4.518  1.00 38.35 ? 117 SER X CA  1 
ATOM   921  C  C   . SER A 1 117 ? -13.550 5.798   -6.027  1.00 39.91 ? 117 SER X C   1 
ATOM   922  O  O   . SER A 1 117 ? -14.391 6.361   -6.755  1.00 40.61 ? 117 SER X O   1 
ATOM   923  C  CB  . SER A 1 117 ? -12.436 7.047   -4.123  1.00 38.29 ? 117 SER X CB  1 
ATOM   924  O  OG  . SER A 1 117 ? -12.292 8.094   -5.063  1.00 40.86 ? 117 SER X OG  1 
ATOM   925  N  N   . LYS A 1 118 ? -12.668 4.897   -6.468  1.00 41.44 ? 118 LYS X N   1 
ATOM   926  C  CA  . LYS A 1 118 ? -12.506 4.510   -7.881  1.00 42.99 ? 118 LYS X CA  1 
ATOM   927  C  C   . LYS A 1 118 ? -13.441 3.399   -8.312  1.00 43.39 ? 118 LYS X C   1 
ATOM   928  O  O   . LYS A 1 118 ? -13.483 2.994   -9.504  1.00 44.35 ? 118 LYS X O   1 
ATOM   929  C  CB  . LYS A 1 118 ? -11.047 4.085   -8.158  1.00 42.34 ? 118 LYS X CB  1 
ATOM   930  C  CG  . LYS A 1 118 ? -10.055 5.215   -8.175  1.00 43.51 ? 118 LYS X CG  1 
ATOM   931  C  CD  . LYS A 1 118 ? -8.631  4.775   -8.603  1.00 43.81 ? 118 LYS X CD  1 
ATOM   932  C  CE  . LYS A 1 118 ? -8.460  4.806   -10.118 1.00 48.90 ? 118 LYS X CE  1 
ATOM   933  N  NZ  . LYS A 1 118 ? -8.259  6.213   -10.661 1.00 45.06 ? 118 LYS X NZ  1 
ATOM   934  N  N   . HIS A 1 119 ? -14.170 2.837   -7.357  1.00 44.43 ? 119 HIS X N   1 
ATOM   935  C  CA  . HIS A 1 119 ? -15.046 1.667   -7.678  1.00 44.83 ? 119 HIS X CA  1 
ATOM   936  C  C   . HIS A 1 119 ? -16.294 1.684   -6.821  1.00 45.01 ? 119 HIS X C   1 
ATOM   937  O  O   . HIS A 1 119 ? -16.598 0.694   -6.143  1.00 44.12 ? 119 HIS X O   1 
ATOM   938  C  CB  . HIS A 1 119 ? -14.272 0.332   -7.569  1.00 43.65 ? 119 HIS X CB  1 
ATOM   939  C  CG  . HIS A 1 119 ? -12.936 0.371   -8.232  1.00 41.72 ? 119 HIS X CG  1 
ATOM   940  N  ND1 . HIS A 1 119 ? -12.749 0.016   -9.547  1.00 42.09 ? 119 HIS X ND1 1 
ATOM   941  C  CD2 . HIS A 1 119 ? -11.720 0.751   -7.770  1.00 42.04 ? 119 HIS X CD2 1 
ATOM   942  C  CE1 . HIS A 1 119 ? -11.463 0.123   -9.852  1.00 43.97 ? 119 HIS X CE1 1 
ATOM   943  N  NE2 . HIS A 1 119 ? -10.820 0.595   -8.798  1.00 40.49 ? 119 HIS X NE2 1 
ATOM   944  N  N   . PRO A 1 120 ? -17.027 2.826   -6.871  1.00 46.37 ? 120 PRO X N   1 
ATOM   945  C  CA  . PRO A 1 120 ? -18.129 3.094   -5.946  1.00 46.96 ? 120 PRO X CA  1 
ATOM   946  C  C   . PRO A 1 120 ? -19.188 2.021   -6.210  1.00 47.37 ? 120 PRO X C   1 
ATOM   947  O  O   . PRO A 1 120 ? -19.512 1.764   -7.375  1.00 47.13 ? 120 PRO X O   1 
ATOM   948  C  CB  . PRO A 1 120 ? -18.634 4.489   -6.386  1.00 46.96 ? 120 PRO X CB  1 
ATOM   949  C  CG  . PRO A 1 120 ? -17.553 5.087   -7.218  1.00 47.33 ? 120 PRO X CG  1 
ATOM   950  C  CD  . PRO A 1 120 ? -16.912 3.898   -7.890  1.00 46.73 ? 120 PRO X CD  1 
ATOM   951  N  N   . GLY A 1 121 ? -19.680 1.369   -5.163  1.00 47.67 ? 121 GLY X N   1 
ATOM   952  C  CA  . GLY A 1 121 ? -20.587 0.223   -5.374  1.00 49.10 ? 121 GLY X CA  1 
ATOM   953  C  C   . GLY A 1 121 ? -20.204 -0.969  -6.291  1.00 49.39 ? 121 GLY X C   1 
ATOM   954  O  O   . GLY A 1 121 ? -21.113 -1.645  -6.837  1.00 49.72 ? 121 GLY X O   1 
ATOM   955  N  N   . ASP A 1 122 ? -18.896 -1.257  -6.404  1.00 48.39 ? 122 ASP X N   1 
ATOM   956  C  CA  . ASP A 1 122 ? -18.317 -2.356  -7.210  1.00 47.16 ? 122 ASP X CA  1 
ATOM   957  C  C   . ASP A 1 122 ? -17.289 -3.096  -6.297  1.00 45.31 ? 122 ASP X C   1 
ATOM   958  O  O   . ASP A 1 122 ? -16.587 -4.040  -6.707  1.00 45.92 ? 122 ASP X O   1 
ATOM   959  C  CB  . ASP A 1 122 ? -17.615 -1.703  -8.414  1.00 48.81 ? 122 ASP X CB  1 
ATOM   960  C  CG  . ASP A 1 122 ? -16.889 -2.700  -9.295  1.00 52.26 ? 122 ASP X CG  1 
ATOM   961  O  OD1 . ASP A 1 122 ? -17.196 -3.917  -9.175  1.00 57.95 ? 122 ASP X OD1 1 
ATOM   962  O  OD2 . ASP A 1 122 ? -16.021 -2.277  -10.113 1.00 50.37 ? 122 ASP X OD2 1 
ATOM   963  N  N   . PHE A 1 123 ? -17.190 -2.630  -5.044  1.00 41.81 ? 123 PHE X N   1 
ATOM   964  C  CA  . PHE A 1 123 ? -16.188 -3.086  -4.053  1.00 36.97 ? 123 PHE X CA  1 
ATOM   965  C  C   . PHE A 1 123 ? -16.963 -3.229  -2.732  1.00 36.52 ? 123 PHE X C   1 
ATOM   966  O  O   . PHE A 1 123 ? -17.027 -2.304  -1.904  1.00 34.84 ? 123 PHE X O   1 
ATOM   967  C  CB  . PHE A 1 123 ? -15.052 -2.037  -3.946  1.00 36.16 ? 123 PHE X CB  1 
ATOM   968  C  CG  . PHE A 1 123 ? -14.002 -2.332  -2.876  1.00 32.13 ? 123 PHE X CG  1 
ATOM   969  C  CD1 . PHE A 1 123 ? -13.404 -3.573  -2.788  1.00 28.15 ? 123 PHE X CD1 1 
ATOM   970  C  CD2 . PHE A 1 123 ? -13.619 -1.349  -1.979  1.00 27.78 ? 123 PHE X CD2 1 
ATOM   971  C  CE1 . PHE A 1 123 ? -12.413 -3.818  -1.867  1.00 28.03 ? 123 PHE X CE1 1 
ATOM   972  C  CE2 . PHE A 1 123 ? -12.652 -1.585  -1.048  1.00 27.42 ? 123 PHE X CE2 1 
ATOM   973  C  CZ  . PHE A 1 123 ? -12.048 -2.843  -0.983  1.00 29.72 ? 123 PHE X CZ  1 
ATOM   974  N  N   . GLY A 1 124 ? -17.537 -4.420  -2.550  1.00 35.24 ? 124 GLY X N   1 
ATOM   975  C  CA  . GLY A 1 124 ? -18.672 -4.609  -1.652  1.00 33.75 ? 124 GLY X CA  1 
ATOM   976  C  C   . GLY A 1 124 ? -18.243 -4.860  -0.223  1.00 32.96 ? 124 GLY X C   1 
ATOM   977  O  O   . GLY A 1 124 ? -17.017 -4.928  0.077   1.00 33.36 ? 124 GLY X O   1 
ATOM   978  N  N   . ALA A 1 125 ? -19.242 -5.003  0.659   1.00 30.75 ? 125 ALA X N   1 
ATOM   979  C  CA  . ALA A 1 125 ? -19.000 -5.383  2.033   1.00 29.43 ? 125 ALA X CA  1 
ATOM   980  C  C   . ALA A 1 125 ? -17.977 -6.501  2.137   1.00 29.14 ? 125 ALA X C   1 
ATOM   981  O  O   . ALA A 1 125 ? -17.003 -6.371  2.874   1.00 26.14 ? 125 ALA X O   1 
ATOM   982  C  CB  . ALA A 1 125 ? -20.313 -5.796  2.749   1.00 28.77 ? 125 ALA X CB  1 
ATOM   983  N  N   . ASP A 1 126 ? -18.186 -7.553  1.346   1.00 30.01 ? 126 ASP X N   1 
ATOM   984  C  CA  . ASP A 1 126 ? -17.442 -8.801  1.426   1.00 32.42 ? 126 ASP X CA  1 
ATOM   985  C  C   . ASP A 1 126 ? -16.001 -8.674  0.878   1.00 31.79 ? 126 ASP X C   1 
ATOM   986  O  O   . ASP A 1 126 ? -14.995 -9.123  1.505   1.00 30.08 ? 126 ASP X O   1 
ATOM   987  C  CB  . ASP A 1 126 ? -18.249 -9.921  0.740   1.00 33.95 ? 126 ASP X CB  1 
ATOM   988  C  CG  . ASP A 1 126 ? -18.493 -9.650  -0.811  1.00 41.58 ? 126 ASP X CG  1 
ATOM   989  O  OD1 . ASP A 1 126 ? -18.715 -8.472  -1.289  1.00 45.41 ? 126 ASP X OD1 1 
ATOM   990  O  OD2 . ASP A 1 126 ? -18.447 -10.648 -1.588  1.00 48.45 ? 126 ASP X OD2 1 
ATOM   991  N  N   . ALA A 1 127 ? -15.882 -7.974  -0.240  1.00 31.95 ? 127 ALA X N   1 
ATOM   992  C  CA  . ALA A 1 127 ? -14.577 -7.783  -0.836  1.00 31.53 ? 127 ALA X CA  1 
ATOM   993  C  C   . ALA A 1 127 ? -13.679 -6.833  0.009   1.00 31.30 ? 127 ALA X C   1 
ATOM   994  O  O   . ALA A 1 127 ? -12.491 -7.055  0.194   1.00 28.92 ? 127 ALA X O   1 
ATOM   995  C  CB  . ALA A 1 127 ? -14.740 -7.332  -2.244  1.00 31.45 ? 127 ALA X CB  1 
ATOM   996  N  N   . GLN A 1 128 ? -14.293 -5.777  0.527   1.00 31.51 ? 128 GLN X N   1 
ATOM   997  C  CA  . GLN A 1 128 ? -13.649 -4.840  1.417   1.00 31.43 ? 128 GLN X CA  1 
ATOM   998  C  C   . GLN A 1 128 ? -13.167 -5.426  2.722   1.00 30.12 ? 128 GLN X C   1 
ATOM   999  O  O   . GLN A 1 128 ? -12.083 -5.032  3.175   1.00 29.06 ? 128 GLN X O   1 
ATOM   1000 C  CB  . GLN A 1 128 ? -14.577 -3.655  1.699   1.00 32.87 ? 128 GLN X CB  1 
ATOM   1001 C  CG  . GLN A 1 128 ? -14.776 -3.405  3.184   1.00 36.45 ? 128 GLN X CG  1 
ATOM   1002 C  CD  . GLN A 1 128 ? -14.951 -1.993  3.477   1.00 41.05 ? 128 GLN X CD  1 
ATOM   1003 O  OE1 . GLN A 1 128 ? -14.002 -1.255  3.542   1.00 40.90 ? 128 GLN X OE1 1 
ATOM   1004 N  NE2 . GLN A 1 128 ? -16.204 -1.576  3.608   1.00 48.88 ? 128 GLN X NE2 1 
ATOM   1005 N  N   . GLY A 1 129 ? -13.966 -6.308  3.343   1.00 29.87 ? 129 GLY X N   1 
ATOM   1006 C  CA  . GLY A 1 129 ? -13.484 -7.143  4.479   1.00 29.50 ? 129 GLY X CA  1 
ATOM   1007 C  C   . GLY A 1 129 ? -12.244 -8.022  4.177   1.00 29.64 ? 129 GLY X C   1 
ATOM   1008 O  O   . GLY A 1 129 ? -11.274 -8.074  4.947   1.00 29.34 ? 129 GLY X O   1 
ATOM   1009 N  N   . ALA A 1 130 ? -12.257 -8.722  3.057   1.00 28.71 ? 130 ALA X N   1 
ATOM   1010 C  CA  . ALA A 1 130 ? -11.073 -9.527  2.672   1.00 28.36 ? 130 ALA X CA  1 
ATOM   1011 C  C   . ALA A 1 130 ? -9.791  -8.672  2.365   1.00 26.94 ? 130 ALA X C   1 
ATOM   1012 O  O   . ALA A 1 130 ? -8.690  -9.035  2.786   1.00 26.97 ? 130 ALA X O   1 
ATOM   1013 C  CB  . ALA A 1 130 ? -11.444 -10.506 1.517   1.00 28.34 ? 130 ALA X CB  1 
ATOM   1014 N  N   . MET A 1 131 ? -9.933  -7.524  1.685   1.00 26.26 ? 131 MET X N   1 
ATOM   1015 C  CA  . MET A 1 131 ? -8.794  -6.687  1.364   1.00 24.98 ? 131 MET X CA  1 
ATOM   1016 C  C   . MET A 1 131 ? -8.214  -6.110  2.679   1.00 25.87 ? 131 MET X C   1 
ATOM   1017 O  O   . MET A 1 131 ? -6.986  -6.141  2.942   1.00 23.70 ? 131 MET X O   1 
ATOM   1018 C  CB  . MET A 1 131 ? -9.167  -5.598  0.344   1.00 24.99 ? 131 MET X CB  1 
ATOM   1019 C  CG  . MET A 1 131 ? -8.036  -4.687  -0.063  1.00 21.47 ? 131 MET X CG  1 
ATOM   1020 S  SD  . MET A 1 131 ? -6.734  -5.629  -0.970  1.00 25.67 ? 131 MET X SD  1 
ATOM   1021 C  CE  . MET A 1 131 ? -7.577  -5.952  -2.515  1.00 13.31 ? 131 MET X CE  1 
ATOM   1022 N  N   . THR A 1 132 ? -9.108  -5.599  3.516   1.00 23.62 ? 132 THR X N   1 
ATOM   1023 C  CA  . THR A 1 132 ? -8.666  -5.243  4.869   1.00 25.30 ? 132 THR X CA  1 
ATOM   1024 C  C   . THR A 1 132 ? -7.907  -6.366  5.580   1.00 24.25 ? 132 THR X C   1 
ATOM   1025 O  O   . THR A 1 132 ? -6.860  -6.105  6.161   1.00 24.70 ? 132 THR X O   1 
ATOM   1026 C  CB  . THR A 1 132 ? -9.850  -4.740  5.749   1.00 25.47 ? 132 THR X CB  1 
ATOM   1027 O  OG1 . THR A 1 132 ? -10.556 -3.700  5.013   1.00 22.50 ? 132 THR X OG1 1 
ATOM   1028 C  CG2 . THR A 1 132 ? -9.282  -4.203  7.065   1.00 25.18 ? 132 THR X CG2 1 
ATOM   1029 N  N   . LYS A 1 133 ? -8.430  -7.601  5.586   1.00 24.42 ? 133 LYS X N   1 
ATOM   1030 C  CA  . LYS A 1 133 ? -7.691  -8.697  6.239   1.00 24.75 ? 133 LYS X CA  1 
ATOM   1031 C  C   . LYS A 1 133 ? -6.358  -8.961  5.546   1.00 23.32 ? 133 LYS X C   1 
ATOM   1032 O  O   . LYS A 1 133 ? -5.385  -9.263  6.211   1.00 24.95 ? 133 LYS X O   1 
ATOM   1033 C  CB  . LYS A 1 133 ? -8.480  -10.028 6.284   1.00 23.98 ? 133 LYS X CB  1 
ATOM   1034 C  CG  . LYS A 1 133 ? -9.474  -10.229 7.376   1.00 27.08 ? 133 LYS X CG  1 
ATOM   1035 C  CD  . LYS A 1 133 ? -10.195 -11.657 7.222   1.00 27.63 ? 133 LYS X CD  1 
ATOM   1036 C  CE  . LYS A 1 133 ? -9.268  -12.808 7.646   1.00 31.60 ? 133 LYS X CE  1 
ATOM   1037 N  NZ  . LYS A 1 133 ? -10.014 -14.075 8.051   1.00 34.32 ? 133 LYS X NZ  1 
ATOM   1038 N  N   . ALA A 1 134 ? -6.326  -8.895  4.213   1.00 22.10 ? 134 ALA X N   1 
ATOM   1039 C  CA  . ALA A 1 134 ? -5.053  -9.091  3.462   1.00 21.28 ? 134 ALA X CA  1 
ATOM   1040 C  C   . ALA A 1 134 ? -3.978  -8.031  3.789   1.00 21.74 ? 134 ALA X C   1 
ATOM   1041 O  O   . ALA A 1 134 ? -2.753  -8.357  3.862   1.00 22.23 ? 134 ALA X O   1 
ATOM   1042 C  CB  . ALA A 1 134 ? -5.316  -9.117  2.004   1.00 20.43 ? 134 ALA X CB  1 
ATOM   1043 N  N   . LEU A 1 135 ? -4.413  -6.755  3.927   1.00 22.10 ? 135 LEU X N   1 
ATOM   1044 C  CA  . LEU A 1 135 ? -3.516  -5.619  4.290   1.00 20.92 ? 135 LEU X CA  1 
ATOM   1045 C  C   . LEU A 1 135 ? -3.051  -5.667  5.755   1.00 21.04 ? 135 LEU X C   1 
ATOM   1046 O  O   . LEU A 1 135 ? -1.870  -5.313  6.106   1.00 18.35 ? 135 LEU X O   1 
ATOM   1047 C  CB  . LEU A 1 135 ? -4.186  -4.255  3.982   1.00 22.04 ? 135 LEU X CB  1 
ATOM   1048 C  CG  . LEU A 1 135 ? -4.599  -3.958  2.520   1.00 21.97 ? 135 LEU X CG  1 
ATOM   1049 C  CD1 . LEU A 1 135 ? -5.422  -2.632  2.398   1.00 19.60 ? 135 LEU X CD1 1 
ATOM   1050 C  CD2 . LEU A 1 135 ? -3.307  -3.967  1.609   1.00 24.78 ? 135 LEU X CD2 1 
ATOM   1051 N  N   . GLU A 1 136 ? -3.975  -6.074  6.634   1.00 20.65 ? 136 GLU X N   1 
ATOM   1052 C  CA  . GLU A 1 136 ? -3.613  -6.430  8.008   1.00 21.14 ? 136 GLU X CA  1 
ATOM   1053 C  C   . GLU A 1 136 ? -2.507  -7.515  8.125   1.00 21.66 ? 136 GLU X C   1 
ATOM   1054 O  O   . GLU A 1 136 ? -1.546  -7.379  8.908   1.00 20.78 ? 136 GLU X O   1 
ATOM   1055 C  CB  . GLU A 1 136 ? -4.873  -6.805  8.817   1.00 20.31 ? 136 GLU X CB  1 
ATOM   1056 C  CG  . GLU A 1 136 ? -5.640  -5.550  9.178   1.00 24.98 ? 136 GLU X CG  1 
ATOM   1057 C  CD  . GLU A 1 136 ? -7.069  -5.819  9.681   1.00 25.31 ? 136 GLU X CD  1 
ATOM   1058 O  OE1 . GLU A 1 136 ? -7.667  -6.884  9.412   1.00 26.97 ? 136 GLU X OE1 1 
ATOM   1059 O  OE2 . GLU A 1 136 ? -7.602  -4.914  10.304  1.00 27.39 ? 136 GLU X OE2 1 
ATOM   1060 N  N   . LEU A 1 137 ? -2.616  -8.563  7.322   1.00 23.23 ? 137 LEU X N   1 
ATOM   1061 C  CA  . LEU A 1 137 ? -1.591  -9.638  7.322   1.00 23.82 ? 137 LEU X CA  1 
ATOM   1062 C  C   . LEU A 1 137 ? -0.240  -9.149  6.839   1.00 23.14 ? 137 LEU X C   1 
ATOM   1063 O  O   . LEU A 1 137 ? 0.803   -9.457  7.428   1.00 22.02 ? 137 LEU X O   1 
ATOM   1064 C  CB  . LEU A 1 137 ? -2.079  -10.833 6.446   1.00 25.74 ? 137 LEU X CB  1 
ATOM   1065 C  CG  . LEU A 1 137 ? -1.225  -12.132 6.320   1.00 26.08 ? 137 LEU X CG  1 
ATOM   1066 C  CD1 . LEU A 1 137 ? -1.114  -12.968 7.621   1.00 29.29 ? 137 LEU X CD1 1 
ATOM   1067 C  CD2 . LEU A 1 137 ? -1.740  -12.979 5.189   1.00 25.37 ? 137 LEU X CD2 1 
ATOM   1068 N  N   . PHE A 1 138 ? -0.274  -8.364  5.757   1.00 23.70 ? 138 PHE X N   1 
ATOM   1069 C  CA  . PHE A 1 138 ? 0.888   -7.719  5.222   1.00 23.23 ? 138 PHE X CA  1 
ATOM   1070 C  C   . PHE A 1 138 ? 1.630   -6.948  6.330   1.00 25.09 ? 138 PHE X C   1 
ATOM   1071 O  O   . PHE A 1 138 ? 2.797   -7.205  6.586   1.00 23.65 ? 138 PHE X O   1 
ATOM   1072 C  CB  . PHE A 1 138 ? 0.453   -6.798  4.124   1.00 23.70 ? 138 PHE X CB  1 
ATOM   1073 C  CG  . PHE A 1 138 ? 1.557   -5.855  3.628   1.00 22.15 ? 138 PHE X CG  1 
ATOM   1074 C  CD1 . PHE A 1 138 ? 2.609   -6.324  2.870   1.00 28.08 ? 138 PHE X CD1 1 
ATOM   1075 C  CD2 . PHE A 1 138 ? 1.493   -4.477  3.907   1.00 25.18 ? 138 PHE X CD2 1 
ATOM   1076 C  CE1 . PHE A 1 138 ? 3.632   -5.403  2.377   1.00 31.03 ? 138 PHE X CE1 1 
ATOM   1077 C  CE2 . PHE A 1 138 ? 2.483   -3.577  3.441   1.00 29.43 ? 138 PHE X CE2 1 
ATOM   1078 C  CZ  . PHE A 1 138 ? 3.562   -4.032  2.686   1.00 24.88 ? 138 PHE X CZ  1 
ATOM   1079 N  N   . ARG A 1 139 ? 0.875   -6.053  6.992   1.00 26.24 ? 139 ARG X N   1 
ATOM   1080 C  CA  . ARG A 1 139 ? 1.300   -5.211  8.094   1.00 26.04 ? 139 ARG X CA  1 
ATOM   1081 C  C   . ARG A 1 139 ? 1.761   -5.998  9.336   1.00 26.27 ? 139 ARG X C   1 
ATOM   1082 O  O   . ARG A 1 139 ? 2.831   -5.713  9.856   1.00 23.40 ? 139 ARG X O   1 
ATOM   1083 C  CB  . ARG A 1 139 ? 0.153   -4.329  8.432   1.00 25.94 ? 139 ARG X CB  1 
ATOM   1084 C  CG  . ARG A 1 139 ? 0.549   -2.940  8.647   1.00 28.94 ? 139 ARG X CG  1 
ATOM   1085 C  CD  . ARG A 1 139 ? -0.564  -1.995  8.375   1.00 26.10 ? 139 ARG X CD  1 
ATOM   1086 N  NE  . ARG A 1 139 ? -1.670  -2.090  9.324   1.00 22.60 ? 139 ARG X NE  1 
ATOM   1087 C  CZ  . ARG A 1 139 ? -2.935  -2.194  8.942   1.00 20.17 ? 139 ARG X CZ  1 
ATOM   1088 N  NH1 . ARG A 1 139 ? -3.214  -2.299  7.670   1.00 16.18 ? 139 ARG X NH1 1 
ATOM   1089 N  NH2 . ARG A 1 139 ? -3.916  -2.239  9.839   1.00 20.01 ? 139 ARG X NH2 1 
ATOM   1090 N  N   . ASN A 1 140 ? 0.983   -7.016  9.759   1.00 25.83 ? 140 ASN X N   1 
ATOM   1091 C  CA  . ASN A 1 140 ? 1.407   -7.955  10.806  1.00 26.71 ? 140 ASN X CA  1 
ATOM   1092 C  C   . ASN A 1 140 ? 2.762   -8.649  10.578  1.00 26.13 ? 140 ASN X C   1 
ATOM   1093 O  O   . ASN A 1 140 ? 3.583   -8.815  11.496  1.00 25.41 ? 140 ASN X O   1 
ATOM   1094 C  CB  . ASN A 1 140 ? 0.329   -9.060  10.996  1.00 27.80 ? 140 ASN X CB  1 
ATOM   1095 C  CG  . ASN A 1 140 ? 0.532   -9.856  12.252  1.00 28.59 ? 140 ASN X CG  1 
ATOM   1096 O  OD1 . ASN A 1 140 ? 0.473   -9.285  13.353  1.00 37.76 ? 140 ASN X OD1 1 
ATOM   1097 N  ND2 . ASN A 1 140 ? 0.745   -11.155 12.127  1.00 26.70 ? 140 ASN X ND2 1 
ATOM   1098 N  N   . ASP A 1 141 ? 2.944   -9.160  9.369   1.00 26.37 ? 141 ASP X N   1 
ATOM   1099 C  CA  . ASP A 1 141 ? 4.198   -9.823  8.986   1.00 24.70 ? 141 ASP X CA  1 
ATOM   1100 C  C   . ASP A 1 141 ? 5.365   -8.840  8.913   1.00 24.18 ? 141 ASP X C   1 
ATOM   1101 O  O   . ASP A 1 141 ? 6.497   -9.177  9.263   1.00 24.48 ? 141 ASP X O   1 
ATOM   1102 C  CB  . ASP A 1 141 ? 4.011   -10.691 7.714   1.00 24.53 ? 141 ASP X CB  1 
ATOM   1103 C  CG  . ASP A 1 141 ? 3.172   -11.934 7.986   1.00 23.80 ? 141 ASP X CG  1 
ATOM   1104 O  OD1 . ASP A 1 141 ? 2.898   -12.280 9.163   1.00 26.10 ? 141 ASP X OD1 1 
ATOM   1105 O  OD2 . ASP A 1 141 ? 2.720   -12.591 7.046   1.00 28.59 ? 141 ASP X OD2 1 
ATOM   1106 N  N   . ILE A 1 142 ? 5.116   -7.605  8.515   1.00 22.42 ? 142 ILE X N   1 
ATOM   1107 C  CA  . ILE A 1 142 ? 6.219   -6.598  8.595   1.00 21.77 ? 142 ILE X CA  1 
ATOM   1108 C  C   . ILE A 1 142 ? 6.509   -6.230  10.040  1.00 20.58 ? 142 ILE X C   1 
ATOM   1109 O  O   . ILE A 1 142 ? 7.696   -6.088  10.448  1.00 20.25 ? 142 ILE X O   1 
ATOM   1110 C  CB  . ILE A 1 142 ? 5.846   -5.328  7.767   1.00 20.99 ? 142 ILE X CB  1 
ATOM   1111 C  CG1 . ILE A 1 142 ? 5.886   -5.693  6.302   1.00 21.83 ? 142 ILE X CG1 1 
ATOM   1112 C  CG2 . ILE A 1 142 ? 6.745   -4.119  8.078   1.00 19.13 ? 142 ILE X CG2 1 
ATOM   1113 C  CD1 . ILE A 1 142 ? 4.822   -4.936  5.540   1.00 26.21 ? 142 ILE X CD1 1 
ATOM   1114 N  N   . ALA A 1 143 ? 5.432   -6.037  10.835  1.00 20.83 ? 143 ALA X N   1 
ATOM   1115 C  CA  . ALA A 1 143 ? 5.591   -5.686  12.271  1.00 20.69 ? 143 ALA X CA  1 
ATOM   1116 C  C   . ALA A 1 143 ? 6.509   -6.699  12.998  1.00 21.14 ? 143 ALA X C   1 
ATOM   1117 O  O   . ALA A 1 143 ? 7.361   -6.310  13.805  1.00 19.12 ? 143 ALA X O   1 
ATOM   1118 C  CB  . ALA A 1 143 ? 4.236   -5.591  12.968  1.00 21.42 ? 143 ALA X CB  1 
ATOM   1119 N  N   . ALA A 1 144 ? 6.344   -7.988  12.699  1.00 20.55 ? 144 ALA X N   1 
ATOM   1120 C  CA  . ALA A 1 144 ? 7.178   -9.024  13.342  1.00 22.57 ? 144 ALA X CA  1 
ATOM   1121 C  C   . ALA A 1 144 ? 8.725   -8.876  13.086  1.00 24.15 ? 144 ALA X C   1 
ATOM   1122 O  O   . ALA A 1 144 ? 9.496   -8.965  14.030  1.00 26.21 ? 144 ALA X O   1 
ATOM   1123 C  CB  . ALA A 1 144 ? 6.697   -10.395 12.992  1.00 21.38 ? 144 ALA X CB  1 
ATOM   1124 N  N   . LYS A 1 145 ? 9.107   -8.671  11.820  1.00 24.87 ? 145 LYS X N   1 
ATOM   1125 C  CA  . LYS A 1 145 ? 10.435  -8.398  11.360  1.00 25.54 ? 145 LYS X CA  1 
ATOM   1126 C  C   . LYS A 1 145 ? 10.991  -7.086  11.947  1.00 24.45 ? 145 LYS X C   1 
ATOM   1127 O  O   . LYS A 1 145 ? 12.146  -7.020  12.343  1.00 23.72 ? 145 LYS X O   1 
ATOM   1128 C  CB  . LYS A 1 145 ? 10.419  -8.351  9.832   1.00 25.14 ? 145 LYS X CB  1 
ATOM   1129 C  CG  . LYS A 1 145 ? 9.826   -9.646  9.088   1.00 29.06 ? 145 LYS X CG  1 
ATOM   1130 C  CD  . LYS A 1 145 ? 10.924  -10.765 9.089   1.00 32.44 ? 145 LYS X CD  1 
ATOM   1131 C  CE  . LYS A 1 145 ? 10.568  -12.014 8.286   1.00 35.27 ? 145 LYS X CE  1 
ATOM   1132 N  NZ  . LYS A 1 145 ? 10.127  -13.137 9.153   1.00 35.61 ? 145 LYS X NZ  1 
ATOM   1133 N  N   . TYR A 1 146 ? 10.130  -6.066  12.046  1.00 25.43 ? 146 TYR X N   1 
ATOM   1134 C  CA  . TYR A 1 146 ? 10.424  -4.804  12.718  1.00 25.23 ? 146 TYR X CA  1 
ATOM   1135 C  C   . TYR A 1 146 ? 10.772  -5.008  14.200  1.00 25.24 ? 146 TYR X C   1 
ATOM   1136 O  O   . TYR A 1 146 ? 11.707  -4.394  14.711  1.00 22.30 ? 146 TYR X O   1 
ATOM   1137 C  CB  . TYR A 1 146 ? 9.203   -3.869  12.645  1.00 25.07 ? 146 TYR X CB  1 
ATOM   1138 C  CG  . TYR A 1 146 ? 9.121   -2.962  11.429  1.00 24.07 ? 146 TYR X CG  1 
ATOM   1139 C  CD1 . TYR A 1 146 ? 9.668   -3.333  10.209  1.00 25.56 ? 146 TYR X CD1 1 
ATOM   1140 C  CD2 . TYR A 1 146 ? 8.494   -1.721  11.525  1.00 26.89 ? 146 TYR X CD2 1 
ATOM   1141 C  CE1 . TYR A 1 146 ? 9.588   -2.502  9.111   1.00 24.17 ? 146 TYR X CE1 1 
ATOM   1142 C  CE2 . TYR A 1 146 ? 8.408   -0.868  10.421  1.00 27.67 ? 146 TYR X CE2 1 
ATOM   1143 C  CZ  . TYR A 1 146 ? 8.989   -1.281  9.210   1.00 24.70 ? 146 TYR X CZ  1 
ATOM   1144 O  OH  . TYR A 1 146 ? 8.886   -0.464  8.126   1.00 20.30 ? 146 TYR X OH  1 
ATOM   1145 N  N   . LYS A 1 147 ? 9.980   -5.832  14.890  1.00 25.62 ? 147 LYS X N   1 
ATOM   1146 C  CA  . LYS A 1 147 ? 10.261  -6.095  16.314  1.00 27.28 ? 147 LYS X CA  1 
ATOM   1147 C  C   . LYS A 1 147 ? 11.606  -6.767  16.543  1.00 26.69 ? 147 LYS X C   1 
ATOM   1148 O  O   . LYS A 1 147 ? 12.286  -6.420  17.489  1.00 26.23 ? 147 LYS X O   1 
ATOM   1149 C  CB  . LYS A 1 147 ? 9.191   -6.913  17.008  1.00 26.34 ? 147 LYS X CB  1 
ATOM   1150 C  CG  . LYS A 1 147 ? 9.540   -7.216  18.485  1.00 30.05 ? 147 LYS X CG  1 
ATOM   1151 C  CD  . LYS A 1 147 ? 8.312   -7.746  19.309  1.00 29.49 ? 147 LYS X CD  1 
ATOM   1152 C  CE  . LYS A 1 147 ? 8.653   -8.178  20.730  1.00 30.30 ? 147 LYS X CE  1 
ATOM   1153 N  NZ  . LYS A 1 147 ? 9.381   -9.538  20.743  1.00 31.29 ? 147 LYS X NZ  1 
ATOM   1154 N  N   . GLU A 1 148 ? 11.896  -7.768  15.720  1.00 26.96 ? 148 GLU X N   1 
ATOM   1155 C  CA  . GLU A 1 148 ? 13.144  -8.494  15.668  1.00 29.10 ? 148 GLU X CA  1 
ATOM   1156 C  C   . GLU A 1 148 ? 14.294  -7.491  15.592  1.00 29.17 ? 148 GLU X C   1 
ATOM   1157 O  O   . GLU A 1 148 ? 15.269  -7.530  16.429  1.00 29.70 ? 148 GLU X O   1 
ATOM   1158 C  CB  . GLU A 1 148 ? 13.048  -9.512  14.483  1.00 29.43 ? 148 GLU X CB  1 
ATOM   1159 C  CG  . GLU A 1 148 ? 14.332  -10.079 13.806  1.00 30.29 ? 148 GLU X CG  1 
ATOM   1160 C  CD  . GLU A 1 148 ? 14.035  -11.003 12.589  1.00 32.75 ? 148 GLU X CD  1 
ATOM   1161 O  OE1 . GLU A 1 148 ? 12.918  -11.609 12.461  1.00 35.35 ? 148 GLU X OE1 1 
ATOM   1162 O  OE2 . GLU A 1 148 ? 14.942  -11.129 11.742  1.00 35.35 ? 148 GLU X OE2 1 
ATOM   1163 N  N   . LEU A 1 149 ? 14.139  -6.538  14.650  1.00 28.30 ? 149 LEU X N   1 
ATOM   1164 C  CA  . LEU A 1 149 ? 15.170  -5.574  14.369  1.00 28.05 ? 149 LEU X CA  1 
ATOM   1165 C  C   . LEU A 1 149 ? 15.226  -4.406  15.376  1.00 29.37 ? 149 LEU X C   1 
ATOM   1166 O  O   . LEU A 1 149 ? 16.065  -3.553  15.200  1.00 30.59 ? 149 LEU X O   1 
ATOM   1167 C  CB  . LEU A 1 149 ? 15.033  -5.028  12.938  1.00 27.48 ? 149 LEU X CB  1 
ATOM   1168 C  CG  . LEU A 1 149 ? 15.238  -5.918  11.706  1.00 26.80 ? 149 LEU X CG  1 
ATOM   1169 C  CD1 . LEU A 1 149 ? 14.612  -5.293  10.492  1.00 24.29 ? 149 LEU X CD1 1 
ATOM   1170 C  CD2 . LEU A 1 149 ? 16.743  -6.364  11.359  1.00 21.67 ? 149 LEU X CD2 1 
ATOM   1171 N  N   . GLY A 1 150 ? 14.331  -4.331  16.374  1.00 29.33 ? 150 GLY X N   1 
ATOM   1172 C  CA  . GLY A 1 150 ? 14.244  -3.173  17.293  1.00 29.88 ? 150 GLY X CA  1 
ATOM   1173 C  C   . GLY A 1 150 ? 13.761  -1.833  16.748  1.00 31.93 ? 150 GLY X C   1 
ATOM   1174 O  O   . GLY A 1 150 ? 14.003  -0.761  17.351  1.00 30.99 ? 150 GLY X O   1 
ATOM   1175 N  N   . PHE A 1 151 ? 13.091  -1.873  15.603  1.00 34.82 ? 151 PHE X N   1 
ATOM   1176 C  CA  . PHE A 1 151 ? 12.590  -0.660  14.931  1.00 37.89 ? 151 PHE X CA  1 
ATOM   1177 C  C   . PHE A 1 151 ? 11.368  -0.077  15.643  1.00 40.56 ? 151 PHE X C   1 
ATOM   1178 O  O   . PHE A 1 151 ? 10.270  -0.701  15.645  1.00 41.10 ? 151 PHE X O   1 
ATOM   1179 C  CB  . PHE A 1 151 ? 12.347  -0.829  13.413  1.00 35.94 ? 151 PHE X CB  1 
ATOM   1180 C  CG  . PHE A 1 151 ? 12.078  0.482   12.705  1.00 35.75 ? 151 PHE X CG  1 
ATOM   1181 C  CD1 . PHE A 1 151 ? 12.991  1.512   12.757  1.00 35.50 ? 151 PHE X CD1 1 
ATOM   1182 C  CD2 . PHE A 1 151 ? 10.922  0.683   11.984  1.00 37.54 ? 151 PHE X CD2 1 
ATOM   1183 C  CE1 . PHE A 1 151 ? 12.764  2.722   12.144  1.00 36.18 ? 151 PHE X CE1 1 
ATOM   1184 C  CE2 . PHE A 1 151 ? 10.675  1.907   11.367  1.00 35.65 ? 151 PHE X CE2 1 
ATOM   1185 C  CZ  . PHE A 1 151 ? 11.596  2.932   11.461  1.00 36.62 ? 151 PHE X CZ  1 
ATOM   1186 N  N   . GLN A 1 152 ? 11.574  1.156   16.165  1.00 43.73 ? 152 GLN X N   1 
ATOM   1187 C  CA  . GLN A 1 152 ? 10.771  1.785   17.268  1.00 46.99 ? 152 GLN X CA  1 
ATOM   1188 C  C   . GLN A 1 152 ? 10.751  0.930   18.545  1.00 47.73 ? 152 GLN X C   1 
ATOM   1189 O  O   . GLN A 1 152 ? 11.678  1.004   19.387  1.00 48.07 ? 152 GLN X O   1 
ATOM   1190 C  CB  . GLN A 1 152 ? 9.327   2.118   16.841  1.00 48.11 ? 152 GLN X CB  1 
ATOM   1191 C  CG  . GLN A 1 152 ? 9.149   3.549   16.359  1.00 51.11 ? 152 GLN X CG  1 
ATOM   1192 C  CD  . GLN A 1 152 ? 9.965   3.852   15.110  1.00 55.35 ? 152 GLN X CD  1 
ATOM   1193 O  OE1 . GLN A 1 152 ? 10.392  2.948   14.396  1.00 57.13 ? 152 GLN X OE1 1 
ATOM   1194 N  NE2 . GLN A 1 152 ? 10.180  5.131   14.846  1.00 56.78 ? 152 GLN X NE2 1 
HETATM 1195 S  S   . SO4 B 2 .   ? 7.910   15.335  -12.468 1.00 44.85 ? 157 SO4 X S   1 
HETATM 1196 O  O1  . SO4 B 2 .   ? 8.085   16.418  -11.515 1.00 42.22 ? 157 SO4 X O1  1 
HETATM 1197 O  O2  . SO4 B 2 .   ? 9.061   15.170  -13.336 1.00 44.61 ? 157 SO4 X O2  1 
HETATM 1198 O  O3  . SO4 B 2 .   ? 7.792   14.072  -11.739 1.00 48.97 ? 157 SO4 X O3  1 
HETATM 1199 O  O4  . SO4 B 2 .   ? 6.686   15.493  -13.268 1.00 44.15 ? 157 SO4 X O4  1 
HETATM 1200 S  S   . SO4 C 2 .   ? 6.085   -19.075 3.712   1.00 73.48 ? 158 SO4 X S   1 
HETATM 1201 O  O1  . SO4 C 2 .   ? 5.084   -18.206 4.328   1.00 72.64 ? 158 SO4 X O1  1 
HETATM 1202 O  O2  . SO4 C 2 .   ? 5.438   -20.355 3.411   1.00 72.79 ? 158 SO4 X O2  1 
HETATM 1203 O  O3  . SO4 C 2 .   ? 6.592   -18.530 2.442   1.00 71.21 ? 158 SO4 X O3  1 
HETATM 1204 O  O4  . SO4 C 2 .   ? 7.186   -19.206 4.689   1.00 72.67 ? 158 SO4 X O4  1 
HETATM 1205 S  S   . SO4 D 2 .   ? -7.449  7.695   5.161   1.00 64.72 ? 159 SO4 X S   1 
HETATM 1206 O  O1  . SO4 D 2 .   ? -7.838  9.026   5.684   1.00 65.72 ? 159 SO4 X O1  1 
HETATM 1207 O  O2  . SO4 D 2 .   ? -7.108  7.722   3.738   1.00 62.41 ? 159 SO4 X O2  1 
HETATM 1208 O  O3  . SO4 D 2 .   ? -6.216  7.348   5.888   1.00 64.99 ? 159 SO4 X O3  1 
HETATM 1209 O  O4  . SO4 D 2 .   ? -8.558  6.747   5.346   1.00 61.65 ? 159 SO4 X O4  1 
HETATM 1210 MN MN  . MNH E 3 .   ? 8.061   1.885   0.339   1.00 24.91 ? 154 MNH X MN  1 
HETATM 1211 C  CHA . MNH E 3 .   ? 10.994  2.334   -1.796  1.00 22.32 ? 154 MNH X CHA 1 
HETATM 1212 C  CHB . MNH E 3 .   ? 7.279   -1.089  -1.551  1.00 24.89 ? 154 MNH X CHB 1 
HETATM 1213 C  CHC . MNH E 3 .   ? 5.045   1.917   1.731   1.00 25.43 ? 154 MNH X CHC 1 
HETATM 1214 C  CHD . MNH E 3 .   ? 8.657   5.074   1.603   1.00 21.68 ? 154 MNH X CHD 1 
HETATM 1215 N  NA  . MNH E 3 .   ? 8.891   0.951   -1.330  1.00 24.56 ? 154 MNH X NA  1 
HETATM 1216 C  C1A . MNH E 3 .   ? 10.064  1.202   -1.953  1.00 19.01 ? 154 MNH X C1A 1 
HETATM 1217 C  C2A . MNH E 3 .   ? 10.453  0.198   -2.864  1.00 24.32 ? 154 MNH X C2A 1 
HETATM 1218 C  C3A . MNH E 3 .   ? 9.395   -0.809  -2.847  1.00 22.79 ? 154 MNH X C3A 1 
HETATM 1219 C  C4A . MNH E 3 .   ? 8.482   -0.260  -1.842  1.00 24.31 ? 154 MNH X C4A 1 
HETATM 1220 C  CMA . MNH E 3 .   ? 9.297   -2.087  -3.719  1.00 18.74 ? 154 MNH X CMA 1 
HETATM 1221 C  CAA . MNH E 3 .   ? 11.726  0.101   -3.731  1.00 21.69 ? 154 MNH X CAA 1 
HETATM 1222 C  CBA . MNH E 3 .   ? 12.676  -0.872  -3.084  1.00 23.17 ? 154 MNH X CBA 1 
HETATM 1223 C  CGA . MNH E 3 .   ? 13.125  -0.562  -1.653  1.00 30.17 ? 154 MNH X CGA 1 
HETATM 1224 O  O1A . MNH E 3 .   ? 13.671  0.529   -1.359  1.00 28.34 ? 154 MNH X O1A 1 
HETATM 1225 O  O2A . MNH E 3 .   ? 12.939  -1.467  -0.768  1.00 32.64 ? 154 MNH X O2A 1 
HETATM 1226 N  NB  . MNH E 3 .   ? 6.438   0.657   0.080   1.00 27.10 ? 154 MNH X NB  1 
HETATM 1227 C  C1B . MNH E 3 .   ? 6.268   -0.474  -0.608  1.00 25.55 ? 154 MNH X C1B 1 
HETATM 1228 C  C2B . MNH E 3 .   ? 5.056   -1.075  -0.435  1.00 25.10 ? 154 MNH X C2B 1 
HETATM 1229 C  C3B . MNH E 3 .   ? 4.426   -0.178  0.537   1.00 23.33 ? 154 MNH X C3B 1 
HETATM 1230 C  C4B . MNH E 3 .   ? 5.368   0.927   0.852   1.00 27.69 ? 154 MNH X C4B 1 
HETATM 1231 C  CMB . MNH E 3 .   ? 4.629   -2.367  -1.110  1.00 21.64 ? 154 MNH X CMB 1 
HETATM 1232 C  CAB . MNH E 3 .   ? 3.061   -0.291  1.135   1.00 26.40 ? 154 MNH X CAB 1 
HETATM 1233 C  CBB . MNH E 3 .   ? 2.165   -1.203  0.820   1.00 24.95 ? 154 MNH X CBB 1 
HETATM 1234 N  NC  . MNH E 3 .   ? 7.007   3.226   1.442   1.00 24.05 ? 154 MNH X NC  1 
HETATM 1235 C  C1C . MNH E 3 .   ? 5.800   2.925   1.907   1.00 23.69 ? 154 MNH X C1C 1 
HETATM 1236 C  C2C . MNH E 3 .   ? 5.314   4.051   2.749   1.00 26.26 ? 154 MNH X C2C 1 
HETATM 1237 C  C3C . MNH E 3 .   ? 6.552   4.938   2.845   1.00 25.99 ? 154 MNH X C3C 1 
HETATM 1238 C  C4C . MNH E 3 .   ? 7.495   4.394   1.836   1.00 23.06 ? 154 MNH X C4C 1 
HETATM 1239 C  CMC . MNH E 3 .   ? 3.969   4.109   3.456   1.00 22.10 ? 154 MNH X CMC 1 
HETATM 1240 C  CAC . MNH E 3 .   ? 6.645   6.470   3.067   1.00 25.93 ? 154 MNH X CAC 1 
HETATM 1241 C  CBC . MNH E 3 .   ? 6.073   7.148   4.012   1.00 23.82 ? 154 MNH X CBC 1 
HETATM 1242 N  ND  . MNH E 3 .   ? 9.536   3.319   -0.065  1.00 25.07 ? 154 MNH X ND  1 
HETATM 1243 C  C1D . MNH E 3 .   ? 9.662   4.548   0.597   1.00 20.97 ? 154 MNH X C1D 1 
HETATM 1244 C  C2D . MNH E 3 .   ? 10.834  5.418   0.279   1.00 22.70 ? 154 MNH X C2D 1 
HETATM 1245 C  C3D . MNH E 3 .   ? 11.493  4.657   -0.807  1.00 25.83 ? 154 MNH X C3D 1 
HETATM 1246 C  C4D . MNH E 3 .   ? 10.633  3.437   -0.888  1.00 22.77 ? 154 MNH X C4D 1 
HETATM 1247 C  CMD . MNH E 3 .   ? 11.136  6.816   0.834   1.00 20.31 ? 154 MNH X CMD 1 
HETATM 1248 C  CAD . MNH E 3 .   ? 12.738  5.053   -1.645  1.00 26.68 ? 154 MNH X CAD 1 
HETATM 1249 C  CBD . MNH E 3 .   ? 12.220  6.191   -2.525  1.00 28.88 ? 154 MNH X CBD 1 
HETATM 1250 C  CGD . MNH E 3 .   ? 13.249  6.722   -3.541  1.00 31.98 ? 154 MNH X CGD 1 
HETATM 1251 O  O1D . MNH E 3 .   ? 13.547  6.019   -4.525  1.00 34.01 ? 154 MNH X O1D 1 
HETATM 1252 O  O2D . MNH E 3 .   ? 13.747  7.874   -3.413  1.00 37.98 ? 154 MNH X O2D 1 
HETATM 1253 O  O   . HOH F 4 .   ? 4.986   4.646   -0.582  0.30 8.85  ? 160 HOH X O   1 
HETATM 1254 O  O   . HOH F 4 .   ? -13.701 -20.141 1.834   1.00 43.85 ? 161 HOH X O   1 
HETATM 1255 O  O   . HOH F 4 .   ? -9.814  -13.942 -7.596  1.00 28.77 ? 162 HOH X O   1 
HETATM 1256 O  O   . HOH F 4 .   ? -0.659  14.060  9.860   1.00 39.15 ? 163 HOH X O   1 
HETATM 1257 O  O   . HOH F 4 .   ? 7.941   -3.062  -7.494  1.00 27.20 ? 164 HOH X O   1 
HETATM 1258 O  O   . HOH F 4 .   ? -10.086 4.018   4.526   1.00 28.69 ? 165 HOH X O   1 
HETATM 1259 O  O   . HOH F 4 .   ? 7.136   0.872   13.733  1.00 28.81 ? 166 HOH X O   1 
HETATM 1260 O  O   . HOH F 4 .   ? -4.327  7.664   4.149   1.00 26.77 ? 167 HOH X O   1 
HETATM 1261 O  O   . HOH F 4 .   ? 7.260   -12.141 9.371   1.00 32.79 ? 168 HOH X O   1 
HETATM 1262 O  O   . HOH F 4 .   ? -1.029  11.575  10.666  1.00 29.91 ? 169 HOH X O   1 
HETATM 1263 O  O   . HOH F 4 .   ? -10.312 -7.089  10.185  1.00 36.88 ? 170 HOH X O   1 
HETATM 1264 O  O   . HOH F 4 .   ? -17.880 1.063   -2.238  1.00 31.94 ? 171 HOH X O   1 
HETATM 1265 O  O   . HOH F 4 .   ? 17.286  -13.184 12.168  1.00 28.20 ? 172 HOH X O   1 
HETATM 1266 O  O   . HOH F 4 .   ? -3.561  -16.145 4.996   1.00 33.09 ? 173 HOH X O   1 
HETATM 1267 O  O   . HOH F 4 .   ? 12.837  9.752   -2.241  1.00 44.05 ? 174 HOH X O   1 
HETATM 1268 O  O   . HOH F 4 .   ? 5.532   -8.155  -7.481  1.00 26.34 ? 175 HOH X O   1 
HETATM 1269 O  O   . HOH F 4 .   ? 15.074  1.492   -4.334  1.00 34.42 ? 176 HOH X O   1 
HETATM 1270 O  O   . HOH F 4 .   ? 8.331   11.925  8.733   1.00 31.56 ? 177 HOH X O   1 
HETATM 1271 O  O   . HOH F 4 .   ? -5.692  -2.886  6.722   1.00 24.42 ? 178 HOH X O   1 
HETATM 1272 O  O   . HOH F 4 .   ? 13.023  7.788   3.836   1.00 32.14 ? 179 HOH X O   1 
HETATM 1273 O  O   . HOH F 4 .   ? 7.114   17.503  -9.754  1.00 46.50 ? 180 HOH X O   1 
HETATM 1274 O  O   . HOH F 4 .   ? 15.293  6.586   1.927   1.00 35.42 ? 181 HOH X O   1 
HETATM 1275 O  O   . HOH F 4 .   ? 4.129   5.238   -13.676 1.00 37.50 ? 182 HOH X O   1 
HETATM 1276 O  O   . HOH F 4 .   ? 20.729  1.153   8.359   1.00 38.48 ? 183 HOH X O   1 
HETATM 1277 O  O   . HOH F 4 .   ? -7.045  -2.127  9.628   1.00 36.19 ? 184 HOH X O   1 
HETATM 1278 O  O   . HOH F 4 .   ? 4.881   -13.030 10.834  1.00 30.50 ? 185 HOH X O   1 
HETATM 1279 O  O   . HOH F 4 .   ? 3.276   -9.497  14.597  1.00 35.71 ? 186 HOH X O   1 
HETATM 1280 O  O   . HOH F 4 .   ? 6.650   -13.280 6.468   1.00 35.90 ? 187 HOH X O   1 
HETATM 1281 O  O   . HOH F 4 .   ? -0.049  -12.151 0.867   1.00 24.71 ? 188 HOH X O   1 
HETATM 1282 O  O   . HOH F 4 .   ? 7.898   -8.679  23.443  1.00 32.73 ? 189 HOH X O   1 
HETATM 1283 O  O   . HOH F 4 .   ? 15.013  1.551   18.422  1.00 28.66 ? 190 HOH X O   1 
HETATM 1284 O  O   . HOH F 4 .   ? 17.589  -12.439 3.675   1.00 56.18 ? 191 HOH X O   1 
HETATM 1285 O  O   . HOH F 4 .   ? -11.083 11.282  -2.995  1.00 35.74 ? 192 HOH X O   1 
HETATM 1286 O  O   . HOH F 4 .   ? 1.659   12.392  -10.009 1.00 33.72 ? 194 HOH X O   1 
HETATM 1287 O  O   . HOH F 4 .   ? 7.445   2.517   -11.625 1.00 56.47 ? 195 HOH X O   1 
HETATM 1288 O  O   . HOH F 4 .   ? 19.597  1.853   11.335  1.00 43.60 ? 196 HOH X O   1 
HETATM 1289 O  O   . HOH F 4 .   ? 13.961  11.649  4.769   1.00 45.71 ? 197 HOH X O   1 
HETATM 1290 O  O   . HOH F 4 .   ? -4.785  5.793   8.359   1.00 33.12 ? 198 HOH X O   1 
HETATM 1291 O  O   . HOH F 4 .   ? -4.667  3.034   15.135  1.00 38.17 ? 199 HOH X O   1 
HETATM 1292 O  O   . HOH F 4 .   ? -0.623  -10.187 2.887   1.00 27.13 ? 200 HOH X O   1 
HETATM 1293 O  O   . HOH F 4 .   ? -21.270 -4.091  -7.900  1.00 35.99 ? 201 HOH X O   1 
HETATM 1294 O  O   . HOH F 4 .   ? 4.389   -3.303  -13.443 1.00 45.93 ? 202 HOH X O   1 
HETATM 1295 O  O   . HOH F 4 .   ? -7.302  -0.797  6.537   1.00 38.53 ? 203 HOH X O   1 
HETATM 1296 O  O   . HOH F 4 .   ? 4.899   18.354  -10.114 1.00 41.85 ? 204 HOH X O   1 
HETATM 1297 O  O   . HOH F 4 .   ? 4.439   8.270   -17.469 1.00 44.84 ? 205 HOH X O   1 
HETATM 1298 O  O   . HOH F 4 .   ? -20.918 -8.363  0.138   1.00 33.40 ? 206 HOH X O   1 
HETATM 1299 O  O   . HOH F 4 .   ? 15.710  15.224  -3.017  1.00 41.28 ? 207 HOH X O   1 
HETATM 1300 O  O   . HOH F 4 .   ? 9.322   13.043  -14.692 1.00 40.95 ? 208 HOH X O   1 
HETATM 1301 O  O   . HOH F 4 .   ? 2.213   -7.559  -9.399  1.00 32.61 ? 209 HOH X O   1 
HETATM 1302 O  O   . HOH F 4 .   ? 3.322   -12.872 -6.987  1.00 48.06 ? 210 HOH X O   1 
HETATM 1303 O  O   . HOH F 4 .   ? -5.269  -10.539 8.856   1.00 30.85 ? 211 HOH X O   1 
HETATM 1304 O  O   . HOH F 4 .   ? 13.952  9.371   0.620   1.00 52.41 ? 212 HOH X O   1 
HETATM 1305 O  O   . HOH F 4 .   ? -11.105 8.428   -7.486  1.00 43.07 ? 213 HOH X O   1 
HETATM 1306 O  O   . HOH F 4 .   ? 15.956  -9.734  9.713   1.00 53.60 ? 214 HOH X O   1 
HETATM 1307 O  O   . HOH F 4 .   ? -16.974 -6.714  -9.425  1.00 46.57 ? 215 HOH X O   1 
HETATM 1308 O  O   . HOH F 4 .   ? 3.601   -23.617 0.807   1.00 55.58 ? 216 HOH X O   1 
HETATM 1309 O  O   . HOH F 4 .   ? 2.111   22.120  1.881   1.00 40.11 ? 217 HOH X O   1 
HETATM 1310 O  O   . HOH F 4 .   ? -7.142  10.403  8.368   1.00 44.23 ? 218 HOH X O   1 
HETATM 1311 O  O   . HOH F 4 .   ? -9.187  8.477   -4.681  1.00 50.73 ? 219 HOH X O   1 
HETATM 1312 O  O   . HOH F 4 .   ? 8.999   -12.819 11.265  1.00 47.10 ? 220 HOH X O   1 
HETATM 1313 O  O   . HOH F 4 .   ? -10.610 6.904   -10.416 1.00 58.72 ? 222 HOH X O   1 
HETATM 1314 O  O   . HOH F 4 .   ? 15.714  15.345  -5.418  1.00 55.54 ? 224 HOH X O   1 
HETATM 1315 O  O   . HOH F 4 .   ? 2.828   16.196  -16.067 1.00 45.52 ? 225 HOH X O   1 
HETATM 1316 O  O   . HOH F 4 .   ? 11.055  19.554  4.240   1.00 35.79 ? 227 HOH X O   1 
HETATM 1317 O  O   . HOH F 4 .   ? 13.921  18.181  1.054   1.00 58.25 ? 228 HOH X O   1 
HETATM 1318 O  O   . HOH F 4 .   ? 11.312  19.225  -7.533  1.00 66.58 ? 229 HOH X O   1 
HETATM 1319 O  O   . HOH F 4 .   ? 9.223   -19.394 1.839   1.00 40.00 ? 230 HOH X O   1 
HETATM 1320 O  O   . HOH F 4 .   ? -15.349 -8.463  -10.041 1.00 52.30 ? 231 HOH X O   1 
HETATM 1321 O  O   . HOH F 4 .   ? 2.274   13.796  -15.044 1.00 50.30 ? 232 HOH X O   1 
HETATM 1322 O  O   . HOH F 4 .   ? -18.573 -5.036  -11.478 1.00 53.70 ? 234 HOH X O   1 
HETATM 1323 O  O   . HOH F 4 .   ? 18.597  -14.660 3.771   1.00 67.27 ? 235 HOH X O   1 
HETATM 1324 O  O   . HOH F 4 .   ? 3.358   -15.402 -7.369  1.00 49.67 ? 236 HOH X O   1 
HETATM 1325 O  O   . HOH F 4 .   ? 9.816   17.348  -14.866 1.00 59.89 ? 237 HOH X O   1 
HETATM 1326 O  O   . HOH F 4 .   ? -10.688 -0.717  6.640   1.00 51.82 ? 238 HOH X O   1 
HETATM 1327 O  O   . HOH F 4 .   ? 8.113   14.240  -17.036 1.00 41.74 ? 239 HOH X O   1 
HETATM 1328 O  O   . HOH F 4 .   ? 0.207   -6.188  -9.635  1.00 49.26 ? 240 HOH X O   1 
HETATM 1329 O  O   . HOH F 4 .   ? -16.795 -3.842  -13.161 1.00 55.18 ? 241 HOH X O   1 
HETATM 1330 O  O   . HOH F 4 .   ? 4.138   -17.680 -8.327  1.00 49.81 ? 242 HOH X O   1 
HETATM 1331 O  O   . HOH F 4 .   ? -16.522 -11.005 -8.114  1.00 52.59 ? 243 HOH X O   1 
HETATM 1332 O  O   . HOH F 4 .   ? 10.256  -19.795 -0.505  1.00 50.65 ? 244 HOH X O   1 
HETATM 1333 O  O   . HOH F 4 .   ? 12.108  -18.115 -1.948  1.00 45.70 ? 245 HOH X O   1 
# 
